data_6VJ9
# 
_entry.id   6VJ9 
# 
_audit_conform.dict_name       mmcif_pdbx.dic 
_audit_conform.dict_version    5.397 
_audit_conform.dict_location   http://mmcif.pdb.org/dictionaries/ascii/mmcif_pdbx.dic 
# 
loop_
_database_2.database_id 
_database_2.database_code 
_database_2.pdbx_database_accession 
_database_2.pdbx_DOI 
PDB   6VJ9         pdb_00006vj9 10.2210/pdb6vj9/pdb 
WWPDB D_1000246495 ?            ?                   
# 
loop_
_pdbx_audit_revision_history.ordinal 
_pdbx_audit_revision_history.data_content_type 
_pdbx_audit_revision_history.major_revision 
_pdbx_audit_revision_history.minor_revision 
_pdbx_audit_revision_history.revision_date 
1 'Structure model' 1 0 2020-09-16 
2 'Structure model' 1 1 2020-12-02 
3 'Structure model' 1 2 2023-10-11 
4 'Structure model' 1 3 2023-11-15 
5 'Structure model' 1 4 2024-10-23 
# 
_pdbx_audit_revision_details.ordinal             1 
_pdbx_audit_revision_details.revision_ordinal    1 
_pdbx_audit_revision_details.data_content_type   'Structure model' 
_pdbx_audit_revision_details.provider            repository 
_pdbx_audit_revision_details.type                'Initial release' 
_pdbx_audit_revision_details.description         ? 
_pdbx_audit_revision_details.details             ? 
# 
loop_
_pdbx_audit_revision_group.ordinal 
_pdbx_audit_revision_group.revision_ordinal 
_pdbx_audit_revision_group.data_content_type 
_pdbx_audit_revision_group.group 
1 2 'Structure model' 'Database references'    
2 3 'Structure model' 'Data collection'        
3 3 'Structure model' 'Database references'    
4 3 'Structure model' 'Refinement description' 
5 4 'Structure model' 'Data collection'        
6 5 'Structure model' 'Structure summary'      
# 
loop_
_pdbx_audit_revision_category.ordinal 
_pdbx_audit_revision_category.revision_ordinal 
_pdbx_audit_revision_category.data_content_type 
_pdbx_audit_revision_category.category 
1 2 'Structure model' citation                      
2 3 'Structure model' chem_comp_atom                
3 3 'Structure model' chem_comp_bond                
4 3 'Structure model' database_2                    
5 3 'Structure model' pdbx_initial_refinement_model 
6 4 'Structure model' chem_comp_atom                
7 4 'Structure model' chem_comp_bond                
8 5 'Structure model' pdbx_entry_details            
9 5 'Structure model' pdbx_modification_feature     
# 
loop_
_pdbx_audit_revision_item.ordinal 
_pdbx_audit_revision_item.revision_ordinal 
_pdbx_audit_revision_item.data_content_type 
_pdbx_audit_revision_item.item 
1 2 'Structure model' '_citation.journal_volume'                     
2 2 'Structure model' '_citation.page_first'                         
3 2 'Structure model' '_citation.page_last'                          
4 3 'Structure model' '_database_2.pdbx_DOI'                         
5 3 'Structure model' '_database_2.pdbx_database_accession'          
6 4 'Structure model' '_chem_comp_atom.atom_id'                      
7 4 'Structure model' '_chem_comp_bond.atom_id_2'                    
8 5 'Structure model' '_pdbx_entry_details.has_protein_modification' 
# 
_pdbx_database_status.status_code                     REL 
_pdbx_database_status.status_code_sf                  REL 
_pdbx_database_status.status_code_mr                  ? 
_pdbx_database_status.entry_id                        6VJ9 
_pdbx_database_status.recvd_initial_deposition_date   2020-01-15 
_pdbx_database_status.SG_entry                        N 
_pdbx_database_status.deposit_site                    RCSB 
_pdbx_database_status.process_site                    RCSB 
_pdbx_database_status.status_code_cs                  ? 
_pdbx_database_status.status_code_nmr_data            ? 
_pdbx_database_status.methods_development_category    ? 
_pdbx_database_status.pdb_format_compatible           Y 
# 
loop_
_audit_author.name 
_audit_author.pdbx_ordinal 
_audit_author.identifier_ORCID 
'Urban, S.' 1 0000-0002-1118-1973 
'Cho, S.'   2 0000-0002-4875-2565 
# 
_citation.abstract                  ? 
_citation.abstract_id_CAS           ? 
_citation.book_id_ISBN              ? 
_citation.book_publisher            ? 
_citation.book_publisher_city       ? 
_citation.book_title                ? 
_citation.coordinate_linkage        ? 
_citation.country                   US 
_citation.database_id_Medline       ? 
_citation.details                   ? 
_citation.id                        primary 
_citation.journal_abbrev            'Cell Chem Biol' 
_citation.journal_id_ASTM           ? 
_citation.journal_id_CSD            ? 
_citation.journal_id_ISSN           2451-9456 
_citation.journal_full              ? 
_citation.journal_issue             ? 
_citation.journal_volume            27 
_citation.language                  ? 
_citation.page_first                1410 
_citation.page_last                 1424.e6 
_citation.title                     'Designed Parasite-Selective Rhomboid Inhibitors Block Invasion and Clear Blood-Stage Malaria.' 
_citation.year                      2020 
_citation.database_id_CSD           ? 
_citation.pdbx_database_id_DOI      10.1016/j.chembiol.2020.08.011 
_citation.pdbx_database_id_PubMed   32888502 
_citation.unpublished_flag          ? 
# 
loop_
_citation_author.citation_id 
_citation_author.name 
_citation_author.ordinal 
_citation_author.identifier_ORCID 
primary 'Gandhi, S.'     1 ? 
primary 'Baker, R.P.'    2 ? 
primary 'Cho, S.'        3 ? 
primary 'Stanchev, S.'   4 ? 
primary 'Strisovsky, K.' 5 ? 
primary 'Urban, S.'      6 ? 
# 
loop_
_entity.id 
_entity.type 
_entity.src_method 
_entity.pdbx_description 
_entity.formula_weight 
_entity.pdbx_number_of_molecules 
_entity.pdbx_ec 
_entity.pdbx_mutation 
_entity.pdbx_fragment 
_entity.details 
1 polymer man 'Rhomboid family intramembrane serine protease GlpG' 21927.043 1  ? ? 'UNP residue 61-250' ? 
2 polymer syn ACE-VAL-ARG-MET-B2A                                  502.459   1  ? ? ?                    ? 
3 water   nat water                                                18.015    19 ? ? ?                    ? 
# 
loop_
_entity_poly.entity_id 
_entity_poly.type 
_entity_poly.nstd_linkage 
_entity_poly.nstd_monomer 
_entity_poly.pdbx_seq_one_letter_code 
_entity_poly.pdbx_seq_one_letter_code_can 
_entity_poly.pdbx_strand_id 
_entity_poly.pdbx_target_identifier 
1 'polypeptide(L)' no no  
;GSHMAALRERAGPVTWVMMIACVVVFIAMQILGDQEVMLWLAWPFDPTLKFEFWRYFTHALMHFSLMHILFNLLWWWYLG
GAVEKRLGSGKLIVITLISALLSGYVQQKFSGPWFGGLSGVVYALMGYVWLRGERDPQSGIYLQRGLIIFALIWIVAGWF
DLFGMSMANGAHIAGLAVGLAMAFVDSLNARKRK
;
;GSHMAALRERAGPVTWVMMIACVVVFIAMQILGDQEVMLWLAWPFDPTLKFEFWRYFTHALMHFSLMHILFNLLWWWYLG
GAVEKRLGSGKLIVITLISALLSGYVQQKFSGPWFGGLSGVVYALMGYVWLRGERDPQSGIYLQRGLIIFALIWIVAGWF
DLFGMSMANGAHIAGLAVGLAMAFVDSLNARKRK
;
A ? 
2 'polypeptide(L)' no yes '(ACE)VRM(B2A)' XVRMA B ? 
# 
_pdbx_entity_nonpoly.entity_id   3 
_pdbx_entity_nonpoly.name        water 
_pdbx_entity_nonpoly.comp_id     HOH 
# 
loop_
_entity_poly_seq.entity_id 
_entity_poly_seq.num 
_entity_poly_seq.mon_id 
_entity_poly_seq.hetero 
1 1   GLY n 
1 2   SER n 
1 3   HIS n 
1 4   MET n 
1 5   ALA n 
1 6   ALA n 
1 7   LEU n 
1 8   ARG n 
1 9   GLU n 
1 10  ARG n 
1 11  ALA n 
1 12  GLY n 
1 13  PRO n 
1 14  VAL n 
1 15  THR n 
1 16  TRP n 
1 17  VAL n 
1 18  MET n 
1 19  MET n 
1 20  ILE n 
1 21  ALA n 
1 22  CYS n 
1 23  VAL n 
1 24  VAL n 
1 25  VAL n 
1 26  PHE n 
1 27  ILE n 
1 28  ALA n 
1 29  MET n 
1 30  GLN n 
1 31  ILE n 
1 32  LEU n 
1 33  GLY n 
1 34  ASP n 
1 35  GLN n 
1 36  GLU n 
1 37  VAL n 
1 38  MET n 
1 39  LEU n 
1 40  TRP n 
1 41  LEU n 
1 42  ALA n 
1 43  TRP n 
1 44  PRO n 
1 45  PHE n 
1 46  ASP n 
1 47  PRO n 
1 48  THR n 
1 49  LEU n 
1 50  LYS n 
1 51  PHE n 
1 52  GLU n 
1 53  PHE n 
1 54  TRP n 
1 55  ARG n 
1 56  TYR n 
1 57  PHE n 
1 58  THR n 
1 59  HIS n 
1 60  ALA n 
1 61  LEU n 
1 62  MET n 
1 63  HIS n 
1 64  PHE n 
1 65  SER n 
1 66  LEU n 
1 67  MET n 
1 68  HIS n 
1 69  ILE n 
1 70  LEU n 
1 71  PHE n 
1 72  ASN n 
1 73  LEU n 
1 74  LEU n 
1 75  TRP n 
1 76  TRP n 
1 77  TRP n 
1 78  TYR n 
1 79  LEU n 
1 80  GLY n 
1 81  GLY n 
1 82  ALA n 
1 83  VAL n 
1 84  GLU n 
1 85  LYS n 
1 86  ARG n 
1 87  LEU n 
1 88  GLY n 
1 89  SER n 
1 90  GLY n 
1 91  LYS n 
1 92  LEU n 
1 93  ILE n 
1 94  VAL n 
1 95  ILE n 
1 96  THR n 
1 97  LEU n 
1 98  ILE n 
1 99  SER n 
1 100 ALA n 
1 101 LEU n 
1 102 LEU n 
1 103 SER n 
1 104 GLY n 
1 105 TYR n 
1 106 VAL n 
1 107 GLN n 
1 108 GLN n 
1 109 LYS n 
1 110 PHE n 
1 111 SER n 
1 112 GLY n 
1 113 PRO n 
1 114 TRP n 
1 115 PHE n 
1 116 GLY n 
1 117 GLY n 
1 118 LEU n 
1 119 SER n 
1 120 GLY n 
1 121 VAL n 
1 122 VAL n 
1 123 TYR n 
1 124 ALA n 
1 125 LEU n 
1 126 MET n 
1 127 GLY n 
1 128 TYR n 
1 129 VAL n 
1 130 TRP n 
1 131 LEU n 
1 132 ARG n 
1 133 GLY n 
1 134 GLU n 
1 135 ARG n 
1 136 ASP n 
1 137 PRO n 
1 138 GLN n 
1 139 SER n 
1 140 GLY n 
1 141 ILE n 
1 142 TYR n 
1 143 LEU n 
1 144 GLN n 
1 145 ARG n 
1 146 GLY n 
1 147 LEU n 
1 148 ILE n 
1 149 ILE n 
1 150 PHE n 
1 151 ALA n 
1 152 LEU n 
1 153 ILE n 
1 154 TRP n 
1 155 ILE n 
1 156 VAL n 
1 157 ALA n 
1 158 GLY n 
1 159 TRP n 
1 160 PHE n 
1 161 ASP n 
1 162 LEU n 
1 163 PHE n 
1 164 GLY n 
1 165 MET n 
1 166 SER n 
1 167 MET n 
1 168 ALA n 
1 169 ASN n 
1 170 GLY n 
1 171 ALA n 
1 172 HIS n 
1 173 ILE n 
1 174 ALA n 
1 175 GLY n 
1 176 LEU n 
1 177 ALA n 
1 178 VAL n 
1 179 GLY n 
1 180 LEU n 
1 181 ALA n 
1 182 MET n 
1 183 ALA n 
1 184 PHE n 
1 185 VAL n 
1 186 ASP n 
1 187 SER n 
1 188 LEU n 
1 189 ASN n 
1 190 ALA n 
1 191 ARG n 
1 192 LYS n 
1 193 ARG n 
1 194 LYS n 
2 1   ACE n 
2 2   VAL n 
2 3   ARG n 
2 4   MET n 
2 5   B2A n 
# 
_entity_src_gen.entity_id                          1 
_entity_src_gen.pdbx_src_id                        1 
_entity_src_gen.pdbx_alt_source_flag               sample 
_entity_src_gen.pdbx_seq_type                      'Biological sequence' 
_entity_src_gen.pdbx_beg_seq_num                   1 
_entity_src_gen.pdbx_end_seq_num                   194 
_entity_src_gen.gene_src_common_name               ? 
_entity_src_gen.gene_src_genus                     ? 
_entity_src_gen.pdbx_gene_src_gene                 'glpG, EVY14_07190' 
_entity_src_gen.gene_src_species                   ? 
_entity_src_gen.gene_src_strain                    ? 
_entity_src_gen.gene_src_tissue                    ? 
_entity_src_gen.gene_src_tissue_fraction           ? 
_entity_src_gen.gene_src_details                   ? 
_entity_src_gen.pdbx_gene_src_fragment             ? 
_entity_src_gen.pdbx_gene_src_scientific_name      'Escherichia coli' 
_entity_src_gen.pdbx_gene_src_ncbi_taxonomy_id     562 
_entity_src_gen.pdbx_gene_src_variant              ? 
_entity_src_gen.pdbx_gene_src_cell_line            ? 
_entity_src_gen.pdbx_gene_src_atcc                 ? 
_entity_src_gen.pdbx_gene_src_organ                ? 
_entity_src_gen.pdbx_gene_src_organelle            ? 
_entity_src_gen.pdbx_gene_src_cell                 ? 
_entity_src_gen.pdbx_gene_src_cellular_location    ? 
_entity_src_gen.host_org_common_name               ? 
_entity_src_gen.pdbx_host_org_scientific_name      'Escherichia coli BL21(DE3)' 
_entity_src_gen.pdbx_host_org_ncbi_taxonomy_id     469008 
_entity_src_gen.host_org_genus                     ? 
_entity_src_gen.pdbx_host_org_gene                 ? 
_entity_src_gen.pdbx_host_org_organ                ? 
_entity_src_gen.host_org_species                   ? 
_entity_src_gen.pdbx_host_org_tissue               ? 
_entity_src_gen.pdbx_host_org_tissue_fraction      ? 
_entity_src_gen.pdbx_host_org_strain               'C43(DE3)' 
_entity_src_gen.pdbx_host_org_variant              ? 
_entity_src_gen.pdbx_host_org_cell_line            ? 
_entity_src_gen.pdbx_host_org_atcc                 ? 
_entity_src_gen.pdbx_host_org_culture_collection   ? 
_entity_src_gen.pdbx_host_org_cell                 ? 
_entity_src_gen.pdbx_host_org_organelle            ? 
_entity_src_gen.pdbx_host_org_cellular_location    ? 
_entity_src_gen.pdbx_host_org_vector_type          ? 
_entity_src_gen.pdbx_host_org_vector               ? 
_entity_src_gen.host_org_details                   ? 
_entity_src_gen.expression_system_id               ? 
_entity_src_gen.plasmid_name                       ? 
_entity_src_gen.plasmid_details                    ? 
_entity_src_gen.pdbx_description                   ? 
# 
_pdbx_entity_src_syn.entity_id              2 
_pdbx_entity_src_syn.pdbx_src_id            1 
_pdbx_entity_src_syn.pdbx_alt_source_flag   sample 
_pdbx_entity_src_syn.pdbx_beg_seq_num       1 
_pdbx_entity_src_syn.pdbx_end_seq_num       5 
_pdbx_entity_src_syn.organism_scientific    'Drosophila melanogaster' 
_pdbx_entity_src_syn.organism_common_name   'fruit fly' 
_pdbx_entity_src_syn.ncbi_taxonomy_id       7227 
_pdbx_entity_src_syn.details                ? 
# 
loop_
_chem_comp.id 
_chem_comp.type 
_chem_comp.mon_nstd_flag 
_chem_comp.name 
_chem_comp.pdbx_synonyms 
_chem_comp.formula 
_chem_comp.formula_weight 
ACE non-polymer         . 'ACETYL GROUP'         ? 'C2 H4 O'        44.053  
ALA 'L-peptide linking' y ALANINE                ? 'C3 H7 N O2'     89.093  
ARG 'L-peptide linking' y ARGININE               ? 'C6 H15 N4 O2 1' 175.209 
ASN 'L-peptide linking' y ASPARAGINE             ? 'C4 H8 N2 O3'    132.118 
ASP 'L-peptide linking' y 'ASPARTIC ACID'        ? 'C4 H7 N O4'     133.103 
B2A peptide-like        n 'ALANINE BORONIC ACID' ? 'C2 H8 B N O2'   88.901  
CYS 'L-peptide linking' y CYSTEINE               ? 'C3 H7 N O2 S'   121.158 
GLN 'L-peptide linking' y GLUTAMINE              ? 'C5 H10 N2 O3'   146.144 
GLU 'L-peptide linking' y 'GLUTAMIC ACID'        ? 'C5 H9 N O4'     147.129 
GLY 'peptide linking'   y GLYCINE                ? 'C2 H5 N O2'     75.067  
HIS 'L-peptide linking' y HISTIDINE              ? 'C6 H10 N3 O2 1' 156.162 
HOH non-polymer         . WATER                  ? 'H2 O'           18.015  
ILE 'L-peptide linking' y ISOLEUCINE             ? 'C6 H13 N O2'    131.173 
LEU 'L-peptide linking' y LEUCINE                ? 'C6 H13 N O2'    131.173 
LYS 'L-peptide linking' y LYSINE                 ? 'C6 H15 N2 O2 1' 147.195 
MET 'L-peptide linking' y METHIONINE             ? 'C5 H11 N O2 S'  149.211 
PHE 'L-peptide linking' y PHENYLALANINE          ? 'C9 H11 N O2'    165.189 
PRO 'L-peptide linking' y PROLINE                ? 'C5 H9 N O2'     115.130 
SER 'L-peptide linking' y SERINE                 ? 'C3 H7 N O3'     105.093 
THR 'L-peptide linking' y THREONINE              ? 'C4 H9 N O3'     119.119 
TRP 'L-peptide linking' y TRYPTOPHAN             ? 'C11 H12 N2 O2'  204.225 
TYR 'L-peptide linking' y TYROSINE               ? 'C9 H11 N O3'    181.189 
VAL 'L-peptide linking' y VALINE                 ? 'C5 H11 N O2'    117.146 
# 
loop_
_pdbx_poly_seq_scheme.asym_id 
_pdbx_poly_seq_scheme.entity_id 
_pdbx_poly_seq_scheme.seq_id 
_pdbx_poly_seq_scheme.mon_id 
_pdbx_poly_seq_scheme.ndb_seq_num 
_pdbx_poly_seq_scheme.pdb_seq_num 
_pdbx_poly_seq_scheme.auth_seq_num 
_pdbx_poly_seq_scheme.pdb_mon_id 
_pdbx_poly_seq_scheme.auth_mon_id 
_pdbx_poly_seq_scheme.pdb_strand_id 
_pdbx_poly_seq_scheme.pdb_ins_code 
_pdbx_poly_seq_scheme.hetero 
A 1 1   GLY 1   83  ?   ?   ?   A . n 
A 1 2   SER 2   84  ?   ?   ?   A . n 
A 1 3   HIS 3   85  ?   ?   ?   A . n 
A 1 4   MET 4   86  ?   ?   ?   A . n 
A 1 5   ALA 5   87  ?   ?   ?   A . n 
A 1 6   ALA 6   88  ?   ?   ?   A . n 
A 1 7   LEU 7   89  ?   ?   ?   A . n 
A 1 8   ARG 8   90  ?   ?   ?   A . n 
A 1 9   GLU 9   91  ?   ?   ?   A . n 
A 1 10  ARG 10  92  ?   ?   ?   A . n 
A 1 11  ALA 11  93  93  ALA ALA A . n 
A 1 12  GLY 12  94  94  GLY GLY A . n 
A 1 13  PRO 13  95  95  PRO PRO A . n 
A 1 14  VAL 14  96  96  VAL VAL A . n 
A 1 15  THR 15  97  97  THR THR A . n 
A 1 16  TRP 16  98  98  TRP TRP A . n 
A 1 17  VAL 17  99  99  VAL VAL A . n 
A 1 18  MET 18  100 100 MET MET A . n 
A 1 19  MET 19  101 101 MET MET A . n 
A 1 20  ILE 20  102 102 ILE ILE A . n 
A 1 21  ALA 21  103 103 ALA ALA A . n 
A 1 22  CYS 22  104 104 CYS CYS A . n 
A 1 23  VAL 23  105 105 VAL VAL A . n 
A 1 24  VAL 24  106 106 VAL VAL A . n 
A 1 25  VAL 25  107 107 VAL VAL A . n 
A 1 26  PHE 26  108 108 PHE PHE A . n 
A 1 27  ILE 27  109 109 ILE ILE A . n 
A 1 28  ALA 28  110 110 ALA ALA A . n 
A 1 29  MET 29  111 111 MET MET A . n 
A 1 30  GLN 30  112 112 GLN GLN A . n 
A 1 31  ILE 31  113 113 ILE ILE A . n 
A 1 32  LEU 32  114 114 LEU LEU A . n 
A 1 33  GLY 33  115 115 GLY GLY A . n 
A 1 34  ASP 34  116 116 ASP ASP A . n 
A 1 35  GLN 35  117 117 GLN GLN A . n 
A 1 36  GLU 36  118 118 GLU GLU A . n 
A 1 37  VAL 37  119 119 VAL VAL A . n 
A 1 38  MET 38  120 120 MET MET A . n 
A 1 39  LEU 39  121 121 LEU LEU A . n 
A 1 40  TRP 40  122 122 TRP TRP A . n 
A 1 41  LEU 41  123 123 LEU LEU A . n 
A 1 42  ALA 42  124 124 ALA ALA A . n 
A 1 43  TRP 43  125 125 TRP TRP A . n 
A 1 44  PRO 44  126 126 PRO PRO A . n 
A 1 45  PHE 45  127 127 PHE PHE A . n 
A 1 46  ASP 46  128 128 ASP ASP A . n 
A 1 47  PRO 47  129 129 PRO PRO A . n 
A 1 48  THR 48  130 130 THR THR A . n 
A 1 49  LEU 49  131 131 LEU LEU A . n 
A 1 50  LYS 50  132 132 LYS LYS A . n 
A 1 51  PHE 51  133 133 PHE PHE A . n 
A 1 52  GLU 52  134 134 GLU GLU A . n 
A 1 53  PHE 53  135 135 PHE PHE A . n 
A 1 54  TRP 54  136 136 TRP TRP A . n 
A 1 55  ARG 55  137 137 ARG ARG A . n 
A 1 56  TYR 56  138 138 TYR TYR A . n 
A 1 57  PHE 57  139 139 PHE PHE A . n 
A 1 58  THR 58  140 140 THR THR A . n 
A 1 59  HIS 59  141 141 HIS HIS A . n 
A 1 60  ALA 60  142 142 ALA ALA A . n 
A 1 61  LEU 61  143 143 LEU LEU A . n 
A 1 62  MET 62  144 144 MET MET A . n 
A 1 63  HIS 63  145 145 HIS HIS A . n 
A 1 64  PHE 64  146 146 PHE PHE A . n 
A 1 65  SER 65  147 147 SER SER A . n 
A 1 66  LEU 66  148 148 LEU LEU A . n 
A 1 67  MET 67  149 149 MET MET A . n 
A 1 68  HIS 68  150 150 HIS HIS A . n 
A 1 69  ILE 69  151 151 ILE ILE A . n 
A 1 70  LEU 70  152 152 LEU LEU A . n 
A 1 71  PHE 71  153 153 PHE PHE A . n 
A 1 72  ASN 72  154 154 ASN ASN A . n 
A 1 73  LEU 73  155 155 LEU LEU A . n 
A 1 74  LEU 74  156 156 LEU LEU A . n 
A 1 75  TRP 75  157 157 TRP TRP A . n 
A 1 76  TRP 76  158 158 TRP TRP A . n 
A 1 77  TRP 77  159 159 TRP TRP A . n 
A 1 78  TYR 78  160 160 TYR TYR A . n 
A 1 79  LEU 79  161 161 LEU LEU A . n 
A 1 80  GLY 80  162 162 GLY GLY A . n 
A 1 81  GLY 81  163 163 GLY GLY A . n 
A 1 82  ALA 82  164 164 ALA ALA A . n 
A 1 83  VAL 83  165 165 VAL VAL A . n 
A 1 84  GLU 84  166 166 GLU GLU A . n 
A 1 85  LYS 85  167 167 LYS LYS A . n 
A 1 86  ARG 86  168 168 ARG ARG A . n 
A 1 87  LEU 87  169 169 LEU LEU A . n 
A 1 88  GLY 88  170 170 GLY GLY A . n 
A 1 89  SER 89  171 171 SER SER A . n 
A 1 90  GLY 90  172 172 GLY GLY A . n 
A 1 91  LYS 91  173 173 LYS LYS A . n 
A 1 92  LEU 92  174 174 LEU LEU A . n 
A 1 93  ILE 93  175 175 ILE ILE A . n 
A 1 94  VAL 94  176 176 VAL VAL A . n 
A 1 95  ILE 95  177 177 ILE ILE A . n 
A 1 96  THR 96  178 178 THR THR A . n 
A 1 97  LEU 97  179 179 LEU LEU A . n 
A 1 98  ILE 98  180 180 ILE ILE A . n 
A 1 99  SER 99  181 181 SER SER A . n 
A 1 100 ALA 100 182 182 ALA ALA A . n 
A 1 101 LEU 101 183 183 LEU LEU A . n 
A 1 102 LEU 102 184 184 LEU LEU A . n 
A 1 103 SER 103 185 185 SER SER A . n 
A 1 104 GLY 104 186 186 GLY GLY A . n 
A 1 105 TYR 105 187 187 TYR TYR A . n 
A 1 106 VAL 106 188 188 VAL VAL A . n 
A 1 107 GLN 107 189 189 GLN GLN A . n 
A 1 108 GLN 108 190 190 GLN GLN A . n 
A 1 109 LYS 109 191 191 LYS LYS A . n 
A 1 110 PHE 110 192 192 PHE PHE A . n 
A 1 111 SER 111 193 193 SER SER A . n 
A 1 112 GLY 112 194 194 GLY GLY A . n 
A 1 113 PRO 113 195 195 PRO PRO A . n 
A 1 114 TRP 114 196 196 TRP TRP A . n 
A 1 115 PHE 115 197 197 PHE PHE A . n 
A 1 116 GLY 116 198 198 GLY GLY A . n 
A 1 117 GLY 117 199 199 GLY GLY A . n 
A 1 118 LEU 118 200 200 LEU LEU A . n 
A 1 119 SER 119 201 201 SER SER A . n 
A 1 120 GLY 120 202 202 GLY GLY A . n 
A 1 121 VAL 121 203 203 VAL VAL A . n 
A 1 122 VAL 122 204 204 VAL VAL A . n 
A 1 123 TYR 123 205 205 TYR TYR A . n 
A 1 124 ALA 124 206 206 ALA ALA A . n 
A 1 125 LEU 125 207 207 LEU LEU A . n 
A 1 126 MET 126 208 208 MET MET A . n 
A 1 127 GLY 127 209 209 GLY GLY A . n 
A 1 128 TYR 128 210 210 TYR TYR A . n 
A 1 129 VAL 129 211 211 VAL VAL A . n 
A 1 130 TRP 130 212 212 TRP TRP A . n 
A 1 131 LEU 131 213 213 LEU LEU A . n 
A 1 132 ARG 132 214 214 ARG ARG A . n 
A 1 133 GLY 133 215 215 GLY GLY A . n 
A 1 134 GLU 134 216 216 GLU GLU A . n 
A 1 135 ARG 135 217 217 ARG ARG A . n 
A 1 136 ASP 136 218 218 ASP ASP A . n 
A 1 137 PRO 137 219 219 PRO PRO A . n 
A 1 138 GLN 138 220 220 GLN GLN A . n 
A 1 139 SER 139 221 221 SER SER A . n 
A 1 140 GLY 140 222 222 GLY GLY A . n 
A 1 141 ILE 141 223 223 ILE ILE A . n 
A 1 142 TYR 142 224 224 TYR TYR A . n 
A 1 143 LEU 143 225 225 LEU LEU A . n 
A 1 144 GLN 144 226 226 GLN GLN A . n 
A 1 145 ARG 145 227 227 ARG ARG A . n 
A 1 146 GLY 146 228 228 GLY GLY A . n 
A 1 147 LEU 147 229 229 LEU LEU A . n 
A 1 148 ILE 148 230 230 ILE ALA A . n 
A 1 149 ILE 149 231 231 ILE ILE A . n 
A 1 150 PHE 150 232 232 PHE PHE A . n 
A 1 151 ALA 151 233 233 ALA ALA A . n 
A 1 152 LEU 152 234 234 LEU LEU A . n 
A 1 153 ILE 153 235 235 ILE ILE A . n 
A 1 154 TRP 154 236 236 TRP TRP A . n 
A 1 155 ILE 155 237 237 ILE ILE A . n 
A 1 156 VAL 156 238 238 VAL VAL A . n 
A 1 157 ALA 157 239 239 ALA ALA A . n 
A 1 158 GLY 158 240 240 GLY GLY A . n 
A 1 159 TRP 159 241 241 TRP TRP A . n 
A 1 160 PHE 160 242 242 PHE PHE A . n 
A 1 161 ASP 161 243 243 ASP ASP A . n 
A 1 162 LEU 162 244 244 LEU LEU A . n 
A 1 163 PHE 163 245 245 PHE PHE A . n 
A 1 164 GLY 164 246 246 GLY GLY A . n 
A 1 165 MET 165 247 247 MET MET A . n 
A 1 166 SER 166 248 248 SER SER A . n 
A 1 167 MET 167 249 249 MET MET A . n 
A 1 168 ALA 168 250 250 ALA ALA A . n 
A 1 169 ASN 169 251 251 ASN ASN A . n 
A 1 170 GLY 170 252 252 GLY GLY A . n 
A 1 171 ALA 171 253 253 ALA ALA A . n 
A 1 172 HIS 172 254 254 HIS HIS A . n 
A 1 173 ILE 173 255 255 ILE ILE A . n 
A 1 174 ALA 174 256 256 ALA ALA A . n 
A 1 175 GLY 175 257 257 GLY GLY A . n 
A 1 176 LEU 176 258 258 LEU LEU A . n 
A 1 177 ALA 177 259 259 ALA ALA A . n 
A 1 178 VAL 178 260 260 VAL VAL A . n 
A 1 179 GLY 179 261 261 GLY GLY A . n 
A 1 180 LEU 180 262 262 LEU LEU A . n 
A 1 181 ALA 181 263 263 ALA ALA A . n 
A 1 182 MET 182 264 264 MET MET A . n 
A 1 183 ALA 183 265 265 ALA ALA A . n 
A 1 184 PHE 184 266 266 PHE PHE A . n 
A 1 185 VAL 185 267 267 VAL VAL A . n 
A 1 186 ASP 186 268 268 ASP ASP A . n 
A 1 187 SER 187 269 269 SER SER A . n 
A 1 188 LEU 188 270 270 LEU LEU A . n 
A 1 189 ASN 189 271 271 ASN ASN A . n 
A 1 190 ALA 190 272 ?   ?   ?   A . n 
A 1 191 ARG 191 273 ?   ?   ?   A . n 
A 1 192 LYS 192 274 ?   ?   ?   A . n 
A 1 193 ARG 193 275 ?   ?   ?   A . n 
A 1 194 LYS 194 276 ?   ?   ?   A . n 
B 2 1   ACE 1   499 499 ACE ACE B . n 
B 2 2   VAL 2   500 500 VAL VAL B . n 
B 2 3   ARG 3   501 501 ARG ARG B . n 
B 2 4   MET 4   502 502 MET MET B . n 
B 2 5   B2A 5   503 503 B2A BOH B . n 
# 
loop_
_pdbx_entity_instance_feature.ordinal 
_pdbx_entity_instance_feature.comp_id 
_pdbx_entity_instance_feature.asym_id 
_pdbx_entity_instance_feature.seq_num 
_pdbx_entity_instance_feature.auth_comp_id 
_pdbx_entity_instance_feature.auth_asym_id 
_pdbx_entity_instance_feature.auth_seq_num 
_pdbx_entity_instance_feature.feature_type 
_pdbx_entity_instance_feature.details 
1 ACE ? ? ACE ? ? 'SUBJECT OF INVESTIGATION' ? 
2 B2A ? ? B2A ? ? 'SUBJECT OF INVESTIGATION' ? 
# 
loop_
_pdbx_nonpoly_scheme.asym_id 
_pdbx_nonpoly_scheme.entity_id 
_pdbx_nonpoly_scheme.mon_id 
_pdbx_nonpoly_scheme.ndb_seq_num 
_pdbx_nonpoly_scheme.pdb_seq_num 
_pdbx_nonpoly_scheme.auth_seq_num 
_pdbx_nonpoly_scheme.pdb_mon_id 
_pdbx_nonpoly_scheme.auth_mon_id 
_pdbx_nonpoly_scheme.pdb_strand_id 
_pdbx_nonpoly_scheme.pdb_ins_code 
C 3 HOH 1  301 13 HOH HOH A . 
C 3 HOH 2  302 18 HOH HOH A . 
C 3 HOH 3  303 11 HOH HOH A . 
C 3 HOH 4  304 4  HOH HOH A . 
C 3 HOH 5  305 7  HOH HOH A . 
C 3 HOH 6  306 9  HOH HOH A . 
C 3 HOH 7  307 17 HOH HOH A . 
C 3 HOH 8  308 12 HOH HOH A . 
C 3 HOH 9  309 14 HOH HOH A . 
C 3 HOH 10 310 5  HOH HOH A . 
C 3 HOH 11 311 15 HOH HOH A . 
C 3 HOH 12 312 10 HOH HOH A . 
C 3 HOH 13 313 2  HOH HOH A . 
C 3 HOH 14 314 8  HOH HOH A . 
C 3 HOH 15 315 19 HOH HOH A . 
C 3 HOH 16 316 3  HOH HOH A . 
C 3 HOH 17 317 1  HOH HOH A . 
C 3 HOH 18 318 16 HOH HOH A . 
D 3 HOH 1  601 6  HOH HOH B . 
# 
loop_
_pdbx_unobs_or_zero_occ_atoms.id 
_pdbx_unobs_or_zero_occ_atoms.PDB_model_num 
_pdbx_unobs_or_zero_occ_atoms.polymer_flag 
_pdbx_unobs_or_zero_occ_atoms.occupancy_flag 
_pdbx_unobs_or_zero_occ_atoms.auth_asym_id 
_pdbx_unobs_or_zero_occ_atoms.auth_comp_id 
_pdbx_unobs_or_zero_occ_atoms.auth_seq_id 
_pdbx_unobs_or_zero_occ_atoms.PDB_ins_code 
_pdbx_unobs_or_zero_occ_atoms.auth_atom_id 
_pdbx_unobs_or_zero_occ_atoms.label_alt_id 
_pdbx_unobs_or_zero_occ_atoms.label_asym_id 
_pdbx_unobs_or_zero_occ_atoms.label_comp_id 
_pdbx_unobs_or_zero_occ_atoms.label_seq_id 
_pdbx_unobs_or_zero_occ_atoms.label_atom_id 
1 1 Y 1 A ILE 230 ? CG1 ? A ILE 148 CG1 
2 1 Y 1 A ILE 230 ? CG2 ? A ILE 148 CG2 
3 1 Y 1 A ILE 230 ? CD1 ? A ILE 148 CD1 
# 
loop_
_software.citation_id 
_software.classification 
_software.compiler_name 
_software.compiler_version 
_software.contact_author 
_software.contact_author_email 
_software.date 
_software.description 
_software.dependencies 
_software.hardware 
_software.language 
_software.location 
_software.mods 
_software.name 
_software.os 
_software.os_version 
_software.type 
_software.version 
_software.pdbx_ordinal 
? refinement       ? ? ? ? ? ? ? ? ? ? ? REFMAC  ? ? ? 5.8.0258 1 
? 'data reduction' ? ? ? ? ? ? ? ? ? ? ? iMOSFLM ? ? ? .        2 
? 'data scaling'   ? ? ? ? ? ? ? ? ? ? ? Aimless ? ? ? .        3 
? phasing          ? ? ? ? ? ? ? ? ? ? ? MOLREP  ? ? ? .        4 
# 
_cell.angle_alpha                  90.00 
_cell.angle_alpha_esd              ? 
_cell.angle_beta                   90.00 
_cell.angle_beta_esd               ? 
_cell.angle_gamma                  120.00 
_cell.angle_gamma_esd              ? 
_cell.entry_id                     6VJ9 
_cell.details                      ? 
_cell.formula_units_Z              ? 
_cell.length_a                     111.310 
_cell.length_a_esd                 ? 
_cell.length_b                     111.310 
_cell.length_b_esd                 ? 
_cell.length_c                     125.210 
_cell.length_c_esd                 ? 
_cell.volume                       ? 
_cell.volume_esd                   ? 
_cell.Z_PDB                        18 
_cell.reciprocal_angle_alpha       ? 
_cell.reciprocal_angle_beta        ? 
_cell.reciprocal_angle_gamma       ? 
_cell.reciprocal_angle_alpha_esd   ? 
_cell.reciprocal_angle_beta_esd    ? 
_cell.reciprocal_angle_gamma_esd   ? 
_cell.reciprocal_length_a          ? 
_cell.reciprocal_length_b          ? 
_cell.reciprocal_length_c          ? 
_cell.reciprocal_length_a_esd      ? 
_cell.reciprocal_length_b_esd      ? 
_cell.reciprocal_length_c_esd      ? 
_cell.pdbx_unique_axis             ? 
# 
_symmetry.entry_id                         6VJ9 
_symmetry.cell_setting                     ? 
_symmetry.Int_Tables_number                155 
_symmetry.space_group_name_Hall            ? 
_symmetry.space_group_name_H-M             'H 3 2' 
_symmetry.pdbx_full_space_group_name_H-M   ? 
# 
_exptl.absorpt_coefficient_mu     ? 
_exptl.absorpt_correction_T_max   ? 
_exptl.absorpt_correction_T_min   ? 
_exptl.absorpt_correction_type    ? 
_exptl.absorpt_process_details    ? 
_exptl.entry_id                   6VJ9 
_exptl.crystals_number            1 
_exptl.details                    ? 
_exptl.method                     'X-RAY DIFFRACTION' 
_exptl.method_details             ? 
# 
_exptl_crystal.colour                      ? 
_exptl_crystal.density_diffrn              ? 
_exptl_crystal.density_Matthews            3.33 
_exptl_crystal.density_method              ? 
_exptl_crystal.density_percent_sol         63.04 
_exptl_crystal.description                 ? 
_exptl_crystal.F_000                       ? 
_exptl_crystal.id                          1 
_exptl_crystal.preparation                 ? 
_exptl_crystal.size_max                    ? 
_exptl_crystal.size_mid                    ? 
_exptl_crystal.size_min                    ? 
_exptl_crystal.size_rad                    ? 
_exptl_crystal.colour_lustre               ? 
_exptl_crystal.colour_modifier             ? 
_exptl_crystal.colour_primary              ? 
_exptl_crystal.density_meas                ? 
_exptl_crystal.density_meas_esd            ? 
_exptl_crystal.density_meas_gt             ? 
_exptl_crystal.density_meas_lt             ? 
_exptl_crystal.density_meas_temp           ? 
_exptl_crystal.density_meas_temp_esd       ? 
_exptl_crystal.density_meas_temp_gt        ? 
_exptl_crystal.density_meas_temp_lt        ? 
_exptl_crystal.pdbx_crystal_image_url      ? 
_exptl_crystal.pdbx_crystal_image_format   ? 
_exptl_crystal.pdbx_mosaicity              ? 
_exptl_crystal.pdbx_mosaicity_esd          ? 
# 
_exptl_crystal_grow.apparatus       ? 
_exptl_crystal_grow.atmosphere      ? 
_exptl_crystal_grow.crystal_id      1 
_exptl_crystal_grow.details         ? 
_exptl_crystal_grow.method          'VAPOR DIFFUSION, HANGING DROP' 
_exptl_crystal_grow.method_ref      ? 
_exptl_crystal_grow.pH              ? 
_exptl_crystal_grow.pressure        ? 
_exptl_crystal_grow.pressure_esd    ? 
_exptl_crystal_grow.seeding         ? 
_exptl_crystal_grow.seeding_ref     ? 
_exptl_crystal_grow.temp            298 
_exptl_crystal_grow.temp_details    ? 
_exptl_crystal_grow.temp_esd        ? 
_exptl_crystal_grow.time            ? 
_exptl_crystal_grow.pdbx_details    '0.1 M Tris, pH 8.5, 3 M sodium nitrate, 15% glycerol' 
_exptl_crystal_grow.pdbx_pH_range   ? 
# 
_diffrn.ambient_environment              ? 
_diffrn.ambient_temp                     100 
_diffrn.ambient_temp_details             ? 
_diffrn.ambient_temp_esd                 ? 
_diffrn.crystal_id                       1 
_diffrn.crystal_support                  ? 
_diffrn.crystal_treatment                ? 
_diffrn.details                          ? 
_diffrn.id                               1 
_diffrn.ambient_pressure                 ? 
_diffrn.ambient_pressure_esd             ? 
_diffrn.ambient_pressure_gt              ? 
_diffrn.ambient_pressure_lt              ? 
_diffrn.ambient_temp_gt                  ? 
_diffrn.ambient_temp_lt                  ? 
_diffrn.pdbx_serial_crystal_experiment   N 
# 
_diffrn_detector.details                      ? 
_diffrn_detector.detector                     PIXEL 
_diffrn_detector.diffrn_id                    1 
_diffrn_detector.type                         'DECTRIS PILATUS 6M' 
_diffrn_detector.area_resol_mean              ? 
_diffrn_detector.dtime                        ? 
_diffrn_detector.pdbx_frames_total            ? 
_diffrn_detector.pdbx_collection_time_total   ? 
_diffrn_detector.pdbx_collection_date         2018-05-07 
_diffrn_detector.pdbx_frequency               ? 
# 
_diffrn_radiation.collimation                      ? 
_diffrn_radiation.diffrn_id                        1 
_diffrn_radiation.filter_edge                      ? 
_diffrn_radiation.inhomogeneity                    ? 
_diffrn_radiation.monochromator                    'Si(111)' 
_diffrn_radiation.polarisn_norm                    ? 
_diffrn_radiation.polarisn_ratio                   ? 
_diffrn_radiation.probe                            ? 
_diffrn_radiation.type                             ? 
_diffrn_radiation.xray_symbol                      ? 
_diffrn_radiation.wavelength_id                    1 
_diffrn_radiation.pdbx_monochromatic_or_laue_m_l   M 
_diffrn_radiation.pdbx_wavelength_list             ? 
_diffrn_radiation.pdbx_wavelength                  ? 
_diffrn_radiation.pdbx_diffrn_protocol             'SINGLE WAVELENGTH' 
_diffrn_radiation.pdbx_analyzer                    ? 
_diffrn_radiation.pdbx_scattering_type             x-ray 
# 
_diffrn_radiation_wavelength.id           1 
_diffrn_radiation_wavelength.wavelength   0.9718 
_diffrn_radiation_wavelength.wt           1.0 
# 
_diffrn_source.current                     ? 
_diffrn_source.details                     ? 
_diffrn_source.diffrn_id                   1 
_diffrn_source.power                       ? 
_diffrn_source.size                        ? 
_diffrn_source.source                      SYNCHROTRON 
_diffrn_source.target                      ? 
_diffrn_source.type                        'CHESS BEAMLINE F1' 
_diffrn_source.voltage                     ? 
_diffrn_source.take-off_angle              ? 
_diffrn_source.pdbx_wavelength_list        0.9718 
_diffrn_source.pdbx_wavelength             ? 
_diffrn_source.pdbx_synchrotron_beamline   F1 
_diffrn_source.pdbx_synchrotron_site       CHESS 
# 
_reflns.B_iso_Wilson_estimate            ? 
_reflns.entry_id                         6VJ9 
_reflns.data_reduction_details           ? 
_reflns.data_reduction_method            ? 
_reflns.d_resolution_high                2.30 
_reflns.d_resolution_low                 32.13 
_reflns.details                          ? 
_reflns.limit_h_max                      ? 
_reflns.limit_h_min                      ? 
_reflns.limit_k_max                      ? 
_reflns.limit_k_min                      ? 
_reflns.limit_l_max                      ? 
_reflns.limit_l_min                      ? 
_reflns.number_all                       ? 
_reflns.number_obs                       13444 
_reflns.observed_criterion               ? 
_reflns.observed_criterion_F_max         ? 
_reflns.observed_criterion_F_min         ? 
_reflns.observed_criterion_I_max         ? 
_reflns.observed_criterion_I_min         ? 
_reflns.observed_criterion_sigma_F       ? 
_reflns.observed_criterion_sigma_I       ? 
_reflns.percent_possible_obs             99.9 
_reflns.R_free_details                   ? 
_reflns.Rmerge_F_all                     ? 
_reflns.Rmerge_F_obs                     ? 
_reflns.Friedel_coverage                 ? 
_reflns.number_gt                        ? 
_reflns.threshold_expression             ? 
_reflns.pdbx_redundancy                  8.0 
_reflns.pdbx_Rmerge_I_obs                0.093 
_reflns.pdbx_Rmerge_I_all                ? 
_reflns.pdbx_Rsym_value                  ? 
_reflns.pdbx_netI_over_av_sigmaI         ? 
_reflns.pdbx_netI_over_sigmaI            7.5 
_reflns.pdbx_res_netI_over_av_sigmaI_2   ? 
_reflns.pdbx_res_netI_over_sigmaI_2      ? 
_reflns.pdbx_chi_squared                 ? 
_reflns.pdbx_scaling_rejects             ? 
_reflns.pdbx_d_res_high_opt              ? 
_reflns.pdbx_d_res_low_opt               ? 
_reflns.pdbx_d_res_opt_method            ? 
_reflns.phase_calculation_details        ? 
_reflns.pdbx_Rrim_I_all                  ? 
_reflns.pdbx_Rpim_I_all                  ? 
_reflns.pdbx_d_opt                       ? 
_reflns.pdbx_number_measured_all         ? 
_reflns.pdbx_diffrn_id                   1 
_reflns.pdbx_ordinal                     1 
_reflns.pdbx_CC_half                     ? 
_reflns.pdbx_CC_star                     ? 
_reflns.pdbx_R_split                     ? 
# 
_reflns_shell.d_res_high                  2.30 
_reflns_shell.d_res_low                   2.38 
_reflns_shell.meanI_over_sigI_all         ? 
_reflns_shell.meanI_over_sigI_obs         ? 
_reflns_shell.number_measured_all         ? 
_reflns_shell.number_measured_obs         ? 
_reflns_shell.number_possible             ? 
_reflns_shell.number_unique_all           ? 
_reflns_shell.number_unique_obs           1296 
_reflns_shell.percent_possible_all        ? 
_reflns_shell.percent_possible_obs        ? 
_reflns_shell.Rmerge_F_all                ? 
_reflns_shell.Rmerge_F_obs                ? 
_reflns_shell.Rmerge_I_all                ? 
_reflns_shell.Rmerge_I_obs                0.621 
_reflns_shell.meanI_over_sigI_gt          ? 
_reflns_shell.meanI_over_uI_all           ? 
_reflns_shell.meanI_over_uI_gt            ? 
_reflns_shell.number_measured_gt          ? 
_reflns_shell.number_unique_gt            ? 
_reflns_shell.percent_possible_gt         ? 
_reflns_shell.Rmerge_F_gt                 ? 
_reflns_shell.Rmerge_I_gt                 ? 
_reflns_shell.pdbx_redundancy             ? 
_reflns_shell.pdbx_Rsym_value             ? 
_reflns_shell.pdbx_chi_squared            ? 
_reflns_shell.pdbx_netI_over_sigmaI_all   ? 
_reflns_shell.pdbx_netI_over_sigmaI_obs   ? 
_reflns_shell.pdbx_Rrim_I_all             ? 
_reflns_shell.pdbx_Rpim_I_all             ? 
_reflns_shell.pdbx_rejects                ? 
_reflns_shell.pdbx_ordinal                1 
_reflns_shell.pdbx_diffrn_id              1 
_reflns_shell.pdbx_CC_half                ? 
_reflns_shell.pdbx_CC_star                ? 
_reflns_shell.pdbx_R_split                ? 
# 
_refine.aniso_B[1][1]                            -2.23 
_refine.aniso_B[1][2]                            -1.12 
_refine.aniso_B[1][3]                            0.00 
_refine.aniso_B[2][2]                            -2.23 
_refine.aniso_B[2][3]                            0.00 
_refine.aniso_B[3][3]                            7.24 
_refine.B_iso_max                                ? 
_refine.B_iso_mean                               62.980 
_refine.B_iso_min                                ? 
_refine.correlation_coeff_Fo_to_Fc               0.934 
_refine.correlation_coeff_Fo_to_Fc_free          0.933 
_refine.details                                  ? 
_refine.diff_density_max                         ? 
_refine.diff_density_max_esd                     ? 
_refine.diff_density_min                         ? 
_refine.diff_density_min_esd                     ? 
_refine.diff_density_rms                         ? 
_refine.diff_density_rms_esd                     ? 
_refine.entry_id                                 6VJ9 
_refine.pdbx_refine_id                           'X-RAY DIFFRACTION' 
_refine.ls_abs_structure_details                 ? 
_refine.ls_abs_structure_Flack                   ? 
_refine.ls_abs_structure_Flack_esd               ? 
_refine.ls_abs_structure_Rogers                  ? 
_refine.ls_abs_structure_Rogers_esd              ? 
_refine.ls_d_res_high                            2.30 
_refine.ls_d_res_low                             32.15 
_refine.ls_extinction_coef                       ? 
_refine.ls_extinction_coef_esd                   ? 
_refine.ls_extinction_expression                 ? 
_refine.ls_extinction_method                     ? 
_refine.ls_goodness_of_fit_all                   ? 
_refine.ls_goodness_of_fit_all_esd               ? 
_refine.ls_goodness_of_fit_obs                   ? 
_refine.ls_goodness_of_fit_obs_esd               ? 
_refine.ls_hydrogen_treatment                    ? 
_refine.ls_matrix_type                           ? 
_refine.ls_number_constraints                    ? 
_refine.ls_number_parameters                     ? 
_refine.ls_number_reflns_all                     ? 
_refine.ls_number_reflns_obs                     12754 
_refine.ls_number_reflns_R_free                  683 
_refine.ls_number_reflns_R_work                  ? 
_refine.ls_number_restraints                     ? 
_refine.ls_percent_reflns_obs                    99.84 
_refine.ls_percent_reflns_R_free                 5.1 
_refine.ls_R_factor_all                          ? 
_refine.ls_R_factor_obs                          0.22894 
_refine.ls_R_factor_R_free                       0.25839 
_refine.ls_R_factor_R_free_error                 ? 
_refine.ls_R_factor_R_free_error_details         ? 
_refine.ls_R_factor_R_work                       0.22732 
_refine.ls_R_Fsqd_factor_obs                     ? 
_refine.ls_R_I_factor_obs                        ? 
_refine.ls_redundancy_reflns_all                 ? 
_refine.ls_redundancy_reflns_obs                 ? 
_refine.ls_restrained_S_all                      ? 
_refine.ls_restrained_S_obs                      ? 
_refine.ls_shift_over_esd_max                    ? 
_refine.ls_shift_over_esd_mean                   ? 
_refine.ls_structure_factor_coef                 ? 
_refine.ls_weighting_details                     ? 
_refine.ls_weighting_scheme                      ? 
_refine.ls_wR_factor_all                         ? 
_refine.ls_wR_factor_obs                         ? 
_refine.ls_wR_factor_R_free                      ? 
_refine.ls_wR_factor_R_work                      ? 
_refine.occupancy_max                            ? 
_refine.occupancy_min                            ? 
_refine.solvent_model_details                    ? 
_refine.solvent_model_param_bsol                 ? 
_refine.solvent_model_param_ksol                 ? 
_refine.pdbx_R_complete                          ? 
_refine.ls_R_factor_gt                           ? 
_refine.ls_goodness_of_fit_gt                    ? 
_refine.ls_goodness_of_fit_ref                   ? 
_refine.ls_shift_over_su_max                     ? 
_refine.ls_shift_over_su_max_lt                  ? 
_refine.ls_shift_over_su_mean                    ? 
_refine.ls_shift_over_su_mean_lt                 ? 
_refine.pdbx_ls_sigma_I                          ? 
_refine.pdbx_ls_sigma_F                          ? 
_refine.pdbx_ls_sigma_Fsqd                       ? 
_refine.pdbx_data_cutoff_high_absF               ? 
_refine.pdbx_data_cutoff_high_rms_absF           ? 
_refine.pdbx_data_cutoff_low_absF                ? 
_refine.pdbx_isotropic_thermal_model             ? 
_refine.pdbx_ls_cross_valid_method               THROUGHOUT 
_refine.pdbx_method_to_determine_struct          'MOLECULAR REPLACEMENT' 
_refine.pdbx_starting_model                      'PDB entry 2IC8' 
_refine.pdbx_stereochemistry_target_values       ? 
_refine.pdbx_R_Free_selection_details            RANDOM 
_refine.pdbx_stereochem_target_val_spec_case     ? 
_refine.pdbx_overall_ESU_R                       0.247 
_refine.pdbx_overall_ESU_R_Free                  0.206 
_refine.pdbx_solvent_vdw_probe_radii             1.20 
_refine.pdbx_solvent_ion_probe_radii             0.80 
_refine.pdbx_solvent_shrinkage_radii             0.80 
_refine.pdbx_real_space_R                        ? 
_refine.pdbx_density_correlation                 ? 
_refine.pdbx_pd_number_of_powder_patterns        ? 
_refine.pdbx_pd_number_of_points                 ? 
_refine.pdbx_pd_meas_number_of_points            ? 
_refine.pdbx_pd_proc_ls_prof_R_factor            ? 
_refine.pdbx_pd_proc_ls_prof_wR_factor           ? 
_refine.pdbx_pd_Marquardt_correlation_coeff      ? 
_refine.pdbx_pd_Fsqrd_R_factor                   ? 
_refine.pdbx_pd_ls_matrix_band_width             ? 
_refine.pdbx_overall_phase_error                 ? 
_refine.pdbx_overall_SU_R_free_Cruickshank_DPI   ? 
_refine.pdbx_overall_SU_R_free_Blow_DPI          ? 
_refine.pdbx_overall_SU_R_Blow_DPI               ? 
_refine.pdbx_TLS_residual_ADP_flag               ? 
_refine.pdbx_diffrn_id                           1 
_refine.overall_SU_B                             10.514 
_refine.overall_SU_ML                            0.227 
_refine.overall_SU_R_Cruickshank_DPI             ? 
_refine.overall_SU_R_free                        ? 
_refine.overall_FOM_free_R_set                   ? 
_refine.overall_FOM_work_R_set                   ? 
_refine.pdbx_average_fsc_overall                 ? 
_refine.pdbx_average_fsc_work                    ? 
_refine.pdbx_average_fsc_free                    ? 
# 
_refine_hist.pdbx_refine_id                   'X-RAY DIFFRACTION' 
_refine_hist.cycle_id                         1 
_refine_hist.details                          ? 
_refine_hist.d_res_high                       2.30 
_refine_hist.d_res_low                        32.15 
_refine_hist.number_atoms_solvent             19 
_refine_hist.number_atoms_total               1477 
_refine_hist.number_reflns_all                ? 
_refine_hist.number_reflns_obs                ? 
_refine_hist.number_reflns_R_free             ? 
_refine_hist.number_reflns_R_work             ? 
_refine_hist.R_factor_all                     ? 
_refine_hist.R_factor_obs                     ? 
_refine_hist.R_factor_R_free                  ? 
_refine_hist.R_factor_R_work                  ? 
_refine_hist.pdbx_number_residues_total       ? 
_refine_hist.pdbx_B_iso_mean_ligand           ? 
_refine_hist.pdbx_B_iso_mean_solvent          ? 
_refine_hist.pdbx_number_atoms_protein        1458 
_refine_hist.pdbx_number_atoms_nucleic_acid   0 
_refine_hist.pdbx_number_atoms_ligand         0 
_refine_hist.pdbx_number_atoms_lipid          ? 
_refine_hist.pdbx_number_atoms_carb           ? 
_refine_hist.pdbx_pseudo_atom_details         ? 
# 
loop_
_refine_ls_restr.pdbx_refine_id 
_refine_ls_restr.criterion 
_refine_ls_restr.dev_ideal 
_refine_ls_restr.dev_ideal_target 
_refine_ls_restr.number 
_refine_ls_restr.rejects 
_refine_ls_restr.type 
_refine_ls_restr.weight 
_refine_ls_restr.pdbx_restraint_function 
'X-RAY DIFFRACTION' ? 0.007  0.012  1506 ? r_bond_refined_d             ? ? 
'X-RAY DIFFRACTION' ? ?      ?      ?    ? r_bond_other_d               ? ? 
'X-RAY DIFFRACTION' ? 1.885  1.599  2049 ? r_angle_refined_deg          ? ? 
'X-RAY DIFFRACTION' ? ?      ?      ?    ? r_angle_other_deg            ? ? 
'X-RAY DIFFRACTION' ? 12.420 5.000  181  ? r_dihedral_angle_1_deg       ? ? 
'X-RAY DIFFRACTION' ? 31.081 20.938 64   ? r_dihedral_angle_2_deg       ? ? 
'X-RAY DIFFRACTION' ? 19.547 15.000 233  ? r_dihedral_angle_3_deg       ? ? 
'X-RAY DIFFRACTION' ? 21.604 15.000 6    ? r_dihedral_angle_4_deg       ? ? 
'X-RAY DIFFRACTION' ? 0.137  0.200  179  ? r_chiral_restr               ? ? 
'X-RAY DIFFRACTION' ? 0.009  0.020  1129 ? r_gen_planes_refined         ? ? 
'X-RAY DIFFRACTION' ? ?      ?      ?    ? r_gen_planes_other           ? ? 
'X-RAY DIFFRACTION' ? ?      ?      ?    ? r_nbd_refined                ? ? 
'X-RAY DIFFRACTION' ? ?      ?      ?    ? r_nbd_other                  ? ? 
'X-RAY DIFFRACTION' ? ?      ?      ?    ? r_nbtor_refined              ? ? 
'X-RAY DIFFRACTION' ? ?      ?      ?    ? r_nbtor_other                ? ? 
'X-RAY DIFFRACTION' ? ?      ?      ?    ? r_xyhbond_nbd_refined        ? ? 
'X-RAY DIFFRACTION' ? ?      ?      ?    ? r_xyhbond_nbd_other          ? ? 
'X-RAY DIFFRACTION' ? ?      ?      ?    ? r_metal_ion_refined          ? ? 
'X-RAY DIFFRACTION' ? ?      ?      ?    ? r_metal_ion_other            ? ? 
'X-RAY DIFFRACTION' ? ?      ?      ?    ? r_symmetry_vdw_refined       ? ? 
'X-RAY DIFFRACTION' ? ?      ?      ?    ? r_symmetry_vdw_other         ? ? 
'X-RAY DIFFRACTION' ? ?      ?      ?    ? r_symmetry_hbond_refined     ? ? 
'X-RAY DIFFRACTION' ? ?      ?      ?    ? r_symmetry_hbond_other       ? ? 
'X-RAY DIFFRACTION' ? ?      ?      ?    ? r_symmetry_metal_ion_refined ? ? 
'X-RAY DIFFRACTION' ? ?      ?      ?    ? r_symmetry_metal_ion_other   ? ? 
'X-RAY DIFFRACTION' ? 5.387  5.915  730  ? r_mcbond_it                  ? ? 
'X-RAY DIFFRACTION' ? ?      ?      ?    ? r_mcbond_other               ? ? 
'X-RAY DIFFRACTION' ? 7.663  8.838  908  ? r_mcangle_it                 ? ? 
'X-RAY DIFFRACTION' ? ?      ?      ?    ? r_mcangle_other              ? ? 
'X-RAY DIFFRACTION' ? 7.627  6.609  776  ? r_scbond_it                  ? ? 
'X-RAY DIFFRACTION' ? ?      ?      ?    ? r_scbond_other               ? ? 
'X-RAY DIFFRACTION' ? ?      ?      ?    ? r_scangle_it                 ? ? 
'X-RAY DIFFRACTION' ? ?      ?      ?    ? r_scangle_other              ? ? 
'X-RAY DIFFRACTION' ? 13.446 ?      6429 ? r_long_range_B_refined       ? ? 
'X-RAY DIFFRACTION' ? ?      ?      ?    ? r_long_range_B_other         ? ? 
'X-RAY DIFFRACTION' ? ?      ?      ?    ? r_rigid_bond_restr           ? ? 
'X-RAY DIFFRACTION' ? ?      ?      ?    ? r_sphericity_free            ? ? 
'X-RAY DIFFRACTION' ? ?      ?      ?    ? r_sphericity_bonded          ? ? 
# 
_refine_ls_shell.pdbx_refine_id                   'X-RAY DIFFRACTION' 
_refine_ls_shell.d_res_high                       2.300 
_refine_ls_shell.d_res_low                        2.360 
_refine_ls_shell.number_reflns_all                ? 
_refine_ls_shell.number_reflns_obs                ? 
_refine_ls_shell.number_reflns_R_free             41 
_refine_ls_shell.number_reflns_R_work             934 
_refine_ls_shell.percent_reflns_obs               99.80 
_refine_ls_shell.percent_reflns_R_free            ? 
_refine_ls_shell.R_factor_all                     ? 
_refine_ls_shell.R_factor_obs                     ? 
_refine_ls_shell.R_factor_R_free                  0.393 
_refine_ls_shell.R_factor_R_free_error            ? 
_refine_ls_shell.R_factor_R_work                  0.397 
_refine_ls_shell.redundancy_reflns_all            ? 
_refine_ls_shell.redundancy_reflns_obs            ? 
_refine_ls_shell.wR_factor_all                    ? 
_refine_ls_shell.wR_factor_obs                    ? 
_refine_ls_shell.wR_factor_R_free                 ? 
_refine_ls_shell.wR_factor_R_work                 ? 
_refine_ls_shell.pdbx_R_complete                  ? 
_refine_ls_shell.pdbx_total_number_of_bins_used   20 
_refine_ls_shell.pdbx_phase_error                 ? 
_refine_ls_shell.pdbx_fsc_work                    ? 
_refine_ls_shell.pdbx_fsc_free                    ? 
# 
_struct.entry_id                     6VJ9 
_struct.title                        'Crystal structure of GlpG in complex with peptide boronate inhibitor' 
_struct.pdbx_model_details           ? 
_struct.pdbx_formula_weight          ? 
_struct.pdbx_formula_weight_method   ? 
_struct.pdbx_model_type_details      ? 
_struct.pdbx_CASP_flag               N 
# 
_struct_keywords.entry_id        6VJ9 
_struct_keywords.text            'inhibitor, complex, GlpG, rhomboid protease, HYDROLASE-HYDROLASE INHIBITOR complex' 
_struct_keywords.pdbx_keywords   'HYDROLASE/HYDROLASE INHIBITOR' 
# 
loop_
_struct_asym.id 
_struct_asym.pdbx_blank_PDB_chainid_flag 
_struct_asym.pdbx_modified 
_struct_asym.entity_id 
_struct_asym.details 
A N N 1 ? 
B N N 2 ? 
C N N 3 ? 
D N N 3 ? 
# 
loop_
_struct_ref.id 
_struct_ref.db_name 
_struct_ref.db_code 
_struct_ref.pdbx_db_accession 
_struct_ref.pdbx_db_isoform 
_struct_ref.entity_id 
_struct_ref.pdbx_seq_one_letter_code 
_struct_ref.pdbx_align_begin 
1 UNP A0A4Q6HQV3_ECOLX A0A4Q6HQV3 ? 1 
;AALRERAGPVTWVMMIACVVVFIAMQILGDQEVMLWLAWPFDPTLKFEFWRYFTHALMHFSLMHILFNLLWWWYLGGAVE
KRLGSGKLIVITLISALLSGYVQQKFSGPWFGGLSGVVYALMGYVWLRGERDPQSGIYLQRGLIIFALIWIVAGWFDLFG
MSMANGAHIAGLAVGLAMAFVDSLNARKRK
;
61 
2 PDB 6VJ9             6VJ9       ? 2 ? 1  
# 
loop_
_struct_ref_seq.align_id 
_struct_ref_seq.ref_id 
_struct_ref_seq.pdbx_PDB_id_code 
_struct_ref_seq.pdbx_strand_id 
_struct_ref_seq.seq_align_beg 
_struct_ref_seq.pdbx_seq_align_beg_ins_code 
_struct_ref_seq.seq_align_end 
_struct_ref_seq.pdbx_seq_align_end_ins_code 
_struct_ref_seq.pdbx_db_accession 
_struct_ref_seq.db_align_beg 
_struct_ref_seq.pdbx_db_align_beg_ins_code 
_struct_ref_seq.db_align_end 
_struct_ref_seq.pdbx_db_align_end_ins_code 
_struct_ref_seq.pdbx_auth_seq_align_beg 
_struct_ref_seq.pdbx_auth_seq_align_end 
1 1 6VJ9 A 5 ? 194 ? A0A4Q6HQV3 61  ? 250 ? 87  276 
2 2 6VJ9 B 1 ? 5   ? 6VJ9       499 ? 503 ? 499 503 
# 
loop_
_struct_ref_seq_dif.align_id 
_struct_ref_seq_dif.pdbx_pdb_id_code 
_struct_ref_seq_dif.mon_id 
_struct_ref_seq_dif.pdbx_pdb_strand_id 
_struct_ref_seq_dif.seq_num 
_struct_ref_seq_dif.pdbx_pdb_ins_code 
_struct_ref_seq_dif.pdbx_seq_db_name 
_struct_ref_seq_dif.pdbx_seq_db_accession_code 
_struct_ref_seq_dif.db_mon_id 
_struct_ref_seq_dif.pdbx_seq_db_seq_num 
_struct_ref_seq_dif.details 
_struct_ref_seq_dif.pdbx_auth_seq_num 
_struct_ref_seq_dif.pdbx_ordinal 
1 6VJ9 GLY A 1 ? UNP A0A4Q6HQV3 ? ? 'expression tag' 83 1 
1 6VJ9 SER A 2 ? UNP A0A4Q6HQV3 ? ? 'expression tag' 84 2 
1 6VJ9 HIS A 3 ? UNP A0A4Q6HQV3 ? ? 'expression tag' 85 3 
1 6VJ9 MET A 4 ? UNP A0A4Q6HQV3 ? ? 'expression tag' 86 4 
# 
_pdbx_struct_assembly.id                   1 
_pdbx_struct_assembly.details              author_defined_assembly 
_pdbx_struct_assembly.method_details       ? 
_pdbx_struct_assembly.oligomeric_details   dimeric 
_pdbx_struct_assembly.oligomeric_count     2 
# 
loop_
_pdbx_struct_assembly_prop.biol_id 
_pdbx_struct_assembly_prop.type 
_pdbx_struct_assembly_prop.value 
_pdbx_struct_assembly_prop.details 
1 'ABSA (A^2)' 1220 ? 
1 MORE         -7   ? 
1 'SSA (A^2)'  9180 ? 
# 
_pdbx_struct_assembly_gen.assembly_id       1 
_pdbx_struct_assembly_gen.oper_expression   1 
_pdbx_struct_assembly_gen.asym_id_list      A,B,C,D 
# 
_pdbx_struct_assembly_auth_evidence.id                     1 
_pdbx_struct_assembly_auth_evidence.assembly_id            1 
_pdbx_struct_assembly_auth_evidence.experimental_support   none 
_pdbx_struct_assembly_auth_evidence.details                ? 
# 
_pdbx_struct_oper_list.id                   1 
_pdbx_struct_oper_list.type                 'identity operation' 
_pdbx_struct_oper_list.name                 1_555 
_pdbx_struct_oper_list.symmetry_operation   x,y,z 
_pdbx_struct_oper_list.matrix[1][1]         1.0000000000 
_pdbx_struct_oper_list.matrix[1][2]         0.0000000000 
_pdbx_struct_oper_list.matrix[1][3]         0.0000000000 
_pdbx_struct_oper_list.vector[1]            0.0000000000 
_pdbx_struct_oper_list.matrix[2][1]         0.0000000000 
_pdbx_struct_oper_list.matrix[2][2]         1.0000000000 
_pdbx_struct_oper_list.matrix[2][3]         0.0000000000 
_pdbx_struct_oper_list.vector[2]            0.0000000000 
_pdbx_struct_oper_list.matrix[3][1]         0.0000000000 
_pdbx_struct_oper_list.matrix[3][2]         0.0000000000 
_pdbx_struct_oper_list.matrix[3][3]         1.0000000000 
_pdbx_struct_oper_list.vector[3]            0.0000000000 
# 
loop_
_struct_conf.conf_type_id 
_struct_conf.id 
_struct_conf.pdbx_PDB_helix_id 
_struct_conf.beg_label_comp_id 
_struct_conf.beg_label_asym_id 
_struct_conf.beg_label_seq_id 
_struct_conf.pdbx_beg_PDB_ins_code 
_struct_conf.end_label_comp_id 
_struct_conf.end_label_asym_id 
_struct_conf.end_label_seq_id 
_struct_conf.pdbx_end_PDB_ins_code 
_struct_conf.beg_auth_comp_id 
_struct_conf.beg_auth_asym_id 
_struct_conf.beg_auth_seq_id 
_struct_conf.end_auth_comp_id 
_struct_conf.end_auth_asym_id 
_struct_conf.end_auth_seq_id 
_struct_conf.pdbx_PDB_helix_class 
_struct_conf.details 
_struct_conf.pdbx_PDB_helix_length 
HELX_P HELX_P1  AA1 GLY A 12  ? GLY A 33  ? GLY A 94  GLY A 115 1 ? 22 
HELX_P HELX_P2  AA2 GLY A 33  ? ALA A 42  ? GLY A 115 ALA A 124 1 ? 10 
HELX_P HELX_P3  AA3 ASP A 46  ? PHE A 53  ? ASP A 128 PHE A 135 5 ? 8  
HELX_P HELX_P4  AA4 TRP A 54  ? HIS A 59  ? TRP A 136 HIS A 141 1 ? 6  
HELX_P HELX_P5  AA5 ALA A 60  ? MET A 62  ? ALA A 142 MET A 144 5 ? 3  
HELX_P HELX_P6  AA6 SER A 65  ? GLY A 88  ? SER A 147 GLY A 170 1 ? 24 
HELX_P HELX_P7  AA7 GLY A 88  ? GLY A 112 ? GLY A 170 GLY A 194 1 ? 25 
HELX_P HELX_P8  AA8 LEU A 118 ? ARG A 135 ? LEU A 200 ARG A 217 1 ? 18 
HELX_P HELX_P9  AA9 ASP A 136 ? GLY A 140 ? ASP A 218 GLY A 222 5 ? 5  
HELX_P HELX_P10 AB1 GLN A 144 ? ASP A 161 ? GLN A 226 ASP A 243 1 ? 18 
HELX_P HELX_P11 AB2 ALA A 168 ? LEU A 188 ? ALA A 250 LEU A 270 1 ? 21 
# 
_struct_conf_type.id          HELX_P 
_struct_conf_type.criteria    ? 
_struct_conf_type.reference   ? 
# 
loop_
_struct_conn.id 
_struct_conn.conn_type_id 
_struct_conn.pdbx_leaving_atom_flag 
_struct_conn.pdbx_PDB_id 
_struct_conn.ptnr1_label_asym_id 
_struct_conn.ptnr1_label_comp_id 
_struct_conn.ptnr1_label_seq_id 
_struct_conn.ptnr1_label_atom_id 
_struct_conn.pdbx_ptnr1_label_alt_id 
_struct_conn.pdbx_ptnr1_PDB_ins_code 
_struct_conn.pdbx_ptnr1_standard_comp_id 
_struct_conn.ptnr1_symmetry 
_struct_conn.ptnr2_label_asym_id 
_struct_conn.ptnr2_label_comp_id 
_struct_conn.ptnr2_label_seq_id 
_struct_conn.ptnr2_label_atom_id 
_struct_conn.pdbx_ptnr2_label_alt_id 
_struct_conn.pdbx_ptnr2_PDB_ins_code 
_struct_conn.ptnr1_auth_asym_id 
_struct_conn.ptnr1_auth_comp_id 
_struct_conn.ptnr1_auth_seq_id 
_struct_conn.ptnr2_auth_asym_id 
_struct_conn.ptnr2_auth_comp_id 
_struct_conn.ptnr2_auth_seq_id 
_struct_conn.ptnr2_symmetry 
_struct_conn.pdbx_ptnr3_label_atom_id 
_struct_conn.pdbx_ptnr3_label_seq_id 
_struct_conn.pdbx_ptnr3_label_comp_id 
_struct_conn.pdbx_ptnr3_label_asym_id 
_struct_conn.pdbx_ptnr3_label_alt_id 
_struct_conn.pdbx_ptnr3_PDB_ins_code 
_struct_conn.details 
_struct_conn.pdbx_dist_value 
_struct_conn.pdbx_value_order 
_struct_conn.pdbx_role 
covale1 covale none ? A SER 119 OG ? ? ? 1_555 B B2A 5 B ? ? A SER 201 B B2A 503 1_555 ? ? ? ? ? ? ? 1.569 ? ? 
covale2 covale both ? B ACE 1   C  ? ? ? 1_555 B VAL 2 N ? ? B ACE 499 B VAL 500 1_555 ? ? ? ? ? ? ? 1.341 ? ? 
covale3 covale both ? B MET 4   C  ? ? ? 1_555 B B2A 5 N ? ? B MET 502 B B2A 503 1_555 ? ? ? ? ? ? ? 1.335 ? ? 
# 
_struct_conn_type.id          covale 
_struct_conn_type.criteria    ? 
_struct_conn_type.reference   ? 
# 
loop_
_pdbx_modification_feature.ordinal 
_pdbx_modification_feature.label_comp_id 
_pdbx_modification_feature.label_asym_id 
_pdbx_modification_feature.label_seq_id 
_pdbx_modification_feature.label_alt_id 
_pdbx_modification_feature.modified_residue_label_comp_id 
_pdbx_modification_feature.modified_residue_label_asym_id 
_pdbx_modification_feature.modified_residue_label_seq_id 
_pdbx_modification_feature.modified_residue_label_alt_id 
_pdbx_modification_feature.auth_comp_id 
_pdbx_modification_feature.auth_asym_id 
_pdbx_modification_feature.auth_seq_id 
_pdbx_modification_feature.PDB_ins_code 
_pdbx_modification_feature.symmetry 
_pdbx_modification_feature.modified_residue_auth_comp_id 
_pdbx_modification_feature.modified_residue_auth_asym_id 
_pdbx_modification_feature.modified_residue_auth_seq_id 
_pdbx_modification_feature.modified_residue_PDB_ins_code 
_pdbx_modification_feature.modified_residue_symmetry 
_pdbx_modification_feature.comp_id_linking_atom 
_pdbx_modification_feature.modified_residue_id_linking_atom 
_pdbx_modification_feature.modified_residue_id 
_pdbx_modification_feature.ref_pcm_id 
_pdbx_modification_feature.ref_comp_id 
_pdbx_modification_feature.type 
_pdbx_modification_feature.category 
1 B2A B 5   ? .   . . . B2A B 503 ? 1_555 .   . .   . .     .  . ALA 1 B2A None 'Non-standard residue' 
2 ACE B 1   ? VAL B 2 ? ACE B 499 ? 1_555 VAL B 500 ? 1_555 .  . VAL 2 ACE None 'Terminal acetylation' 
3 SER A 119 ? B2A B 5 ? SER A 201 ? 1_555 B2A B 503 ? 1_555 OG B .   . .   None 'Non-standard linkage' 
# 
_struct_sheet.id               AA1 
_struct_sheet.type             ? 
_struct_sheet.number_strands   2 
_struct_sheet.details          ? 
# 
_struct_sheet_order.sheet_id     AA1 
_struct_sheet_order.range_id_1   1 
_struct_sheet_order.range_id_2   2 
_struct_sheet_order.offset       ? 
_struct_sheet_order.sense        parallel 
# 
loop_
_struct_sheet_range.sheet_id 
_struct_sheet_range.id 
_struct_sheet_range.beg_label_comp_id 
_struct_sheet_range.beg_label_asym_id 
_struct_sheet_range.beg_label_seq_id 
_struct_sheet_range.pdbx_beg_PDB_ins_code 
_struct_sheet_range.end_label_comp_id 
_struct_sheet_range.end_label_asym_id 
_struct_sheet_range.end_label_seq_id 
_struct_sheet_range.pdbx_end_PDB_ins_code 
_struct_sheet_range.beg_auth_comp_id 
_struct_sheet_range.beg_auth_asym_id 
_struct_sheet_range.beg_auth_seq_id 
_struct_sheet_range.end_auth_comp_id 
_struct_sheet_range.end_auth_asym_id 
_struct_sheet_range.end_auth_seq_id 
AA1 1 PHE A 115 ? GLY A 116 ? PHE A 197 GLY A 198 
AA1 2 ARG B 3   ? MET B 4   ? ARG B 501 MET B 502 
# 
_pdbx_struct_sheet_hbond.sheet_id                AA1 
_pdbx_struct_sheet_hbond.range_id_1              1 
_pdbx_struct_sheet_hbond.range_id_2              2 
_pdbx_struct_sheet_hbond.range_1_label_atom_id   N 
_pdbx_struct_sheet_hbond.range_1_label_comp_id   GLY 
_pdbx_struct_sheet_hbond.range_1_label_asym_id   A 
_pdbx_struct_sheet_hbond.range_1_label_seq_id    116 
_pdbx_struct_sheet_hbond.range_1_PDB_ins_code    ? 
_pdbx_struct_sheet_hbond.range_1_auth_atom_id    N 
_pdbx_struct_sheet_hbond.range_1_auth_comp_id    GLY 
_pdbx_struct_sheet_hbond.range_1_auth_asym_id    A 
_pdbx_struct_sheet_hbond.range_1_auth_seq_id     198 
_pdbx_struct_sheet_hbond.range_2_label_atom_id   O 
_pdbx_struct_sheet_hbond.range_2_label_comp_id   ARG 
_pdbx_struct_sheet_hbond.range_2_label_asym_id   B 
_pdbx_struct_sheet_hbond.range_2_label_seq_id    3 
_pdbx_struct_sheet_hbond.range_2_PDB_ins_code    ? 
_pdbx_struct_sheet_hbond.range_2_auth_atom_id    O 
_pdbx_struct_sheet_hbond.range_2_auth_comp_id    ARG 
_pdbx_struct_sheet_hbond.range_2_auth_asym_id    B 
_pdbx_struct_sheet_hbond.range_2_auth_seq_id     501 
# 
_pdbx_entry_details.entry_id                   6VJ9 
_pdbx_entry_details.has_ligand_of_interest     Y 
_pdbx_entry_details.compound_details           ? 
_pdbx_entry_details.source_details             ? 
_pdbx_entry_details.nonpolymer_details         ? 
_pdbx_entry_details.sequence_details           ? 
_pdbx_entry_details.has_protein_modification   Y 
# 
loop_
_pdbx_validate_torsion.id 
_pdbx_validate_torsion.PDB_model_num 
_pdbx_validate_torsion.auth_comp_id 
_pdbx_validate_torsion.auth_asym_id 
_pdbx_validate_torsion.auth_seq_id 
_pdbx_validate_torsion.PDB_ins_code 
_pdbx_validate_torsion.label_alt_id 
_pdbx_validate_torsion.phi 
_pdbx_validate_torsion.psi 
1 1 GLU A 134 ? ? -69.35  85.70  
2 1 ASP A 218 ? ? -167.19 43.21  
3 1 ARG A 227 ? ? -29.41  -58.91 
4 1 PHE A 245 ? ? -14.57  -31.21 
# 
_pdbx_validate_peptide_omega.id               1 
_pdbx_validate_peptide_omega.PDB_model_num    1 
_pdbx_validate_peptide_omega.auth_comp_id_1   SER 
_pdbx_validate_peptide_omega.auth_asym_id_1   A 
_pdbx_validate_peptide_omega.auth_seq_id_1    221 
_pdbx_validate_peptide_omega.PDB_ins_code_1   ? 
_pdbx_validate_peptide_omega.label_alt_id_1   ? 
_pdbx_validate_peptide_omega.auth_comp_id_2   GLY 
_pdbx_validate_peptide_omega.auth_asym_id_2   A 
_pdbx_validate_peptide_omega.auth_seq_id_2    222 
_pdbx_validate_peptide_omega.PDB_ins_code_2   ? 
_pdbx_validate_peptide_omega.label_alt_id_2   ? 
_pdbx_validate_peptide_omega.omega            137.59 
# 
_pdbx_molecule_features.prd_id    PRD_002373 
_pdbx_molecule_features.name      ACE-VAL-ARG-MET-B2A 
_pdbx_molecule_features.type      Oligopeptide 
_pdbx_molecule_features.class     Inhibitor 
_pdbx_molecule_features.details   ? 
# 
_pdbx_molecule.instance_id   1 
_pdbx_molecule.prd_id        PRD_002373 
_pdbx_molecule.asym_id       B 
# 
_pdbx_struct_special_symmetry.id              1 
_pdbx_struct_special_symmetry.PDB_model_num   1 
_pdbx_struct_special_symmetry.auth_asym_id    A 
_pdbx_struct_special_symmetry.auth_comp_id    HOH 
_pdbx_struct_special_symmetry.auth_seq_id     318 
_pdbx_struct_special_symmetry.PDB_ins_code    ? 
_pdbx_struct_special_symmetry.label_asym_id   C 
_pdbx_struct_special_symmetry.label_comp_id   HOH 
_pdbx_struct_special_symmetry.label_seq_id    . 
# 
_pdbx_distant_solvent_atoms.id                                1 
_pdbx_distant_solvent_atoms.PDB_model_num                     1 
_pdbx_distant_solvent_atoms.auth_atom_id                      O 
_pdbx_distant_solvent_atoms.label_alt_id                      ? 
_pdbx_distant_solvent_atoms.auth_asym_id                      A 
_pdbx_distant_solvent_atoms.auth_comp_id                      HOH 
_pdbx_distant_solvent_atoms.auth_seq_id                       318 
_pdbx_distant_solvent_atoms.PDB_ins_code                      ? 
_pdbx_distant_solvent_atoms.neighbor_macromolecule_distance   7.41 
_pdbx_distant_solvent_atoms.neighbor_ligand_distance          . 
# 
loop_
_pdbx_unobs_or_zero_occ_residues.id 
_pdbx_unobs_or_zero_occ_residues.PDB_model_num 
_pdbx_unobs_or_zero_occ_residues.polymer_flag 
_pdbx_unobs_or_zero_occ_residues.occupancy_flag 
_pdbx_unobs_or_zero_occ_residues.auth_asym_id 
_pdbx_unobs_or_zero_occ_residues.auth_comp_id 
_pdbx_unobs_or_zero_occ_residues.auth_seq_id 
_pdbx_unobs_or_zero_occ_residues.PDB_ins_code 
_pdbx_unobs_or_zero_occ_residues.label_asym_id 
_pdbx_unobs_or_zero_occ_residues.label_comp_id 
_pdbx_unobs_or_zero_occ_residues.label_seq_id 
1  1 Y 1 A GLY 83  ? A GLY 1   
2  1 Y 1 A SER 84  ? A SER 2   
3  1 Y 1 A HIS 85  ? A HIS 3   
4  1 Y 1 A MET 86  ? A MET 4   
5  1 Y 1 A ALA 87  ? A ALA 5   
6  1 Y 1 A ALA 88  ? A ALA 6   
7  1 Y 1 A LEU 89  ? A LEU 7   
8  1 Y 1 A ARG 90  ? A ARG 8   
9  1 Y 1 A GLU 91  ? A GLU 9   
10 1 Y 1 A ARG 92  ? A ARG 10  
11 1 Y 1 A ALA 272 ? A ALA 190 
12 1 Y 1 A ARG 273 ? A ARG 191 
13 1 Y 1 A LYS 274 ? A LYS 192 
14 1 Y 1 A ARG 275 ? A ARG 193 
15 1 Y 1 A LYS 276 ? A LYS 194 
# 
loop_
_chem_comp_atom.comp_id 
_chem_comp_atom.atom_id 
_chem_comp_atom.type_symbol 
_chem_comp_atom.pdbx_aromatic_flag 
_chem_comp_atom.pdbx_stereo_config 
_chem_comp_atom.pdbx_ordinal 
ACE C    C N N 1   
ACE O    O N N 2   
ACE CH3  C N N 3   
ACE H    H N N 4   
ACE H1   H N N 5   
ACE H2   H N N 6   
ACE H3   H N N 7   
ALA N    N N N 8   
ALA CA   C N S 9   
ALA C    C N N 10  
ALA O    O N N 11  
ALA CB   C N N 12  
ALA OXT  O N N 13  
ALA H    H N N 14  
ALA H2   H N N 15  
ALA HA   H N N 16  
ALA HB1  H N N 17  
ALA HB2  H N N 18  
ALA HB3  H N N 19  
ALA HXT  H N N 20  
ARG N    N N N 21  
ARG CA   C N S 22  
ARG C    C N N 23  
ARG O    O N N 24  
ARG CB   C N N 25  
ARG CG   C N N 26  
ARG CD   C N N 27  
ARG NE   N N N 28  
ARG CZ   C N N 29  
ARG NH1  N N N 30  
ARG NH2  N N N 31  
ARG OXT  O N N 32  
ARG H    H N N 33  
ARG H2   H N N 34  
ARG HA   H N N 35  
ARG HB2  H N N 36  
ARG HB3  H N N 37  
ARG HG2  H N N 38  
ARG HG3  H N N 39  
ARG HD2  H N N 40  
ARG HD3  H N N 41  
ARG HE   H N N 42  
ARG HH11 H N N 43  
ARG HH12 H N N 44  
ARG HH21 H N N 45  
ARG HH22 H N N 46  
ARG HXT  H N N 47  
ASN N    N N N 48  
ASN CA   C N S 49  
ASN C    C N N 50  
ASN O    O N N 51  
ASN CB   C N N 52  
ASN CG   C N N 53  
ASN OD1  O N N 54  
ASN ND2  N N N 55  
ASN OXT  O N N 56  
ASN H    H N N 57  
ASN H2   H N N 58  
ASN HA   H N N 59  
ASN HB2  H N N 60  
ASN HB3  H N N 61  
ASN HD21 H N N 62  
ASN HD22 H N N 63  
ASN HXT  H N N 64  
ASP N    N N N 65  
ASP CA   C N S 66  
ASP C    C N N 67  
ASP O    O N N 68  
ASP CB   C N N 69  
ASP CG   C N N 70  
ASP OD1  O N N 71  
ASP OD2  O N N 72  
ASP OXT  O N N 73  
ASP H    H N N 74  
ASP H2   H N N 75  
ASP HA   H N N 76  
ASP HB2  H N N 77  
ASP HB3  H N N 78  
ASP HD2  H N N 79  
ASP HXT  H N N 80  
B2A N    N N N 81  
B2A CA   C N R 82  
B2A CB   C N N 83  
B2A B    B N N 84  
B2A O1   O N N 85  
B2A O2   O N N 86  
B2A H    H N N 87  
B2A H2   H N N 88  
B2A HA   H N N 89  
B2A HB1  H N N 90  
B2A HB2  H N N 91  
B2A HB3  H N N 92  
B2A HO1  H N N 93  
B2A HO2  H N N 94  
CYS N    N N N 95  
CYS CA   C N R 96  
CYS C    C N N 97  
CYS O    O N N 98  
CYS CB   C N N 99  
CYS SG   S N N 100 
CYS OXT  O N N 101 
CYS H    H N N 102 
CYS H2   H N N 103 
CYS HA   H N N 104 
CYS HB2  H N N 105 
CYS HB3  H N N 106 
CYS HG   H N N 107 
CYS HXT  H N N 108 
GLN N    N N N 109 
GLN CA   C N S 110 
GLN C    C N N 111 
GLN O    O N N 112 
GLN CB   C N N 113 
GLN CG   C N N 114 
GLN CD   C N N 115 
GLN OE1  O N N 116 
GLN NE2  N N N 117 
GLN OXT  O N N 118 
GLN H    H N N 119 
GLN H2   H N N 120 
GLN HA   H N N 121 
GLN HB2  H N N 122 
GLN HB3  H N N 123 
GLN HG2  H N N 124 
GLN HG3  H N N 125 
GLN HE21 H N N 126 
GLN HE22 H N N 127 
GLN HXT  H N N 128 
GLU N    N N N 129 
GLU CA   C N S 130 
GLU C    C N N 131 
GLU O    O N N 132 
GLU CB   C N N 133 
GLU CG   C N N 134 
GLU CD   C N N 135 
GLU OE1  O N N 136 
GLU OE2  O N N 137 
GLU OXT  O N N 138 
GLU H    H N N 139 
GLU H2   H N N 140 
GLU HA   H N N 141 
GLU HB2  H N N 142 
GLU HB3  H N N 143 
GLU HG2  H N N 144 
GLU HG3  H N N 145 
GLU HE2  H N N 146 
GLU HXT  H N N 147 
GLY N    N N N 148 
GLY CA   C N N 149 
GLY C    C N N 150 
GLY O    O N N 151 
GLY OXT  O N N 152 
GLY H    H N N 153 
GLY H2   H N N 154 
GLY HA2  H N N 155 
GLY HA3  H N N 156 
GLY HXT  H N N 157 
HIS N    N N N 158 
HIS CA   C N S 159 
HIS C    C N N 160 
HIS O    O N N 161 
HIS CB   C N N 162 
HIS CG   C Y N 163 
HIS ND1  N Y N 164 
HIS CD2  C Y N 165 
HIS CE1  C Y N 166 
HIS NE2  N Y N 167 
HIS OXT  O N N 168 
HIS H    H N N 169 
HIS H2   H N N 170 
HIS HA   H N N 171 
HIS HB2  H N N 172 
HIS HB3  H N N 173 
HIS HD1  H N N 174 
HIS HD2  H N N 175 
HIS HE1  H N N 176 
HIS HE2  H N N 177 
HIS HXT  H N N 178 
HOH O    O N N 179 
HOH H1   H N N 180 
HOH H2   H N N 181 
ILE N    N N N 182 
ILE CA   C N S 183 
ILE C    C N N 184 
ILE O    O N N 185 
ILE CB   C N S 186 
ILE CG1  C N N 187 
ILE CG2  C N N 188 
ILE CD1  C N N 189 
ILE OXT  O N N 190 
ILE H    H N N 191 
ILE H2   H N N 192 
ILE HA   H N N 193 
ILE HB   H N N 194 
ILE HG12 H N N 195 
ILE HG13 H N N 196 
ILE HG21 H N N 197 
ILE HG22 H N N 198 
ILE HG23 H N N 199 
ILE HD11 H N N 200 
ILE HD12 H N N 201 
ILE HD13 H N N 202 
ILE HXT  H N N 203 
LEU N    N N N 204 
LEU CA   C N S 205 
LEU C    C N N 206 
LEU O    O N N 207 
LEU CB   C N N 208 
LEU CG   C N N 209 
LEU CD1  C N N 210 
LEU CD2  C N N 211 
LEU OXT  O N N 212 
LEU H    H N N 213 
LEU H2   H N N 214 
LEU HA   H N N 215 
LEU HB2  H N N 216 
LEU HB3  H N N 217 
LEU HG   H N N 218 
LEU HD11 H N N 219 
LEU HD12 H N N 220 
LEU HD13 H N N 221 
LEU HD21 H N N 222 
LEU HD22 H N N 223 
LEU HD23 H N N 224 
LEU HXT  H N N 225 
LYS N    N N N 226 
LYS CA   C N S 227 
LYS C    C N N 228 
LYS O    O N N 229 
LYS CB   C N N 230 
LYS CG   C N N 231 
LYS CD   C N N 232 
LYS CE   C N N 233 
LYS NZ   N N N 234 
LYS OXT  O N N 235 
LYS H    H N N 236 
LYS H2   H N N 237 
LYS HA   H N N 238 
LYS HB2  H N N 239 
LYS HB3  H N N 240 
LYS HG2  H N N 241 
LYS HG3  H N N 242 
LYS HD2  H N N 243 
LYS HD3  H N N 244 
LYS HE2  H N N 245 
LYS HE3  H N N 246 
LYS HZ1  H N N 247 
LYS HZ2  H N N 248 
LYS HZ3  H N N 249 
LYS HXT  H N N 250 
MET N    N N N 251 
MET CA   C N S 252 
MET C    C N N 253 
MET O    O N N 254 
MET CB   C N N 255 
MET CG   C N N 256 
MET SD   S N N 257 
MET CE   C N N 258 
MET OXT  O N N 259 
MET H    H N N 260 
MET H2   H N N 261 
MET HA   H N N 262 
MET HB2  H N N 263 
MET HB3  H N N 264 
MET HG2  H N N 265 
MET HG3  H N N 266 
MET HE1  H N N 267 
MET HE2  H N N 268 
MET HE3  H N N 269 
MET HXT  H N N 270 
PHE N    N N N 271 
PHE CA   C N S 272 
PHE C    C N N 273 
PHE O    O N N 274 
PHE CB   C N N 275 
PHE CG   C Y N 276 
PHE CD1  C Y N 277 
PHE CD2  C Y N 278 
PHE CE1  C Y N 279 
PHE CE2  C Y N 280 
PHE CZ   C Y N 281 
PHE OXT  O N N 282 
PHE H    H N N 283 
PHE H2   H N N 284 
PHE HA   H N N 285 
PHE HB2  H N N 286 
PHE HB3  H N N 287 
PHE HD1  H N N 288 
PHE HD2  H N N 289 
PHE HE1  H N N 290 
PHE HE2  H N N 291 
PHE HZ   H N N 292 
PHE HXT  H N N 293 
PRO N    N N N 294 
PRO CA   C N S 295 
PRO C    C N N 296 
PRO O    O N N 297 
PRO CB   C N N 298 
PRO CG   C N N 299 
PRO CD   C N N 300 
PRO OXT  O N N 301 
PRO H    H N N 302 
PRO HA   H N N 303 
PRO HB2  H N N 304 
PRO HB3  H N N 305 
PRO HG2  H N N 306 
PRO HG3  H N N 307 
PRO HD2  H N N 308 
PRO HD3  H N N 309 
PRO HXT  H N N 310 
SER N    N N N 311 
SER CA   C N S 312 
SER C    C N N 313 
SER O    O N N 314 
SER CB   C N N 315 
SER OG   O N N 316 
SER OXT  O N N 317 
SER H    H N N 318 
SER H2   H N N 319 
SER HA   H N N 320 
SER HB2  H N N 321 
SER HB3  H N N 322 
SER HG   H N N 323 
SER HXT  H N N 324 
THR N    N N N 325 
THR CA   C N S 326 
THR C    C N N 327 
THR O    O N N 328 
THR CB   C N R 329 
THR OG1  O N N 330 
THR CG2  C N N 331 
THR OXT  O N N 332 
THR H    H N N 333 
THR H2   H N N 334 
THR HA   H N N 335 
THR HB   H N N 336 
THR HG1  H N N 337 
THR HG21 H N N 338 
THR HG22 H N N 339 
THR HG23 H N N 340 
THR HXT  H N N 341 
TRP N    N N N 342 
TRP CA   C N S 343 
TRP C    C N N 344 
TRP O    O N N 345 
TRP CB   C N N 346 
TRP CG   C Y N 347 
TRP CD1  C Y N 348 
TRP CD2  C Y N 349 
TRP NE1  N Y N 350 
TRP CE2  C Y N 351 
TRP CE3  C Y N 352 
TRP CZ2  C Y N 353 
TRP CZ3  C Y N 354 
TRP CH2  C Y N 355 
TRP OXT  O N N 356 
TRP H    H N N 357 
TRP H2   H N N 358 
TRP HA   H N N 359 
TRP HB2  H N N 360 
TRP HB3  H N N 361 
TRP HD1  H N N 362 
TRP HE1  H N N 363 
TRP HE3  H N N 364 
TRP HZ2  H N N 365 
TRP HZ3  H N N 366 
TRP HH2  H N N 367 
TRP HXT  H N N 368 
TYR N    N N N 369 
TYR CA   C N S 370 
TYR C    C N N 371 
TYR O    O N N 372 
TYR CB   C N N 373 
TYR CG   C Y N 374 
TYR CD1  C Y N 375 
TYR CD2  C Y N 376 
TYR CE1  C Y N 377 
TYR CE2  C Y N 378 
TYR CZ   C Y N 379 
TYR OH   O N N 380 
TYR OXT  O N N 381 
TYR H    H N N 382 
TYR H2   H N N 383 
TYR HA   H N N 384 
TYR HB2  H N N 385 
TYR HB3  H N N 386 
TYR HD1  H N N 387 
TYR HD2  H N N 388 
TYR HE1  H N N 389 
TYR HE2  H N N 390 
TYR HH   H N N 391 
TYR HXT  H N N 392 
VAL N    N N N 393 
VAL CA   C N S 394 
VAL C    C N N 395 
VAL O    O N N 396 
VAL CB   C N N 397 
VAL CG1  C N N 398 
VAL CG2  C N N 399 
VAL OXT  O N N 400 
VAL H    H N N 401 
VAL H2   H N N 402 
VAL HA   H N N 403 
VAL HB   H N N 404 
VAL HG11 H N N 405 
VAL HG12 H N N 406 
VAL HG13 H N N 407 
VAL HG21 H N N 408 
VAL HG22 H N N 409 
VAL HG23 H N N 410 
VAL HXT  H N N 411 
# 
loop_
_chem_comp_bond.comp_id 
_chem_comp_bond.atom_id_1 
_chem_comp_bond.atom_id_2 
_chem_comp_bond.value_order 
_chem_comp_bond.pdbx_aromatic_flag 
_chem_comp_bond.pdbx_stereo_config 
_chem_comp_bond.pdbx_ordinal 
ACE C   O    doub N N 1   
ACE C   CH3  sing N N 2   
ACE C   H    sing N N 3   
ACE CH3 H1   sing N N 4   
ACE CH3 H2   sing N N 5   
ACE CH3 H3   sing N N 6   
ALA N   CA   sing N N 7   
ALA N   H    sing N N 8   
ALA N   H2   sing N N 9   
ALA CA  C    sing N N 10  
ALA CA  CB   sing N N 11  
ALA CA  HA   sing N N 12  
ALA C   O    doub N N 13  
ALA C   OXT  sing N N 14  
ALA CB  HB1  sing N N 15  
ALA CB  HB2  sing N N 16  
ALA CB  HB3  sing N N 17  
ALA OXT HXT  sing N N 18  
ARG N   CA   sing N N 19  
ARG N   H    sing N N 20  
ARG N   H2   sing N N 21  
ARG CA  C    sing N N 22  
ARG CA  CB   sing N N 23  
ARG CA  HA   sing N N 24  
ARG C   O    doub N N 25  
ARG C   OXT  sing N N 26  
ARG CB  CG   sing N N 27  
ARG CB  HB2  sing N N 28  
ARG CB  HB3  sing N N 29  
ARG CG  CD   sing N N 30  
ARG CG  HG2  sing N N 31  
ARG CG  HG3  sing N N 32  
ARG CD  NE   sing N N 33  
ARG CD  HD2  sing N N 34  
ARG CD  HD3  sing N N 35  
ARG NE  CZ   sing N N 36  
ARG NE  HE   sing N N 37  
ARG CZ  NH1  sing N N 38  
ARG CZ  NH2  doub N N 39  
ARG NH1 HH11 sing N N 40  
ARG NH1 HH12 sing N N 41  
ARG NH2 HH21 sing N N 42  
ARG NH2 HH22 sing N N 43  
ARG OXT HXT  sing N N 44  
ASN N   CA   sing N N 45  
ASN N   H    sing N N 46  
ASN N   H2   sing N N 47  
ASN CA  C    sing N N 48  
ASN CA  CB   sing N N 49  
ASN CA  HA   sing N N 50  
ASN C   O    doub N N 51  
ASN C   OXT  sing N N 52  
ASN CB  CG   sing N N 53  
ASN CB  HB2  sing N N 54  
ASN CB  HB3  sing N N 55  
ASN CG  OD1  doub N N 56  
ASN CG  ND2  sing N N 57  
ASN ND2 HD21 sing N N 58  
ASN ND2 HD22 sing N N 59  
ASN OXT HXT  sing N N 60  
ASP N   CA   sing N N 61  
ASP N   H    sing N N 62  
ASP N   H2   sing N N 63  
ASP CA  C    sing N N 64  
ASP CA  CB   sing N N 65  
ASP CA  HA   sing N N 66  
ASP C   O    doub N N 67  
ASP C   OXT  sing N N 68  
ASP CB  CG   sing N N 69  
ASP CB  HB2  sing N N 70  
ASP CB  HB3  sing N N 71  
ASP CG  OD1  doub N N 72  
ASP CG  OD2  sing N N 73  
ASP OD2 HD2  sing N N 74  
ASP OXT HXT  sing N N 75  
B2A N   CA   sing N N 76  
B2A N   H    sing N N 77  
B2A N   H2   sing N N 78  
B2A CA  CB   sing N N 79  
B2A CA  B    sing N N 80  
B2A CA  HA   sing N N 81  
B2A CB  HB1  sing N N 82  
B2A CB  HB2  sing N N 83  
B2A CB  HB3  sing N N 84  
B2A B   O1   sing N N 85  
B2A B   O2   sing N N 86  
B2A O1  HO1  sing N N 87  
B2A O2  HO2  sing N N 88  
CYS N   CA   sing N N 89  
CYS N   H    sing N N 90  
CYS N   H2   sing N N 91  
CYS CA  C    sing N N 92  
CYS CA  CB   sing N N 93  
CYS CA  HA   sing N N 94  
CYS C   O    doub N N 95  
CYS C   OXT  sing N N 96  
CYS CB  SG   sing N N 97  
CYS CB  HB2  sing N N 98  
CYS CB  HB3  sing N N 99  
CYS SG  HG   sing N N 100 
CYS OXT HXT  sing N N 101 
GLN N   CA   sing N N 102 
GLN N   H    sing N N 103 
GLN N   H2   sing N N 104 
GLN CA  C    sing N N 105 
GLN CA  CB   sing N N 106 
GLN CA  HA   sing N N 107 
GLN C   O    doub N N 108 
GLN C   OXT  sing N N 109 
GLN CB  CG   sing N N 110 
GLN CB  HB2  sing N N 111 
GLN CB  HB3  sing N N 112 
GLN CG  CD   sing N N 113 
GLN CG  HG2  sing N N 114 
GLN CG  HG3  sing N N 115 
GLN CD  OE1  doub N N 116 
GLN CD  NE2  sing N N 117 
GLN NE2 HE21 sing N N 118 
GLN NE2 HE22 sing N N 119 
GLN OXT HXT  sing N N 120 
GLU N   CA   sing N N 121 
GLU N   H    sing N N 122 
GLU N   H2   sing N N 123 
GLU CA  C    sing N N 124 
GLU CA  CB   sing N N 125 
GLU CA  HA   sing N N 126 
GLU C   O    doub N N 127 
GLU C   OXT  sing N N 128 
GLU CB  CG   sing N N 129 
GLU CB  HB2  sing N N 130 
GLU CB  HB3  sing N N 131 
GLU CG  CD   sing N N 132 
GLU CG  HG2  sing N N 133 
GLU CG  HG3  sing N N 134 
GLU CD  OE1  doub N N 135 
GLU CD  OE2  sing N N 136 
GLU OE2 HE2  sing N N 137 
GLU OXT HXT  sing N N 138 
GLY N   CA   sing N N 139 
GLY N   H    sing N N 140 
GLY N   H2   sing N N 141 
GLY CA  C    sing N N 142 
GLY CA  HA2  sing N N 143 
GLY CA  HA3  sing N N 144 
GLY C   O    doub N N 145 
GLY C   OXT  sing N N 146 
GLY OXT HXT  sing N N 147 
HIS N   CA   sing N N 148 
HIS N   H    sing N N 149 
HIS N   H2   sing N N 150 
HIS CA  C    sing N N 151 
HIS CA  CB   sing N N 152 
HIS CA  HA   sing N N 153 
HIS C   O    doub N N 154 
HIS C   OXT  sing N N 155 
HIS CB  CG   sing N N 156 
HIS CB  HB2  sing N N 157 
HIS CB  HB3  sing N N 158 
HIS CG  ND1  sing Y N 159 
HIS CG  CD2  doub Y N 160 
HIS ND1 CE1  doub Y N 161 
HIS ND1 HD1  sing N N 162 
HIS CD2 NE2  sing Y N 163 
HIS CD2 HD2  sing N N 164 
HIS CE1 NE2  sing Y N 165 
HIS CE1 HE1  sing N N 166 
HIS NE2 HE2  sing N N 167 
HIS OXT HXT  sing N N 168 
HOH O   H1   sing N N 169 
HOH O   H2   sing N N 170 
ILE N   CA   sing N N 171 
ILE N   H    sing N N 172 
ILE N   H2   sing N N 173 
ILE CA  C    sing N N 174 
ILE CA  CB   sing N N 175 
ILE CA  HA   sing N N 176 
ILE C   O    doub N N 177 
ILE C   OXT  sing N N 178 
ILE CB  CG1  sing N N 179 
ILE CB  CG2  sing N N 180 
ILE CB  HB   sing N N 181 
ILE CG1 CD1  sing N N 182 
ILE CG1 HG12 sing N N 183 
ILE CG1 HG13 sing N N 184 
ILE CG2 HG21 sing N N 185 
ILE CG2 HG22 sing N N 186 
ILE CG2 HG23 sing N N 187 
ILE CD1 HD11 sing N N 188 
ILE CD1 HD12 sing N N 189 
ILE CD1 HD13 sing N N 190 
ILE OXT HXT  sing N N 191 
LEU N   CA   sing N N 192 
LEU N   H    sing N N 193 
LEU N   H2   sing N N 194 
LEU CA  C    sing N N 195 
LEU CA  CB   sing N N 196 
LEU CA  HA   sing N N 197 
LEU C   O    doub N N 198 
LEU C   OXT  sing N N 199 
LEU CB  CG   sing N N 200 
LEU CB  HB2  sing N N 201 
LEU CB  HB3  sing N N 202 
LEU CG  CD1  sing N N 203 
LEU CG  CD2  sing N N 204 
LEU CG  HG   sing N N 205 
LEU CD1 HD11 sing N N 206 
LEU CD1 HD12 sing N N 207 
LEU CD1 HD13 sing N N 208 
LEU CD2 HD21 sing N N 209 
LEU CD2 HD22 sing N N 210 
LEU CD2 HD23 sing N N 211 
LEU OXT HXT  sing N N 212 
LYS N   CA   sing N N 213 
LYS N   H    sing N N 214 
LYS N   H2   sing N N 215 
LYS CA  C    sing N N 216 
LYS CA  CB   sing N N 217 
LYS CA  HA   sing N N 218 
LYS C   O    doub N N 219 
LYS C   OXT  sing N N 220 
LYS CB  CG   sing N N 221 
LYS CB  HB2  sing N N 222 
LYS CB  HB3  sing N N 223 
LYS CG  CD   sing N N 224 
LYS CG  HG2  sing N N 225 
LYS CG  HG3  sing N N 226 
LYS CD  CE   sing N N 227 
LYS CD  HD2  sing N N 228 
LYS CD  HD3  sing N N 229 
LYS CE  NZ   sing N N 230 
LYS CE  HE2  sing N N 231 
LYS CE  HE3  sing N N 232 
LYS NZ  HZ1  sing N N 233 
LYS NZ  HZ2  sing N N 234 
LYS NZ  HZ3  sing N N 235 
LYS OXT HXT  sing N N 236 
MET N   CA   sing N N 237 
MET N   H    sing N N 238 
MET N   H2   sing N N 239 
MET CA  C    sing N N 240 
MET CA  CB   sing N N 241 
MET CA  HA   sing N N 242 
MET C   O    doub N N 243 
MET C   OXT  sing N N 244 
MET CB  CG   sing N N 245 
MET CB  HB2  sing N N 246 
MET CB  HB3  sing N N 247 
MET CG  SD   sing N N 248 
MET CG  HG2  sing N N 249 
MET CG  HG3  sing N N 250 
MET SD  CE   sing N N 251 
MET CE  HE1  sing N N 252 
MET CE  HE2  sing N N 253 
MET CE  HE3  sing N N 254 
MET OXT HXT  sing N N 255 
PHE N   CA   sing N N 256 
PHE N   H    sing N N 257 
PHE N   H2   sing N N 258 
PHE CA  C    sing N N 259 
PHE CA  CB   sing N N 260 
PHE CA  HA   sing N N 261 
PHE C   O    doub N N 262 
PHE C   OXT  sing N N 263 
PHE CB  CG   sing N N 264 
PHE CB  HB2  sing N N 265 
PHE CB  HB3  sing N N 266 
PHE CG  CD1  doub Y N 267 
PHE CG  CD2  sing Y N 268 
PHE CD1 CE1  sing Y N 269 
PHE CD1 HD1  sing N N 270 
PHE CD2 CE2  doub Y N 271 
PHE CD2 HD2  sing N N 272 
PHE CE1 CZ   doub Y N 273 
PHE CE1 HE1  sing N N 274 
PHE CE2 CZ   sing Y N 275 
PHE CE2 HE2  sing N N 276 
PHE CZ  HZ   sing N N 277 
PHE OXT HXT  sing N N 278 
PRO N   CA   sing N N 279 
PRO N   CD   sing N N 280 
PRO N   H    sing N N 281 
PRO CA  C    sing N N 282 
PRO CA  CB   sing N N 283 
PRO CA  HA   sing N N 284 
PRO C   O    doub N N 285 
PRO C   OXT  sing N N 286 
PRO CB  CG   sing N N 287 
PRO CB  HB2  sing N N 288 
PRO CB  HB3  sing N N 289 
PRO CG  CD   sing N N 290 
PRO CG  HG2  sing N N 291 
PRO CG  HG3  sing N N 292 
PRO CD  HD2  sing N N 293 
PRO CD  HD3  sing N N 294 
PRO OXT HXT  sing N N 295 
SER N   CA   sing N N 296 
SER N   H    sing N N 297 
SER N   H2   sing N N 298 
SER CA  C    sing N N 299 
SER CA  CB   sing N N 300 
SER CA  HA   sing N N 301 
SER C   O    doub N N 302 
SER C   OXT  sing N N 303 
SER CB  OG   sing N N 304 
SER CB  HB2  sing N N 305 
SER CB  HB3  sing N N 306 
SER OG  HG   sing N N 307 
SER OXT HXT  sing N N 308 
THR N   CA   sing N N 309 
THR N   H    sing N N 310 
THR N   H2   sing N N 311 
THR CA  C    sing N N 312 
THR CA  CB   sing N N 313 
THR CA  HA   sing N N 314 
THR C   O    doub N N 315 
THR C   OXT  sing N N 316 
THR CB  OG1  sing N N 317 
THR CB  CG2  sing N N 318 
THR CB  HB   sing N N 319 
THR OG1 HG1  sing N N 320 
THR CG2 HG21 sing N N 321 
THR CG2 HG22 sing N N 322 
THR CG2 HG23 sing N N 323 
THR OXT HXT  sing N N 324 
TRP N   CA   sing N N 325 
TRP N   H    sing N N 326 
TRP N   H2   sing N N 327 
TRP CA  C    sing N N 328 
TRP CA  CB   sing N N 329 
TRP CA  HA   sing N N 330 
TRP C   O    doub N N 331 
TRP C   OXT  sing N N 332 
TRP CB  CG   sing N N 333 
TRP CB  HB2  sing N N 334 
TRP CB  HB3  sing N N 335 
TRP CG  CD1  doub Y N 336 
TRP CG  CD2  sing Y N 337 
TRP CD1 NE1  sing Y N 338 
TRP CD1 HD1  sing N N 339 
TRP CD2 CE2  doub Y N 340 
TRP CD2 CE3  sing Y N 341 
TRP NE1 CE2  sing Y N 342 
TRP NE1 HE1  sing N N 343 
TRP CE2 CZ2  sing Y N 344 
TRP CE3 CZ3  doub Y N 345 
TRP CE3 HE3  sing N N 346 
TRP CZ2 CH2  doub Y N 347 
TRP CZ2 HZ2  sing N N 348 
TRP CZ3 CH2  sing Y N 349 
TRP CZ3 HZ3  sing N N 350 
TRP CH2 HH2  sing N N 351 
TRP OXT HXT  sing N N 352 
TYR N   CA   sing N N 353 
TYR N   H    sing N N 354 
TYR N   H2   sing N N 355 
TYR CA  C    sing N N 356 
TYR CA  CB   sing N N 357 
TYR CA  HA   sing N N 358 
TYR C   O    doub N N 359 
TYR C   OXT  sing N N 360 
TYR CB  CG   sing N N 361 
TYR CB  HB2  sing N N 362 
TYR CB  HB3  sing N N 363 
TYR CG  CD1  doub Y N 364 
TYR CG  CD2  sing Y N 365 
TYR CD1 CE1  sing Y N 366 
TYR CD1 HD1  sing N N 367 
TYR CD2 CE2  doub Y N 368 
TYR CD2 HD2  sing N N 369 
TYR CE1 CZ   doub Y N 370 
TYR CE1 HE1  sing N N 371 
TYR CE2 CZ   sing Y N 372 
TYR CE2 HE2  sing N N 373 
TYR CZ  OH   sing N N 374 
TYR OH  HH   sing N N 375 
TYR OXT HXT  sing N N 376 
VAL N   CA   sing N N 377 
VAL N   H    sing N N 378 
VAL N   H2   sing N N 379 
VAL CA  C    sing N N 380 
VAL CA  CB   sing N N 381 
VAL CA  HA   sing N N 382 
VAL C   O    doub N N 383 
VAL C   OXT  sing N N 384 
VAL CB  CG1  sing N N 385 
VAL CB  CG2  sing N N 386 
VAL CB  HB   sing N N 387 
VAL CG1 HG11 sing N N 388 
VAL CG1 HG12 sing N N 389 
VAL CG1 HG13 sing N N 390 
VAL CG2 HG21 sing N N 391 
VAL CG2 HG22 sing N N 392 
VAL CG2 HG23 sing N N 393 
VAL OXT HXT  sing N N 394 
# 
_pdbx_audit_support.funding_organization   
'National Institutes of Health/National Institute of Diabetes and Digestive and Kidney Disease (NIH/NIDDK)' 
_pdbx_audit_support.country                'United States' 
_pdbx_audit_support.grant_number           R01AI066025 
_pdbx_audit_support.ordinal                1 
# 
_pdbx_initial_refinement_model.id               1 
_pdbx_initial_refinement_model.entity_id_list   ? 
_pdbx_initial_refinement_model.type             'experimental model' 
_pdbx_initial_refinement_model.source_name      PDB 
_pdbx_initial_refinement_model.accession_code   2IC8 
_pdbx_initial_refinement_model.details          'PDB entry 2IC8' 
# 
_atom_sites.entry_id                    6VJ9 
_atom_sites.Cartn_transf_matrix[1][1]   ? 
_atom_sites.Cartn_transf_matrix[1][2]   ? 
_atom_sites.Cartn_transf_matrix[1][3]   ? 
_atom_sites.Cartn_transf_matrix[2][1]   ? 
_atom_sites.Cartn_transf_matrix[2][2]   ? 
_atom_sites.Cartn_transf_matrix[2][3]   ? 
_atom_sites.Cartn_transf_matrix[3][1]   ? 
_atom_sites.Cartn_transf_matrix[3][2]   ? 
_atom_sites.Cartn_transf_matrix[3][3]   ? 
_atom_sites.Cartn_transf_vector[1]      ? 
_atom_sites.Cartn_transf_vector[2]      ? 
_atom_sites.Cartn_transf_vector[3]      ? 
_atom_sites.fract_transf_matrix[1][1]   0.00998471 
_atom_sites.fract_transf_matrix[1][2]   -0.00232242 
_atom_sites.fract_transf_matrix[1][3]   -0.00159031 
_atom_sites.fract_transf_matrix[2][1]   0.00686363 
_atom_sites.fract_transf_matrix[2][2]   0.00106202 
_atom_sites.fract_transf_matrix[2][3]   0.00770601 
_atom_sites.fract_transf_matrix[3][1]   -0.00138896 
_atom_sites.fract_transf_matrix[3][2]   -0.00752917 
_atom_sites.fract_transf_matrix[3][3]   0.00227477 
_atom_sites.fract_transf_vector[1]      0.122313 
_atom_sites.fract_transf_vector[2]      0.201838 
_atom_sites.fract_transf_vector[3]      -0.151424 
_atom_sites.solution_primary            ? 
_atom_sites.solution_secondary          ? 
_atom_sites.solution_hydrogens          ? 
_atom_sites.special_details             ? 
# 
loop_
_atom_type.symbol 
B 
C 
N 
O 
S 
# 
loop_
_atom_site.group_PDB 
_atom_site.id 
_atom_site.type_symbol 
_atom_site.label_atom_id 
_atom_site.label_alt_id 
_atom_site.label_comp_id 
_atom_site.label_asym_id 
_atom_site.label_entity_id 
_atom_site.label_seq_id 
_atom_site.pdbx_PDB_ins_code 
_atom_site.Cartn_x 
_atom_site.Cartn_y 
_atom_site.Cartn_z 
_atom_site.occupancy 
_atom_site.B_iso_or_equiv 
_atom_site.pdbx_formal_charge 
_atom_site.auth_seq_id 
_atom_site.auth_comp_id 
_atom_site.auth_asym_id 
_atom_site.auth_atom_id 
_atom_site.pdbx_PDB_model_num 
ATOM   1    N N   . ALA A 1 11  ? 1.886   11.107  -15.328 1.00 86.37  ? 93  ALA A N   1 
ATOM   2    C CA  . ALA A 1 11  ? 2.221   10.454  -14.013 1.00 89.06  ? 93  ALA A CA  1 
ATOM   3    C C   . ALA A 1 11  ? 3.737   10.381  -13.831 1.00 93.14  ? 93  ALA A C   1 
ATOM   4    O O   . ALA A 1 11  ? 4.441   9.860   -14.695 1.00 92.85  ? 93  ALA A O   1 
ATOM   5    C CB  . ALA A 1 11  ? 1.607   9.080   -13.939 1.00 80.93  ? 93  ALA A CB  1 
ATOM   6    N N   . GLY A 1 12  ? 4.210   10.884  -12.678 1.00 77.25  ? 94  GLY A N   1 
ATOM   7    C CA  . GLY A 1 12  ? 5.617   10.964  -12.316 1.00 65.86  ? 94  GLY A CA  1 
ATOM   8    C C   . GLY A 1 12  ? 6.329   9.608   -12.268 1.00 68.76  ? 94  GLY A C   1 
ATOM   9    O O   . GLY A 1 12  ? 5.686   8.550   -12.294 1.00 71.40  ? 94  GLY A O   1 
ATOM   10   N N   . PRO A 1 13  ? 7.687   9.634   -12.209 1.00 60.69  ? 95  PRO A N   1 
ATOM   11   C CA  . PRO A 1 13  ? 8.537   8.437   -12.190 1.00 59.07  ? 95  PRO A CA  1 
ATOM   12   C C   . PRO A 1 13  ? 8.342   7.433   -11.057 1.00 59.10  ? 95  PRO A C   1 
ATOM   13   O O   . PRO A 1 13  ? 8.458   6.233   -11.293 1.00 65.31  ? 95  PRO A O   1 
ATOM   14   C CB  . PRO A 1 13  ? 9.974   8.986   -12.071 1.00 61.51  ? 95  PRO A CB  1 
ATOM   15   C CG  . PRO A 1 13  ? 9.805   10.408  -11.593 1.00 62.51  ? 95  PRO A CG  1 
ATOM   16   C CD  . PRO A 1 13  ? 8.499   10.865  -12.208 1.00 61.27  ? 95  PRO A CD  1 
ATOM   17   N N   . VAL A 1 14  ? 8.076   7.925   -9.840  1.00 53.74  ? 96  VAL A N   1 
ATOM   18   C CA  . VAL A 1 14  ? 7.856   7.053   -8.698  1.00 52.32  ? 96  VAL A CA  1 
ATOM   19   C C   . VAL A 1 14  ? 6.557   6.277   -8.893  1.00 53.95  ? 96  VAL A C   1 
ATOM   20   O O   . VAL A 1 14  ? 6.500   5.069   -8.622  1.00 54.32  ? 96  VAL A O   1 
ATOM   21   C CB  . VAL A 1 14  ? 7.859   7.837   -7.375  1.00 51.55  ? 96  VAL A CB  1 
ATOM   22   C CG1 . VAL A 1 14  ? 7.659   6.917   -6.180  1.00 46.79  ? 96  VAL A CG1 1 
ATOM   23   C CG2 . VAL A 1 14  ? 9.145   8.630   -7.220  1.00 55.41  ? 96  VAL A CG2 1 
ATOM   24   N N   . THR A 1 15  ? 5.517   6.993   -9.351  1.00 54.22  ? 97  THR A N   1 
ATOM   25   C CA  . THR A 1 15  ? 4.223   6.375   -9.594  1.00 54.32  ? 97  THR A CA  1 
ATOM   26   C C   . THR A 1 15  ? 4.393   5.284   -10.641 1.00 48.55  ? 97  THR A C   1 
ATOM   27   O O   . THR A 1 15  ? 3.908   4.175   -10.460 1.00 54.48  ? 97  THR A O   1 
ATOM   28   C CB  . THR A 1 15  ? 3.143   7.373   -10.036 1.00 55.52  ? 97  THR A CB  1 
ATOM   29   O OG1 . THR A 1 15  ? 3.006   8.441   -9.097  1.00 55.42  ? 97  THR A OG1 1 
ATOM   30   C CG2 . THR A 1 15  ? 1.798   6.698   -10.192 1.00 53.35  ? 97  THR A CG2 1 
ATOM   31   N N   . TRP A 1 16  ? 5.139   5.612   -11.695 1.00 50.14  ? 98  TRP A N   1 
ATOM   32   C CA  . TRP A 1 16  ? 5.409   4.745   -12.828 1.00 54.80  ? 98  TRP A CA  1 
ATOM   33   C C   . TRP A 1 16  ? 6.261   3.522   -12.454 1.00 58.18  ? 98  TRP A C   1 
ATOM   34   O O   . TRP A 1 16  ? 5.818   2.395   -12.703 1.00 59.07  ? 98  TRP A O   1 
ATOM   35   C CB  . TRP A 1 16  ? 6.012   5.611   -13.933 1.00 58.23  ? 98  TRP A CB  1 
ATOM   36   C CG  . TRP A 1 16  ? 6.637   4.915   -15.103 1.00 68.96  ? 98  TRP A CG  1 
ATOM   37   C CD1 . TRP A 1 16  ? 7.927   5.048   -15.547 1.00 69.25  ? 98  TRP A CD1 1 
ATOM   38   C CD2 . TRP A 1 16  ? 5.976   4.052   -16.044 1.00 69.97  ? 98  TRP A CD2 1 
ATOM   39   N NE1 . TRP A 1 16  ? 8.125   4.312   -16.684 1.00 68.20  ? 98  TRP A NE1 1 
ATOM   40   C CE2 . TRP A 1 16  ? 6.944   3.686   -17.012 1.00 74.07  ? 98  TRP A CE2 1 
ATOM   41   C CE3 . TRP A 1 16  ? 4.672   3.553   -16.157 1.00 64.10  ? 98  TRP A CE3 1 
ATOM   42   C CZ2 . TRP A 1 16  ? 6.638   2.829   -18.073 1.00 65.62  ? 98  TRP A CZ2 1 
ATOM   43   C CZ3 . TRP A 1 16  ? 4.377   2.704   -17.201 1.00 73.68  ? 98  TRP A CZ3 1 
ATOM   44   C CH2 . TRP A 1 16  ? 5.347   2.353   -18.147 1.00 76.19  ? 98  TRP A CH2 1 
ATOM   45   N N   . VAL A 1 17  ? 7.456   3.718   -11.845 1.00 54.43  ? 99  VAL A N   1 
ATOM   46   C CA  . VAL A 1 17  ? 8.328   2.583   -11.542 1.00 57.77  ? 99  VAL A CA  1 
ATOM   47   C C   . VAL A 1 17  ? 7.639   1.628   -10.577 1.00 55.34  ? 99  VAL A C   1 
ATOM   48   O O   . VAL A 1 17  ? 7.869   0.417   -10.640 1.00 50.66  ? 99  VAL A O   1 
ATOM   49   C CB  . VAL A 1 17  ? 9.749   2.909   -11.028 1.00 65.11  ? 99  VAL A CB  1 
ATOM   50   C CG1 . VAL A 1 17  ? 10.581  3.694   -12.026 1.00 68.33  ? 99  VAL A CG1 1 
ATOM   51   C CG2 . VAL A 1 17  ? 9.753   3.563   -9.654  1.00 75.50  ? 99  VAL A CG2 1 
ATOM   52   N N   . MET A 1 18  ? 6.794   2.166   -9.690  1.00 50.67  ? 100 MET A N   1 
ATOM   53   C CA  . MET A 1 18  ? 6.097   1.258   -8.796  1.00 53.54  ? 100 MET A CA  1 
ATOM   54   C C   . MET A 1 18  ? 5.106   0.377   -9.573  1.00 56.89  ? 100 MET A C   1 
ATOM   55   O O   . MET A 1 18  ? 4.928   -0.807  -9.251  1.00 59.89  ? 100 MET A O   1 
ATOM   56   C CB  . MET A 1 18  ? 5.427   2.011   -7.648  1.00 50.20  ? 100 MET A CB  1 
ATOM   57   C CG  . MET A 1 18  ? 4.429   1.155   -6.859  1.00 65.55  ? 100 MET A CG  1 
ATOM   58   S SD  . MET A 1 18  ? 5.215   -0.043  -5.721  1.00 75.40  ? 100 MET A SD  1 
ATOM   59   C CE  . MET A 1 18  ? 5.815   1.074   -4.451  1.00 60.51  ? 100 MET A CE  1 
ATOM   60   N N   . MET A 1 19  ? 4.475   0.942   -10.612 1.00 51.52  ? 101 MET A N   1 
ATOM   61   C CA  . MET A 1 19  ? 3.535   0.173   -11.413 1.00 56.86  ? 101 MET A CA  1 
ATOM   62   C C   . MET A 1 19  ? 4.280   -0.898  -12.201 1.00 54.86  ? 101 MET A C   1 
ATOM   63   O O   . MET A 1 19  ? 3.914   -2.084  -12.158 1.00 49.85  ? 101 MET A O   1 
ATOM   64   C CB  . MET A 1 19  ? 2.738   1.092   -12.338 1.00 60.33  ? 101 MET A CB  1 
ATOM   65   C CG  . MET A 1 19  ? 1.839   2.011   -11.530 1.00 62.91  ? 101 MET A CG  1 
ATOM   66   S SD  . MET A 1 19  ? 0.635   2.972   -12.468 1.00 69.10  ? 101 MET A SD  1 
ATOM   67   C CE  . MET A 1 19  ? 1.682   4.282   -13.100 1.00 70.88  ? 101 MET A CE  1 
ATOM   68   N N   . ILE A 1 20  ? 5.372   -0.468  -12.854 1.00 55.33  ? 102 ILE A N   1 
ATOM   69   C CA  . ILE A 1 20  ? 6.264   -1.387  -13.553 1.00 61.11  ? 102 ILE A CA  1 
ATOM   70   C C   . ILE A 1 20  ? 6.635   -2.553  -12.639 1.00 59.09  ? 102 ILE A C   1 
ATOM   71   O O   . ILE A 1 20  ? 6.419   -3.700  -13.015 1.00 57.90  ? 102 ILE A O   1 
ATOM   72   C CB  . ILE A 1 20  ? 7.530   -0.685  -14.075 1.00 64.23  ? 102 ILE A CB  1 
ATOM   73   C CG1 . ILE A 1 20  ? 7.225   0.220   -15.264 1.00 68.96  ? 102 ILE A CG1 1 
ATOM   74   C CG2 . ILE A 1 20  ? 8.615   -1.695  -14.423 1.00 65.63  ? 102 ILE A CG2 1 
ATOM   75   C CD1 . ILE A 1 20  ? 8.250   1.315   -15.422 1.00 74.01  ? 102 ILE A CD1 1 
ATOM   76   N N   . ALA A 1 21  ? 7.200   -2.244  -11.453 1.00 54.62  ? 103 ALA A N   1 
ATOM   77   C CA  . ALA A 1 21  ? 7.733   -3.266  -10.563 1.00 49.54  ? 103 ALA A CA  1 
ATOM   78   C C   . ALA A 1 21  ? 6.617   -4.212  -10.144 1.00 49.10  ? 103 ALA A C   1 
ATOM   79   O O   . ALA A 1 21  ? 6.825   -5.412  -10.096 1.00 55.04  ? 103 ALA A O   1 
ATOM   80   C CB  . ALA A 1 21  ? 8.436   -2.666  -9.365  1.00 46.83  ? 103 ALA A CB  1 
ATOM   81   N N   . CYS A 1 22  ? 5.435   -3.669  -9.844  1.00 47.57  ? 104 CYS A N   1 
ATOM   82   C CA  . CYS A 1 22  ? 4.335   -4.540  -9.473  1.00 57.45  ? 104 CYS A CA  1 
ATOM   83   C C   . CYS A 1 22  ? 3.957   -5.475  -10.618 1.00 56.79  ? 104 CYS A C   1 
ATOM   84   O O   . CYS A 1 22  ? 3.574   -6.629  -10.380 1.00 57.15  ? 104 CYS A O   1 
ATOM   85   C CB  . CYS A 1 22  ? 3.131   -3.738  -9.009  1.00 61.28  ? 104 CYS A CB  1 
ATOM   86   S SG  . CYS A 1 22  ? 3.459   -3.008  -7.392  1.00 62.56  ? 104 CYS A SG  1 
ATOM   87   N N   . VAL A 1 23  ? 4.099   -4.970  -11.849 1.00 50.83  ? 105 VAL A N   1 
ATOM   88   C CA  . VAL A 1 23  ? 3.803   -5.794  -13.013 1.00 57.71  ? 105 VAL A CA  1 
ATOM   89   C C   . VAL A 1 23  ? 4.857   -6.895  -13.242 1.00 53.41  ? 105 VAL A C   1 
ATOM   90   O O   . VAL A 1 23  ? 4.496   -8.079  -13.321 1.00 54.30  ? 105 VAL A O   1 
ATOM   91   C CB  . VAL A 1 23  ? 3.491   -4.942  -14.253 1.00 54.99  ? 105 VAL A CB  1 
ATOM   92   C CG1 . VAL A 1 23  ? 3.453   -5.806  -15.503 1.00 62.15  ? 105 VAL A CG1 1 
ATOM   93   C CG2 . VAL A 1 23  ? 2.159   -4.227  -14.081 1.00 52.11  ? 105 VAL A CG2 1 
ATOM   94   N N   . VAL A 1 24  ? 6.142   -6.515  -13.337 1.00 47.27  ? 106 VAL A N   1 
ATOM   95   C CA  . VAL A 1 24  ? 7.254   -7.456  -13.424 1.00 47.84  ? 106 VAL A CA  1 
ATOM   96   C C   . VAL A 1 24  ? 7.061   -8.562  -12.376 1.00 52.80  ? 106 VAL A C   1 
ATOM   97   O O   . VAL A 1 24  ? 7.082   -9.750  -12.705 1.00 49.04  ? 106 VAL A O   1 
ATOM   98   C CB  . VAL A 1 24  ? 8.606   -6.729  -13.265 1.00 52.86  ? 106 VAL A CB  1 
ATOM   99   C CG1 . VAL A 1 24  ? 9.779   -7.696  -13.173 1.00 47.31  ? 106 VAL A CG1 1 
ATOM   100  C CG2 . VAL A 1 24  ? 8.835   -5.681  -14.357 1.00 51.54  ? 106 VAL A CG2 1 
ATOM   101  N N   . VAL A 1 25  ? 6.792   -8.168  -11.118 1.00 52.04  ? 107 VAL A N   1 
ATOM   102  C CA  . VAL A 1 25  ? 6.614   -9.120  -10.030 1.00 49.58  ? 107 VAL A CA  1 
ATOM   103  C C   . VAL A 1 25  ? 5.398   -10.001 -10.298 1.00 48.18  ? 107 VAL A C   1 
ATOM   104  O O   . VAL A 1 25  ? 5.421   -11.181 -9.970  1.00 50.04  ? 107 VAL A O   1 
ATOM   105  C CB  . VAL A 1 25  ? 6.570   -8.498  -8.610  1.00 44.90  ? 107 VAL A CB  1 
ATOM   106  C CG1 . VAL A 1 25  ? 6.293   -9.549  -7.532  1.00 36.63  ? 107 VAL A CG1 1 
ATOM   107  C CG2 . VAL A 1 25  ? 7.856   -7.763  -8.263  1.00 41.74  ? 107 VAL A CG2 1 
ATOM   108  N N   . PHE A 1 26  ? 4.341   -9.436  -10.887 1.00 52.99  ? 108 PHE A N   1 
ATOM   109  C CA  . PHE A 1 26  ? 3.113   -10.203 -11.084 1.00 56.60  ? 108 PHE A CA  1 
ATOM   110  C C   . PHE A 1 26  ? 3.320   -11.293 -12.143 1.00 56.85  ? 108 PHE A C   1 
ATOM   111  O O   . PHE A 1 26  ? 2.938   -12.454 -11.930 1.00 54.41  ? 108 PHE A O   1 
ATOM   112  C CB  . PHE A 1 26  ? 1.935   -9.284  -11.435 1.00 50.90  ? 108 PHE A CB  1 
ATOM   113  C CG  . PHE A 1 26  ? 0.583   -9.956  -11.386 1.00 47.61  ? 108 PHE A CG  1 
ATOM   114  C CD1 . PHE A 1 26  ? -0.169  -10.141 -12.544 1.00 48.62  ? 108 PHE A CD1 1 
ATOM   115  C CD2 . PHE A 1 26  ? 0.057   -10.414 -10.187 1.00 48.39  ? 108 PHE A CD2 1 
ATOM   116  C CE1 . PHE A 1 26  ? -1.412  -10.764 -12.500 1.00 45.82  ? 108 PHE A CE1 1 
ATOM   117  C CE2 . PHE A 1 26  ? -1.186  -11.043 -10.148 1.00 55.55  ? 108 PHE A CE2 1 
ATOM   118  C CZ  . PHE A 1 26  ? -1.922  -11.216 -11.306 1.00 48.50  ? 108 PHE A CZ  1 
ATOM   119  N N   . ILE A 1 27  ? 3.891   -10.888 -13.287 1.00 46.48  ? 109 ILE A N   1 
ATOM   120  C CA  . ILE A 1 27  ? 4.386   -11.798 -14.309 1.00 54.96  ? 109 ILE A CA  1 
ATOM   121  C C   . ILE A 1 27  ? 5.234   -12.911 -13.683 1.00 54.50  ? 109 ILE A C   1 
ATOM   122  O O   . ILE A 1 27  ? 4.932   -14.086 -13.888 1.00 56.04  ? 109 ILE A O   1 
ATOM   123  C CB  . ILE A 1 27  ? 5.190   -11.050 -15.385 1.00 54.63  ? 109 ILE A CB  1 
ATOM   124  C CG1 . ILE A 1 27  ? 4.328   -10.004 -16.100 1.00 58.39  ? 109 ILE A CG1 1 
ATOM   125  C CG2 . ILE A 1 27  ? 5.785   -12.053 -16.354 1.00 50.19  ? 109 ILE A CG2 1 
ATOM   126  C CD1 . ILE A 1 27  ? 5.109   -9.136  -17.065 1.00 58.55  ? 109 ILE A CD1 1 
ATOM   127  N N   . ALA A 1 28  ? 6.287   -12.544 -12.929 1.00 50.33  ? 110 ALA A N   1 
ATOM   128  C CA  . ALA A 1 28  ? 7.133   -13.527 -12.254 1.00 51.42  ? 110 ALA A CA  1 
ATOM   129  C C   . ALA A 1 28  ? 6.305   -14.503 -11.412 1.00 53.86  ? 110 ALA A C   1 
ATOM   130  O O   . ALA A 1 28  ? 6.679   -15.657 -11.240 1.00 62.41  ? 110 ALA A O   1 
ATOM   131  C CB  . ALA A 1 28  ? 8.204   -12.851 -11.436 1.00 46.91  ? 110 ALA A CB  1 
ATOM   132  N N   . MET A 1 29  ? 5.154   -14.058 -10.914 1.00 52.63  ? 111 MET A N   1 
ATOM   133  C CA  . MET A 1 29  ? 4.356   -14.900 -10.048 1.00 58.08  ? 111 MET A CA  1 
ATOM   134  C C   . MET A 1 29  ? 3.559   -15.887 -10.893 1.00 60.96  ? 111 MET A C   1 
ATOM   135  O O   . MET A 1 29  ? 3.233   -16.991 -10.449 1.00 59.80  ? 111 MET A O   1 
ATOM   136  C CB  . MET A 1 29  ? 3.431   -14.032 -9.190  1.00 56.72  ? 111 MET A CB  1 
ATOM   137  C CG  . MET A 1 29  ? 4.213   -13.259 -8.126  1.00 59.96  ? 111 MET A CG  1 
ATOM   138  S SD  . MET A 1 29  ? 3.212   -12.191 -7.050  1.00 52.88  ? 111 MET A SD  1 
ATOM   139  C CE  . MET A 1 29  ? 2.644   -13.380 -5.834  1.00 38.78  ? 111 MET A CE  1 
ATOM   140  N N   . GLN A 1 30  ? 3.262   -15.474 -12.125 1.00 54.41  ? 112 GLN A N   1 
ATOM   141  C CA  . GLN A 1 30  ? 2.448   -16.308 -12.991 1.00 62.94  ? 112 GLN A CA  1 
ATOM   142  C C   . GLN A 1 30  ? 3.347   -17.402 -13.574 1.00 62.39  ? 112 GLN A C   1 
ATOM   143  O O   . GLN A 1 30  ? 2.935   -18.555 -13.672 1.00 63.21  ? 112 GLN A O   1 
ATOM   144  C CB  . GLN A 1 30  ? 1.810   -15.487 -14.119 1.00 64.69  ? 112 GLN A CB  1 
ATOM   145  C CG  . GLN A 1 30  ? 0.684   -14.522 -13.739 1.00 60.53  ? 112 GLN A CG  1 
ATOM   146  C CD  . GLN A 1 30  ? -0.051  -14.763 -12.446 1.00 59.43  ? 112 GLN A CD  1 
ATOM   147  O OE1 . GLN A 1 30  ? -0.874  -15.666 -12.317 1.00 56.03  ? 112 GLN A OE1 1 
ATOM   148  N NE2 . GLN A 1 30  ? 0.235   -13.913 -11.471 1.00 60.87  ? 112 GLN A NE2 1 
ATOM   149  N N   . ILE A 1 31  ? 4.583   -17.015 -13.922 1.00 51.90  ? 113 ILE A N   1 
ATOM   150  C CA  . ILE A 1 31  ? 5.582   -17.893 -14.513 1.00 54.09  ? 113 ILE A CA  1 
ATOM   151  C C   . ILE A 1 31  ? 6.081   -18.892 -13.475 1.00 60.56  ? 113 ILE A C   1 
ATOM   152  O O   . ILE A 1 31  ? 5.908   -20.085 -13.680 1.00 77.31  ? 113 ILE A O   1 
ATOM   153  C CB  . ILE A 1 31  ? 6.743   -17.104 -15.154 1.00 54.90  ? 113 ILE A CB  1 
ATOM   154  C CG1 . ILE A 1 31  ? 6.284   -16.244 -16.333 1.00 52.43  ? 113 ILE A CG1 1 
ATOM   155  C CG2 . ILE A 1 31  ? 7.865   -18.042 -15.568 1.00 56.19  ? 113 ILE A CG2 1 
ATOM   156  C CD1 . ILE A 1 31  ? 7.321   -15.237 -16.799 1.00 54.28  ? 113 ILE A CD1 1 
ATOM   157  N N   . LEU A 1 32  ? 6.681   -18.409 -12.371 1.00 63.90  ? 114 LEU A N   1 
ATOM   158  C CA  . LEU A 1 32  ? 7.397   -19.248 -11.411 1.00 57.04  ? 114 LEU A CA  1 
ATOM   159  C C   . LEU A 1 32  ? 6.470   -19.805 -10.330 1.00 55.28  ? 114 LEU A C   1 
ATOM   160  O O   . LEU A 1 32  ? 6.891   -20.655 -9.551  1.00 64.18  ? 114 LEU A O   1 
ATOM   161  C CB  . LEU A 1 32  ? 8.541   -18.463 -10.746 1.00 57.34  ? 114 LEU A CB  1 
ATOM   162  C CG  . LEU A 1 32  ? 9.385   -17.527 -11.622 1.00 60.45  ? 114 LEU A CG  1 
ATOM   163  C CD1 . LEU A 1 32  ? 10.272  -16.636 -10.755 1.00 59.03  ? 114 LEU A CD1 1 
ATOM   164  C CD2 . LEU A 1 32  ? 10.251  -18.302 -12.606 1.00 59.73  ? 114 LEU A CD2 1 
ATOM   165  N N   . GLY A 1 33  ? 5.241   -19.285 -10.216 1.00 61.64  ? 115 GLY A N   1 
ATOM   166  C CA  . GLY A 1 33  ? 4.390   -19.601 -9.067  1.00 56.72  ? 115 GLY A CA  1 
ATOM   167  C C   . GLY A 1 33  ? 4.510   -18.605 -7.901  1.00 60.27  ? 115 GLY A C   1 
ATOM   168  O O   . GLY A 1 33  ? 5.564   -18.021 -7.639  1.00 62.51  ? 115 GLY A O   1 
ATOM   169  N N   . ASP A 1 34  ? 3.410   -18.444 -7.162  1.00 60.19  ? 116 ASP A N   1 
ATOM   170  C CA  . ASP A 1 34  ? 3.311   -17.537 -6.026  1.00 62.38  ? 116 ASP A CA  1 
ATOM   171  C C   . ASP A 1 34  ? 4.346   -17.854 -4.939  1.00 58.60  ? 116 ASP A C   1 
ATOM   172  O O   . ASP A 1 34  ? 5.018   -16.936 -4.465  1.00 62.49  ? 116 ASP A O   1 
ATOM   173  C CB  . ASP A 1 34  ? 1.890   -17.524 -5.449  1.00 65.05  ? 116 ASP A CB  1 
ATOM   174  C CG  . ASP A 1 34  ? 0.849   -16.857 -6.333  1.00 65.51  ? 116 ASP A CG  1 
ATOM   175  O OD1 . ASP A 1 34  ? 1.242   -16.179 -7.317  1.00 68.33  ? 116 ASP A OD1 1 
ATOM   176  O OD2 . ASP A 1 34  ? -0.348  -16.988 -6.007  1.00 73.54  ? 116 ASP A OD2 1 
ATOM   177  N N   . GLN A 1 35  ? 4.446   -19.129 -4.523  1.00 59.46  ? 117 GLN A N   1 
ATOM   178  C CA  . GLN A 1 35  ? 5.299   -19.547 -3.414  1.00 64.59  ? 117 GLN A CA  1 
ATOM   179  C C   . GLN A 1 35  ? 6.763   -19.272 -3.729  1.00 61.86  ? 117 GLN A C   1 
ATOM   180  O O   . GLN A 1 35  ? 7.528   -18.843 -2.864  1.00 60.46  ? 117 GLN A O   1 
ATOM   181  C CB  . GLN A 1 35  ? 5.178   -21.041 -3.126  1.00 66.99  ? 117 GLN A CB  1 
ATOM   182  C CG  . GLN A 1 35  ? 4.039   -21.377 -2.186  1.00 86.14  ? 117 GLN A CG  1 
ATOM   183  C CD  . GLN A 1 35  ? 2.688   -21.213 -2.844  1.00 99.63  ? 117 GLN A CD  1 
ATOM   184  O OE1 . GLN A 1 35  ? 2.535   -21.351 -4.062  1.00 96.75  ? 117 GLN A OE1 1 
ATOM   185  N NE2 . GLN A 1 35  ? 1.685   -20.924 -2.025  1.00 113.16 ? 117 GLN A NE2 1 
ATOM   186  N N   . GLU A 1 36  ? 7.136   -19.531 -4.981  1.00 59.91  ? 118 GLU A N   1 
ATOM   187  C CA  . GLU A 1 36  ? 8.509   -19.330 -5.401  1.00 65.11  ? 118 GLU A CA  1 
ATOM   188  C C   . GLU A 1 36  ? 8.888   -17.853 -5.249  1.00 60.52  ? 118 GLU A C   1 
ATOM   189  O O   . GLU A 1 36  ? 10.002  -17.538 -4.831  1.00 61.91  ? 118 GLU A O   1 
ATOM   190  C CB  . GLU A 1 36  ? 8.764   -20.011 -6.756  1.00 69.63  ? 118 GLU A CB  1 
ATOM   191  C CG  . GLU A 1 36  ? 9.321   -21.441 -6.629  1.00 84.84  ? 118 GLU A CG  1 
ATOM   192  C CD  . GLU A 1 36  ? 10.593  -21.636 -5.791  1.00 88.49  ? 118 GLU A CD  1 
ATOM   193  O OE1 . GLU A 1 36  ? 11.522  -20.810 -5.933  1.00 90.20  ? 118 GLU A OE1 1 
ATOM   194  O OE2 . GLU A 1 36  ? 10.665  -22.611 -4.979  1.00 74.78  ? 118 GLU A OE2 1 
ATOM   195  N N   . VAL A 1 37  ? 7.951   -16.949 -5.566  1.00 59.13  ? 119 VAL A N   1 
ATOM   196  C CA  . VAL A 1 37  ? 8.247   -15.526 -5.532  1.00 58.47  ? 119 VAL A CA  1 
ATOM   197  C C   . VAL A 1 37  ? 8.173   -15.043 -4.079  1.00 61.32  ? 119 VAL A C   1 
ATOM   198  O O   . VAL A 1 37  ? 9.030   -14.280 -3.640  1.00 59.95  ? 119 VAL A O   1 
ATOM   199  C CB  . VAL A 1 37  ? 7.391   -14.704 -6.520  1.00 54.40  ? 119 VAL A CB  1 
ATOM   200  C CG1 . VAL A 1 37  ? 7.600   -13.209 -6.349  1.00 54.27  ? 119 VAL A CG1 1 
ATOM   201  C CG2 . VAL A 1 37  ? 7.684   -15.083 -7.963  1.00 52.63  ? 119 VAL A CG2 1 
ATOM   202  N N   . MET A 1 38  ? 7.202   -15.549 -3.308  1.00 53.27  ? 120 MET A N   1 
ATOM   203  C CA  . MET A 1 38  ? 7.120   -15.243 -1.889  1.00 55.09  ? 120 MET A CA  1 
ATOM   204  C C   . MET A 1 38  ? 8.431   -15.569 -1.169  1.00 59.04  ? 120 MET A C   1 
ATOM   205  O O   . MET A 1 38  ? 8.913   -14.784 -0.355  1.00 67.04  ? 120 MET A O   1 
ATOM   206  C CB  . MET A 1 38  ? 5.955   -15.990 -1.244  1.00 56.10  ? 120 MET A CB  1 
ATOM   207  C CG  . MET A 1 38  ? 4.650   -15.250 -1.478  1.00 68.19  ? 120 MET A CG  1 
ATOM   208  S SD  . MET A 1 38  ? 3.406   -15.610 -0.224  1.00 82.17  ? 120 MET A SD  1 
ATOM   209  C CE  . MET A 1 38  ? 3.152   -17.353 -0.560  1.00 87.85  ? 120 MET A CE  1 
ATOM   210  N N   . LEU A 1 39  ? 9.020   -16.715 -1.508  1.00 59.66  ? 121 LEU A N   1 
ATOM   211  C CA  . LEU A 1 39  ? 10.245  -17.197 -0.898  1.00 59.03  ? 121 LEU A CA  1 
ATOM   212  C C   . LEU A 1 39  ? 11.342  -16.139 -0.972  1.00 56.49  ? 121 LEU A C   1 
ATOM   213  O O   . LEU A 1 39  ? 12.053  -15.939 0.008   1.00 55.72  ? 121 LEU A O   1 
ATOM   214  C CB  . LEU A 1 39  ? 10.664  -18.453 -1.654  1.00 65.68  ? 121 LEU A CB  1 
ATOM   215  C CG  . LEU A 1 39  ? 10.966  -19.651 -0.772  1.00 65.86  ? 121 LEU A CG  1 
ATOM   216  C CD1 . LEU A 1 39  ? 9.849   -19.841 0.236   1.00 61.19  ? 121 LEU A CD1 1 
ATOM   217  C CD2 . LEU A 1 39  ? 11.135  -20.882 -1.645  1.00 71.80  ? 121 LEU A CD2 1 
ATOM   218  N N   . TRP A 1 40  ? 11.451  -15.463 -2.124  1.00 54.64  ? 122 TRP A N   1 
ATOM   219  C CA  . TRP A 1 40  ? 12.378  -14.361 -2.307  1.00 53.78  ? 122 TRP A CA  1 
ATOM   220  C C   . TRP A 1 40  ? 11.905  -13.020 -1.727  1.00 56.93  ? 122 TRP A C   1 
ATOM   221  O O   . TRP A 1 40  ? 12.775  -12.211 -1.379  1.00 56.23  ? 122 TRP A O   1 
ATOM   222  C CB  . TRP A 1 40  ? 12.825  -14.258 -3.773  1.00 66.83  ? 122 TRP A CB  1 
ATOM   223  C CG  . TRP A 1 40  ? 13.885  -15.265 -4.098  1.00 88.23  ? 122 TRP A CG  1 
ATOM   224  C CD1 . TRP A 1 40  ? 13.682  -16.583 -4.380  1.00 95.15  ? 122 TRP A CD1 1 
ATOM   225  C CD2 . TRP A 1 40  ? 15.312  -15.067 -4.099  1.00 100.04 ? 122 TRP A CD2 1 
ATOM   226  N NE1 . TRP A 1 40  ? 14.880  -17.214 -4.587  1.00 103.29 ? 122 TRP A NE1 1 
ATOM   227  C CE2 . TRP A 1 40  ? 15.898  -16.313 -4.422  1.00 109.50 ? 122 TRP A CE2 1 
ATOM   228  C CE3 . TRP A 1 40  ? 16.155  -13.969 -3.871  1.00 109.25 ? 122 TRP A CE3 1 
ATOM   229  C CZ2 . TRP A 1 40  ? 17.281  -16.487 -4.527  1.00 110.51 ? 122 TRP A CZ2 1 
ATOM   230  C CZ3 . TRP A 1 40  ? 17.521  -14.140 -3.974  1.00 121.94 ? 122 TRP A CZ3 1 
ATOM   231  C CH2 . TRP A 1 40  ? 18.074  -15.384 -4.296  1.00 117.02 ? 122 TRP A CH2 1 
ATOM   232  N N   . LEU A 1 41  ? 10.573  -12.760 -1.622  1.00 47.32  ? 123 LEU A N   1 
ATOM   233  C CA  . LEU A 1 41  ? 10.136  -11.370 -1.441  1.00 44.64  ? 123 LEU A CA  1 
ATOM   234  C C   . LEU A 1 41  ? 9.357   -11.132 -0.145  1.00 45.56  ? 123 LEU A C   1 
ATOM   235  O O   . LEU A 1 41  ? 9.236   -9.982  0.278   1.00 41.01  ? 123 LEU A O   1 
ATOM   236  C CB  . LEU A 1 41  ? 9.352   -10.834 -2.639  1.00 39.26  ? 123 LEU A CB  1 
ATOM   237  C CG  . LEU A 1 41  ? 10.097  -10.666 -3.961  1.00 44.39  ? 123 LEU A CG  1 
ATOM   238  C CD1 . LEU A 1 41  ? 9.207   -9.958  -4.984  1.00 40.03  ? 123 LEU A CD1 1 
ATOM   239  C CD2 . LEU A 1 41  ? 11.398  -9.904  -3.785  1.00 44.37  ? 123 LEU A CD2 1 
ATOM   240  N N   . ALA A 1 42  ? 8.851   -12.204 0.478   1.00 37.41  ? 124 ALA A N   1 
ATOM   241  C CA  . ALA A 1 42  ? 8.032   -12.075 1.668   1.00 42.12  ? 124 ALA A CA  1 
ATOM   242  C C   . ALA A 1 42  ? 8.836   -11.488 2.829   1.00 47.65  ? 124 ALA A C   1 
ATOM   243  O O   . ALA A 1 42  ? 10.051  -11.629 2.871   1.00 53.10  ? 124 ALA A O   1 
ATOM   244  C CB  . ALA A 1 42  ? 7.445   -13.422 2.032   1.00 37.76  ? 124 ALA A CB  1 
ATOM   245  N N   . TRP A 1 43  ? 8.128   -10.836 3.767   1.00 49.30  ? 125 TRP A N   1 
ATOM   246  C CA  . TRP A 1 43  ? 8.614   -10.513 5.101   1.00 48.79  ? 125 TRP A CA  1 
ATOM   247  C C   . TRP A 1 43  ? 9.420   -11.689 5.651   1.00 48.90  ? 125 TRP A C   1 
ATOM   248  O O   . TRP A 1 43  ? 9.044   -12.829 5.394   1.00 45.93  ? 125 TRP A O   1 
ATOM   249  C CB  . TRP A 1 43  ? 7.419   -10.236 6.018   1.00 46.37  ? 125 TRP A CB  1 
ATOM   250  C CG  . TRP A 1 43  ? 7.811   -9.629  7.336   1.00 43.19  ? 125 TRP A CG  1 
ATOM   251  C CD1 . TRP A 1 43  ? 8.189   -10.279 8.483   1.00 42.37  ? 125 TRP A CD1 1 
ATOM   252  C CD2 . TRP A 1 43  ? 7.870   -8.222  7.625   1.00 35.80  ? 125 TRP A CD2 1 
ATOM   253  N NE1 . TRP A 1 43  ? 8.444   -9.365  9.475   1.00 46.64  ? 125 TRP A NE1 1 
ATOM   254  C CE2 . TRP A 1 43  ? 8.293   -8.096  8.962   1.00 41.28  ? 125 TRP A CE2 1 
ATOM   255  C CE3 . TRP A 1 43  ? 7.617   -7.067  6.879   1.00 39.06  ? 125 TRP A CE3 1 
ATOM   256  C CZ2 . TRP A 1 43  ? 8.444   -6.850  9.564   1.00 40.85  ? 125 TRP A CZ2 1 
ATOM   257  C CZ3 . TRP A 1 43  ? 7.766   -5.835  7.470   1.00 41.69  ? 125 TRP A CZ3 1 
ATOM   258  C CH2 . TRP A 1 43  ? 8.148   -5.735  8.808   1.00 43.04  ? 125 TRP A CH2 1 
ATOM   259  N N   . PRO A 1 44  ? 10.533  -11.489 6.409   1.00 47.02  ? 126 PRO A N   1 
ATOM   260  C CA  . PRO A 1 44  ? 11.338  -12.628 6.848   1.00 52.48  ? 126 PRO A CA  1 
ATOM   261  C C   . PRO A 1 44  ? 10.467  -13.607 7.622   1.00 50.86  ? 126 PRO A C   1 
ATOM   262  O O   . PRO A 1 44  ? 9.676   -13.197 8.460   1.00 56.51  ? 126 PRO A O   1 
ATOM   263  C CB  . PRO A 1 44  ? 12.487  -12.017 7.657   1.00 46.33  ? 126 PRO A CB  1 
ATOM   264  C CG  . PRO A 1 44  ? 12.597  -10.628 7.063   1.00 51.58  ? 126 PRO A CG  1 
ATOM   265  C CD  . PRO A 1 44  ? 11.156  -10.207 6.793   1.00 48.14  ? 126 PRO A CD  1 
ATOM   266  N N   . PHE A 1 45  ? 10.563  -14.888 7.246   1.00 53.30  ? 127 PHE A N   1 
ATOM   267  C CA  . PHE A 1 45  ? 9.721   -15.920 7.834   1.00 61.85  ? 127 PHE A CA  1 
ATOM   268  C C   . PHE A 1 45  ? 10.617  -16.973 8.480   1.00 62.72  ? 127 PHE A C   1 
ATOM   269  O O   . PHE A 1 45  ? 10.145  -18.041 8.874   1.00 66.87  ? 127 PHE A O   1 
ATOM   270  C CB  . PHE A 1 45  ? 8.771   -16.517 6.786   1.00 57.27  ? 127 PHE A CB  1 
ATOM   271  C CG  . PHE A 1 45  ? 9.490   -16.976 5.553   1.00 52.15  ? 127 PHE A CG  1 
ATOM   272  C CD1 . PHE A 1 45  ? 9.618   -16.132 4.465   1.00 54.54  ? 127 PHE A CD1 1 
ATOM   273  C CD2 . PHE A 1 45  ? 10.103  -18.215 5.517   1.00 51.40  ? 127 PHE A CD2 1 
ATOM   274  C CE1 . PHE A 1 45  ? 10.320  -16.533 3.343   1.00 54.87  ? 127 PHE A CE1 1 
ATOM   275  C CE2 . PHE A 1 45  ? 10.830  -18.610 4.406   1.00 49.39  ? 127 PHE A CE2 1 
ATOM   276  C CZ  . PHE A 1 45  ? 10.922  -17.773 3.317   1.00 55.17  ? 127 PHE A CZ  1 
ATOM   277  N N   . ASP A 1 46  ? 11.907  -16.629 8.580   1.00 68.80  ? 128 ASP A N   1 
ATOM   278  C CA  . ASP A 1 46  ? 12.951  -17.421 9.204   1.00 67.01  ? 128 ASP A CA  1 
ATOM   279  C C   . ASP A 1 46  ? 14.008  -16.462 9.744   1.00 71.32  ? 128 ASP A C   1 
ATOM   280  O O   . ASP A 1 46  ? 14.268  -15.406 9.143   1.00 59.40  ? 128 ASP A O   1 
ATOM   281  C CB  . ASP A 1 46  ? 13.593  -18.383 8.199   1.00 71.44  ? 128 ASP A CB  1 
ATOM   282  C CG  . ASP A 1 46  ? 14.384  -19.508 8.854   1.00 79.66  ? 128 ASP A CG  1 
ATOM   283  O OD1 . ASP A 1 46  ? 15.586  -19.673 8.519   1.00 80.87  ? 128 ASP A OD1 1 
ATOM   284  O OD2 . ASP A 1 46  ? 13.794  -20.216 9.687   1.00 74.69  ? 128 ASP A OD2 1 
ATOM   285  N N   . PRO A 1 47  ? 14.661  -16.812 10.883  1.00 76.27  ? 129 PRO A N   1 
ATOM   286  C CA  . PRO A 1 47  ? 15.756  -16.005 11.428  1.00 65.31  ? 129 PRO A CA  1 
ATOM   287  C C   . PRO A 1 47  ? 16.900  -15.793 10.442  1.00 66.13  ? 129 PRO A C   1 
ATOM   288  O O   . PRO A 1 47  ? 17.484  -14.711 10.427  1.00 66.51  ? 129 PRO A O   1 
ATOM   289  C CB  . PRO A 1 47  ? 16.212  -16.791 12.661  1.00 68.18  ? 129 PRO A CB  1 
ATOM   290  C CG  . PRO A 1 47  ? 14.978  -17.549 13.063  1.00 72.00  ? 129 PRO A CG  1 
ATOM   291  C CD  . PRO A 1 47  ? 14.350  -17.964 11.746  1.00 75.75  ? 129 PRO A CD  1 
ATOM   292  N N   . THR A 1 48  ? 17.189  -16.789 9.584   1.00 59.84  ? 130 THR A N   1 
ATOM   293  C CA  . THR A 1 48  ? 18.292  -16.603 8.647   1.00 61.83  ? 130 THR A CA  1 
ATOM   294  C C   . THR A 1 48  ? 18.016  -15.438 7.695   1.00 58.03  ? 130 THR A C   1 
ATOM   295  O O   . THR A 1 48  ? 18.949  -14.813 7.188   1.00 61.62  ? 130 THR A O   1 
ATOM   296  C CB  . THR A 1 48  ? 18.713  -17.889 7.919   1.00 66.76  ? 130 THR A CB  1 
ATOM   297  O OG1 . THR A 1 48  ? 17.882  -17.993 6.770   1.00 75.31  ? 130 THR A OG1 1 
ATOM   298  C CG2 . THR A 1 48  ? 18.614  -19.153 8.748   1.00 63.96  ? 130 THR A CG2 1 
ATOM   299  N N   . LEU A 1 49  ? 16.733  -15.104 7.495   1.00 57.31  ? 131 LEU A N   1 
ATOM   300  C CA  . LEU A 1 49  ? 16.365  -14.097 6.505   1.00 52.47  ? 131 LEU A CA  1 
ATOM   301  C C   . LEU A 1 49  ? 16.324  -12.689 7.091   1.00 51.74  ? 131 LEU A C   1 
ATOM   302  O O   . LEU A 1 49  ? 16.138  -11.739 6.336   1.00 50.45  ? 131 LEU A O   1 
ATOM   303  C CB  . LEU A 1 49  ? 15.034  -14.490 5.866   1.00 53.14  ? 131 LEU A CB  1 
ATOM   304  C CG  . LEU A 1 49  ? 15.071  -15.884 5.238   1.00 57.05  ? 131 LEU A CG  1 
ATOM   305  C CD1 . LEU A 1 49  ? 13.678  -16.340 4.839   1.00 50.96  ? 131 LEU A CD1 1 
ATOM   306  C CD2 . LEU A 1 49  ? 16.042  -15.926 4.053   1.00 52.34  ? 131 LEU A CD2 1 
ATOM   307  N N   . LYS A 1 50  ? 16.576  -12.550 8.402   1.00 48.37  ? 132 LYS A N   1 
ATOM   308  C CA  . LYS A 1 50  ? 16.394  -11.285 9.107   1.00 54.89  ? 132 LYS A CA  1 
ATOM   309  C C   . LYS A 1 50  ? 17.256  -10.147 8.542   1.00 58.41  ? 132 LYS A C   1 
ATOM   310  O O   . LYS A 1 50  ? 16.906  -8.981  8.710   1.00 60.82  ? 132 LYS A O   1 
ATOM   311  C CB  . LYS A 1 50  ? 16.623  -11.456 10.610  1.00 65.46  ? 132 LYS A CB  1 
ATOM   312  C CG  . LYS A 1 50  ? 18.082  -11.470 11.057  1.00 79.18  ? 132 LYS A CG  1 
ATOM   313  C CD  . LYS A 1 50  ? 18.339  -12.164 12.384  1.00 81.53  ? 132 LYS A CD  1 
ATOM   314  C CE  . LYS A 1 50  ? 19.669  -12.891 12.380  1.00 81.48  ? 132 LYS A CE  1 
ATOM   315  N NZ  . LYS A 1 50  ? 19.505  -14.325 12.732  1.00 98.42  ? 132 LYS A NZ  1 
ATOM   316  N N   . PHE A 1 51  ? 18.387  -10.446 7.892   1.00 59.74  ? 133 PHE A N   1 
ATOM   317  C CA  . PHE A 1 51  ? 19.235  -9.351  7.436   1.00 59.65  ? 133 PHE A CA  1 
ATOM   318  C C   . PHE A 1 51  ? 18.934  -8.947  5.994   1.00 61.53  ? 133 PHE A C   1 
ATOM   319  O O   . PHE A 1 51  ? 19.406  -7.898  5.535   1.00 53.52  ? 133 PHE A O   1 
ATOM   320  C CB  . PHE A 1 51  ? 20.714  -9.643  7.693   1.00 63.92  ? 133 PHE A CB  1 
ATOM   321  C CG  . PHE A 1 51  ? 21.127  -9.435  9.131   1.00 71.95  ? 133 PHE A CG  1 
ATOM   322  C CD1 . PHE A 1 51  ? 21.267  -8.153  9.659   1.00 77.15  ? 133 PHE A CD1 1 
ATOM   323  C CD2 . PHE A 1 51  ? 21.366  -10.518 9.965   1.00 72.19  ? 133 PHE A CD2 1 
ATOM   324  C CE1 . PHE A 1 51  ? 21.651  -7.958  10.981  1.00 74.33  ? 133 PHE A CE1 1 
ATOM   325  C CE2 . PHE A 1 51  ? 21.745  -10.320 11.286  1.00 73.26  ? 133 PHE A CE2 1 
ATOM   326  C CZ  . PHE A 1 51  ? 21.889  -9.046  11.791  1.00 68.61  ? 133 PHE A CZ  1 
ATOM   327  N N   . GLU A 1 52  ? 18.127  -9.777  5.313   1.00 57.98  ? 134 GLU A N   1 
ATOM   328  C CA  . GLU A 1 52  ? 17.673  -9.537  3.949   1.00 60.84  ? 134 GLU A CA  1 
ATOM   329  C C   . GLU A 1 52  ? 16.695  -8.356  3.924   1.00 59.28  ? 134 GLU A C   1 
ATOM   330  O O   . GLU A 1 52  ? 15.475  -8.528  3.938   1.00 66.25  ? 134 GLU A O   1 
ATOM   331  C CB  . GLU A 1 52  ? 17.135  -10.838 3.340   1.00 62.02  ? 134 GLU A CB  1 
ATOM   332  C CG  . GLU A 1 52  ? 18.242  -11.821 3.014   1.00 60.41  ? 134 GLU A CG  1 
ATOM   333  C CD  . GLU A 1 52  ? 17.903  -13.169 2.406   1.00 68.35  ? 134 GLU A CD  1 
ATOM   334  O OE1 . GLU A 1 52  ? 16.734  -13.429 2.099   1.00 72.62  ? 134 GLU A OE1 1 
ATOM   335  O OE2 . GLU A 1 52  ? 18.838  -13.971 2.242   1.00 88.54  ? 134 GLU A OE2 1 
ATOM   336  N N   . PHE A 1 53  ? 17.269  -7.155  3.832   1.00 53.28  ? 135 PHE A N   1 
ATOM   337  C CA  . PHE A 1 53  ? 16.627  -5.886  4.145   1.00 59.59  ? 135 PHE A CA  1 
ATOM   338  C C   . PHE A 1 53  ? 15.470  -5.561  3.197   1.00 54.12  ? 135 PHE A C   1 
ATOM   339  O O   . PHE A 1 53  ? 14.538  -4.874  3.598   1.00 52.36  ? 135 PHE A O   1 
ATOM   340  C CB  . PHE A 1 53  ? 17.645  -4.739  4.183   1.00 60.43  ? 135 PHE A CB  1 
ATOM   341  C CG  . PHE A 1 53  ? 18.584  -4.724  5.372   1.00 92.28  ? 135 PHE A CG  1 
ATOM   342  C CD1 . PHE A 1 53  ? 19.965  -4.648  5.191   1.00 104.82 ? 135 PHE A CD1 1 
ATOM   343  C CD2 . PHE A 1 53  ? 18.103  -4.749  6.679   1.00 96.98  ? 135 PHE A CD2 1 
ATOM   344  C CE1 . PHE A 1 53  ? 20.837  -4.600  6.273   1.00 96.66  ? 135 PHE A CE1 1 
ATOM   345  C CE2 . PHE A 1 53  ? 18.974  -4.712  7.762   1.00 97.94  ? 135 PHE A CE2 1 
ATOM   346  C CZ  . PHE A 1 53  ? 20.337  -4.639  7.557   1.00 102.59 ? 135 PHE A CZ  1 
ATOM   347  N N   . TRP A 1 54  ? 15.548  -6.016  1.941   1.00 55.15  ? 136 TRP A N   1 
ATOM   348  C CA  . TRP A 1 54  ? 14.512  -5.761  0.946   1.00 52.21  ? 136 TRP A CA  1 
ATOM   349  C C   . TRP A 1 54  ? 13.148  -6.301  1.417   1.00 48.80  ? 136 TRP A C   1 
ATOM   350  O O   . TRP A 1 54  ? 12.130  -5.646  1.197   1.00 49.16  ? 136 TRP A O   1 
ATOM   351  C CB  . TRP A 1 54  ? 14.931  -6.262  -0.460  1.00 50.96  ? 136 TRP A CB  1 
ATOM   352  C CG  . TRP A 1 54  ? 15.082  -7.751  -0.516  1.00 57.31  ? 136 TRP A CG  1 
ATOM   353  C CD1 . TRP A 1 54  ? 14.082  -8.667  -0.691  1.00 56.44  ? 136 TRP A CD1 1 
ATOM   354  C CD2 . TRP A 1 54  ? 16.298  -8.507  -0.335  1.00 59.43  ? 136 TRP A CD2 1 
ATOM   355  N NE1 . TRP A 1 54  ? 14.590  -9.940  -0.645  1.00 61.56  ? 136 TRP A NE1 1 
ATOM   356  C CE2 . TRP A 1 54  ? 15.945  -9.879  -0.438  1.00 60.07  ? 136 TRP A CE2 1 
ATOM   357  C CE3 . TRP A 1 54  ? 17.641  -8.162  -0.105  1.00 59.67  ? 136 TRP A CE3 1 
ATOM   358  C CZ2 . TRP A 1 54  ? 16.888  -10.908 -0.323  1.00 57.18  ? 136 TRP A CZ2 1 
ATOM   359  C CZ3 . TRP A 1 54  ? 18.573  -9.177  -0.001  1.00 59.64  ? 136 TRP A CZ3 1 
ATOM   360  C CH2 . TRP A 1 54  ? 18.196  -10.526 -0.106  1.00 60.19  ? 136 TRP A CH2 1 
ATOM   361  N N   . ARG A 1 55  ? 13.137  -7.433  2.146   1.00 41.59  ? 137 ARG A N   1 
ATOM   362  C CA  . ARG A 1 55  ? 11.912  -8.120  2.537   1.00 42.53  ? 137 ARG A CA  1 
ATOM   363  C C   . ARG A 1 55  ? 10.993  -7.289  3.433   1.00 46.71  ? 137 ARG A C   1 
ATOM   364  O O   . ARG A 1 55  ? 9.797   -7.596  3.531   1.00 51.91  ? 137 ARG A O   1 
ATOM   365  C CB  . ARG A 1 55  ? 12.199  -9.424  3.277   1.00 40.04  ? 137 ARG A CB  1 
ATOM   366  C CG  . ARG A 1 55  ? 12.992  -10.432 2.466   1.00 45.65  ? 137 ARG A CG  1 
ATOM   367  C CD  . ARG A 1 55  ? 13.316  -11.622 3.333   1.00 43.81  ? 137 ARG A CD  1 
ATOM   368  N NE  . ARG A 1 55  ? 13.993  -12.566 2.468   1.00 47.48  ? 137 ARG A NE  1 
ATOM   369  C CZ  . ARG A 1 55  ? 13.415  -13.582 1.827   1.00 55.20  ? 137 ARG A CZ  1 
ATOM   370  N NH1 . ARG A 1 55  ? 12.116  -13.814 1.933   1.00 53.83  ? 137 ARG A NH1 1 
ATOM   371  N NH2 . ARG A 1 55  ? 14.152  -14.387 1.086   1.00 57.17  ? 137 ARG A NH2 1 
ATOM   372  N N   . TYR A 1 56  ? 11.540  -6.283  4.127   1.00 43.09  ? 138 TYR A N   1 
ATOM   373  C CA  . TYR A 1 56  ? 10.687  -5.455  4.968   1.00 41.00  ? 138 TYR A CA  1 
ATOM   374  C C   . TYR A 1 56  ? 9.814   -4.570  4.076   1.00 44.63  ? 138 TYR A C   1 
ATOM   375  O O   . TYR A 1 56  ? 8.857   -3.981  4.571   1.00 44.66  ? 138 TYR A O   1 
ATOM   376  C CB  . TYR A 1 56  ? 11.488  -4.717  6.054   1.00 41.33  ? 138 TYR A CB  1 
ATOM   377  C CG  . TYR A 1 56  ? 12.222  -5.641  6.995   1.00 41.32  ? 138 TYR A CG  1 
ATOM   378  C CD1 . TYR A 1 56  ? 13.612  -5.753  6.957   1.00 43.47  ? 138 TYR A CD1 1 
ATOM   379  C CD2 . TYR A 1 56  ? 11.526  -6.475  7.866   1.00 42.56  ? 138 TYR A CD2 1 
ATOM   380  C CE1 . TYR A 1 56  ? 14.291  -6.657  7.766   1.00 42.61  ? 138 TYR A CE1 1 
ATOM   381  C CE2 . TYR A 1 56  ? 12.185  -7.371  8.691   1.00 42.51  ? 138 TYR A CE2 1 
ATOM   382  C CZ  . TYR A 1 56  ? 13.569  -7.462  8.636   1.00 44.94  ? 138 TYR A CZ  1 
ATOM   383  O OH  . TYR A 1 56  ? 14.217  -8.359  9.431   1.00 49.29  ? 138 TYR A OH  1 
ATOM   384  N N   . PHE A 1 57  ? 10.121  -4.528  2.761   1.00 40.10  ? 139 PHE A N   1 
ATOM   385  C CA  . PHE A 1 57  ? 9.417   -3.691  1.795   1.00 44.84  ? 139 PHE A CA  1 
ATOM   386  C C   . PHE A 1 57  ? 8.775   -4.508  0.662   1.00 47.89  ? 139 PHE A C   1 
ATOM   387  O O   . PHE A 1 57  ? 7.731   -4.138  0.134   1.00 45.98  ? 139 PHE A O   1 
ATOM   388  C CB  . PHE A 1 57  ? 10.367  -2.641  1.203   1.00 44.87  ? 139 PHE A CB  1 
ATOM   389  C CG  . PHE A 1 57  ? 11.077  -1.836  2.262   1.00 50.21  ? 139 PHE A CG  1 
ATOM   390  C CD1 . PHE A 1 57  ? 12.293  -2.264  2.783   1.00 51.49  ? 139 PHE A CD1 1 
ATOM   391  C CD2 . PHE A 1 57  ? 10.500  -0.690  2.798   1.00 53.49  ? 139 PHE A CD2 1 
ATOM   392  C CE1 . PHE A 1 57  ? 12.924  -1.552  3.793   1.00 51.26  ? 139 PHE A CE1 1 
ATOM   393  C CE2 . PHE A 1 57  ? 11.136  0.028   3.808   1.00 50.13  ? 139 PHE A CE2 1 
ATOM   394  C CZ  . PHE A 1 57  ? 12.344  -0.410  4.308   1.00 48.76  ? 139 PHE A CZ  1 
ATOM   395  N N   . THR A 1 58  ? 9.395   -5.610  0.246   1.00 47.37  ? 140 THR A N   1 
ATOM   396  C CA  . THR A 1 58  ? 9.069   -6.118  -1.073  1.00 45.12  ? 140 THR A CA  1 
ATOM   397  C C   . THR A 1 58  ? 7.742   -6.883  -1.046  1.00 47.02  ? 140 THR A C   1 
ATOM   398  O O   . THR A 1 58  ? 7.169   -7.111  -2.104  1.00 51.76  ? 140 THR A O   1 
ATOM   399  C CB  . THR A 1 58  ? 10.215  -6.919  -1.702  1.00 42.28  ? 140 THR A CB  1 
ATOM   400  O OG1 . THR A 1 58  ? 10.586  -7.994  -0.824  1.00 46.72  ? 140 THR A OG1 1 
ATOM   401  C CG2 . THR A 1 58  ? 11.382  -6.043  -2.092  1.00 37.34  ? 140 THR A CG2 1 
ATOM   402  N N   . HIS A 1 59  ? 7.265   -7.283  0.141   1.00 40.25  ? 141 HIS A N   1 
ATOM   403  C CA  . HIS A 1 59  ? 5.923   -7.838  0.304   1.00 42.51  ? 141 HIS A CA  1 
ATOM   404  C C   . HIS A 1 59  ? 4.893   -6.936  -0.400  1.00 44.38  ? 141 HIS A C   1 
ATOM   405  O O   . HIS A 1 59  ? 3.915   -7.438  -0.949  1.00 47.89  ? 141 HIS A O   1 
ATOM   406  C CB  . HIS A 1 59  ? 5.590   -8.093  1.790   1.00 38.71  ? 141 HIS A CB  1 
ATOM   407  C CG  . HIS A 1 59  ? 5.664   -6.818  2.579   1.00 46.55  ? 141 HIS A CG  1 
ATOM   408  N ND1 . HIS A 1 59  ? 4.643   -5.894  2.584   1.00 44.75  ? 141 HIS A ND1 1 
ATOM   409  C CD2 . HIS A 1 59  ? 6.668   -6.253  3.292   1.00 42.66  ? 141 HIS A CD2 1 
ATOM   410  C CE1 . HIS A 1 59  ? 4.985   -4.855  3.314   1.00 45.93  ? 141 HIS A CE1 1 
ATOM   411  N NE2 . HIS A 1 59  ? 6.219   -5.043  3.740   1.00 45.26  ? 141 HIS A NE2 1 
ATOM   412  N N   . ALA A 1 60  ? 5.129   -5.614  -0.444  1.00 41.47  ? 142 ALA A N   1 
ATOM   413  C CA  . ALA A 1 60  ? 4.171   -4.695  -1.055  1.00 42.88  ? 142 ALA A CA  1 
ATOM   414  C C   . ALA A 1 60  ? 4.007   -4.948  -2.559  1.00 43.59  ? 142 ALA A C   1 
ATOM   415  O O   . ALA A 1 60  ? 2.996   -4.528  -3.139  1.00 40.63  ? 142 ALA A O   1 
ATOM   416  C CB  . ALA A 1 60  ? 4.552   -3.250  -0.807  1.00 36.26  ? 142 ALA A CB  1 
ATOM   417  N N   . LEU A 1 61  ? 5.006   -5.613  -3.174  1.00 43.71  ? 143 LEU A N   1 
ATOM   418  C CA  . LEU A 1 61  ? 5.168   -5.731  -4.625  1.00 46.92  ? 143 LEU A CA  1 
ATOM   419  C C   . LEU A 1 61  ? 4.385   -6.914  -5.203  1.00 48.35  ? 143 LEU A C   1 
ATOM   420  O O   . LEU A 1 61  ? 4.239   -6.987  -6.422  1.00 55.23  ? 143 LEU A O   1 
ATOM   421  C CB  . LEU A 1 61  ? 6.657   -5.870  -4.977  1.00 43.96  ? 143 LEU A CB  1 
ATOM   422  C CG  . LEU A 1 61  ? 7.462   -4.568  -4.968  1.00 53.48  ? 143 LEU A CG  1 
ATOM   423  C CD1 . LEU A 1 61  ? 8.868   -4.798  -5.492  1.00 48.59  ? 143 LEU A CD1 1 
ATOM   424  C CD2 . LEU A 1 61  ? 6.798   -3.475  -5.800  1.00 48.70  ? 143 LEU A CD2 1 
ATOM   425  N N   . MET A 1 62  ? 3.904   -7.826  -4.336  1.00 42.69  ? 144 MET A N   1 
ATOM   426  C CA  . MET A 1 62  ? 3.297   -9.095  -4.714  1.00 42.74  ? 144 MET A CA  1 
ATOM   427  C C   . MET A 1 62  ? 1.766   -8.987  -4.755  1.00 46.32  ? 144 MET A C   1 
ATOM   428  O O   . MET A 1 62  ? 1.130   -8.575  -3.789  1.00 48.10  ? 144 MET A O   1 
ATOM   429  C CB  . MET A 1 62  ? 3.677   -10.155 -3.670  1.00 45.49  ? 144 MET A CB  1 
ATOM   430  C CG  . MET A 1 62  ? 5.131   -10.626 -3.775  1.00 45.94  ? 144 MET A CG  1 
ATOM   431  S SD  . MET A 1 62  ? 5.600   -12.060 -2.739  1.00 56.30  ? 144 MET A SD  1 
ATOM   432  C CE  . MET A 1 62  ? 5.436   -11.430 -1.067  1.00 53.55  ? 144 MET A CE  1 
ATOM   433  N N   . HIS A 1 63  ? 1.146   -9.410  -5.860  1.00 49.24  ? 145 HIS A N   1 
ATOM   434  C CA  . HIS A 1 63  ? -0.303  -9.582  -5.846  1.00 50.91  ? 145 HIS A CA  1 
ATOM   435  C C   . HIS A 1 63  ? -0.715  -10.999 -6.238  1.00 48.61  ? 145 HIS A C   1 
ATOM   436  O O   . HIS A 1 63  ? -0.060  -11.600 -7.069  1.00 54.93  ? 145 HIS A O   1 
ATOM   437  C CB  . HIS A 1 63  ? -0.981  -8.502  -6.668  1.00 46.07  ? 145 HIS A CB  1 
ATOM   438  C CG  . HIS A 1 63  ? -0.641  -7.152  -6.152  1.00 46.92  ? 145 HIS A CG  1 
ATOM   439  N ND1 . HIS A 1 63  ? 0.454   -6.450  -6.607  1.00 47.41  ? 145 HIS A ND1 1 
ATOM   440  C CD2 . HIS A 1 63  ? -1.239  -6.380  -5.227  1.00 46.92  ? 145 HIS A CD2 1 
ATOM   441  C CE1 . HIS A 1 63  ? 0.506   -5.285  -6.011  1.00 45.86  ? 145 HIS A CE1 1 
ATOM   442  N NE2 . HIS A 1 63  ? -0.513  -5.225  -5.158  1.00 49.20  ? 145 HIS A NE2 1 
ATOM   443  N N   . PHE A 1 64  ? -1.819  -11.489 -5.655  1.00 45.91  ? 146 PHE A N   1 
ATOM   444  C CA  . PHE A 1 64  ? -2.195  -12.893 -5.682  1.00 47.30  ? 146 PHE A CA  1 
ATOM   445  C C   . PHE A 1 64  ? -3.424  -13.165 -6.544  1.00 49.35  ? 146 PHE A C   1 
ATOM   446  O O   . PHE A 1 64  ? -3.930  -14.286 -6.570  1.00 58.07  ? 146 PHE A O   1 
ATOM   447  C CB  . PHE A 1 64  ? -2.503  -13.357 -4.265  1.00 46.81  ? 146 PHE A CB  1 
ATOM   448  C CG  . PHE A 1 64  ? -1.266  -13.223 -3.430  1.00 59.91  ? 146 PHE A CG  1 
ATOM   449  C CD1 . PHE A 1 64  ? -1.126  -12.157 -2.548  1.00 60.26  ? 146 PHE A CD1 1 
ATOM   450  C CD2 . PHE A 1 64  ? -0.200  -14.095 -3.619  1.00 56.04  ? 146 PHE A CD2 1 
ATOM   451  C CE1 . PHE A 1 64  ? 0.038   -12.012 -1.809  1.00 63.19  ? 146 PHE A CE1 1 
ATOM   452  C CE2 . PHE A 1 64  ? 0.960   -13.946 -2.878  1.00 62.02  ? 146 PHE A CE2 1 
ATOM   453  C CZ  . PHE A 1 64  ? 1.079   -12.902 -1.980  1.00 61.63  ? 146 PHE A CZ  1 
ATOM   454  N N   . SER A 1 65  ? -3.870  -12.153 -7.277  1.00 46.91  ? 147 SER A N   1 
ATOM   455  C CA  . SER A 1 65  ? -4.985  -12.294 -8.194  1.00 52.52  ? 147 SER A CA  1 
ATOM   456  C C   . SER A 1 65  ? -5.088  -10.997 -8.980  1.00 55.64  ? 147 SER A C   1 
ATOM   457  O O   . SER A 1 65  ? -4.580  -9.962  -8.568  1.00 67.05  ? 147 SER A O   1 
ATOM   458  C CB  . SER A 1 65  ? -6.287  -12.627 -7.486  1.00 45.92  ? 147 SER A CB  1 
ATOM   459  O OG  . SER A 1 65  ? -6.966  -11.444 -7.065  1.00 55.16  ? 147 SER A OG  1 
ATOM   460  N N   . LEU A 1 66  ? -5.774  -11.072 -10.104 1.00 52.96  ? 148 LEU A N   1 
ATOM   461  C CA  . LEU A 1 66  ? -5.858  -9.967  -11.031 1.00 56.99  ? 148 LEU A CA  1 
ATOM   462  C C   . LEU A 1 66  ? -6.678  -8.806  -10.447 1.00 52.71  ? 148 LEU A C   1 
ATOM   463  O O   . LEU A 1 66  ? -6.421  -7.648  -10.783 1.00 51.71  ? 148 LEU A O   1 
ATOM   464  C CB  . LEU A 1 66  ? -6.461  -10.542 -12.318 1.00 59.94  ? 148 LEU A CB  1 
ATOM   465  C CG  . LEU A 1 66  ? -6.966  -9.512  -13.317 1.00 61.73  ? 148 LEU A CG  1 
ATOM   466  C CD1 . LEU A 1 66  ? -5.800  -8.954  -14.121 1.00 63.82  ? 148 LEU A CD1 1 
ATOM   467  C CD2 . LEU A 1 66  ? -8.031  -10.121 -14.222 1.00 69.30  ? 148 LEU A CD2 1 
ATOM   468  N N   . MET A 1 67  ? -7.661  -9.095  -9.581  1.00 51.88  ? 149 MET A N   1 
ATOM   469  C CA  . MET A 1 67  ? -8.428  -8.032  -8.933  1.00 57.30  ? 149 MET A CA  1 
ATOM   470  C C   . MET A 1 67  ? -7.511  -7.280  -7.960  1.00 56.36  ? 149 MET A C   1 
ATOM   471  O O   . MET A 1 67  ? -7.517  -6.043  -7.941  1.00 48.36  ? 149 MET A O   1 
ATOM   472  C CB  . MET A 1 67  ? -9.661  -8.547  -8.179  1.00 66.63  ? 149 MET A CB  1 
ATOM   473  C CG  . MET A 1 67  ? -10.738 -9.120  -9.075  1.00 87.41  ? 149 MET A CG  1 
ATOM   474  S SD  . MET A 1 67  ? -10.782 -10.953 -8.957  1.00 149.64 ? 149 MET A SD  1 
ATOM   475  C CE  . MET A 1 67  ? -9.368  -11.479 -9.932  1.00 90.64  ? 149 MET A CE  1 
ATOM   476  N N   . HIS A 1 68  ? -6.711  -8.049  -7.188  1.00 51.08  ? 150 HIS A N   1 
ATOM   477  C CA  . HIS A 1 68  ? -5.720  -7.529  -6.257  1.00 44.38  ? 150 HIS A CA  1 
ATOM   478  C C   . HIS A 1 68  ? -4.843  -6.491  -6.967  1.00 44.25  ? 150 HIS A C   1 
ATOM   479  O O   . HIS A 1 68  ? -4.884  -5.313  -6.636  1.00 42.60  ? 150 HIS A O   1 
ATOM   480  C CB  . HIS A 1 68  ? -4.949  -8.693  -5.636  1.00 47.52  ? 150 HIS A CB  1 
ATOM   481  C CG  . HIS A 1 68  ? -4.231  -8.338  -4.376  1.00 60.13  ? 150 HIS A CG  1 
ATOM   482  N ND1 . HIS A 1 68  ? -3.021  -8.906  -4.025  1.00 59.42  ? 150 HIS A ND1 1 
ATOM   483  C CD2 . HIS A 1 68  ? -4.548  -7.485  -3.380  1.00 57.73  ? 150 HIS A CD2 1 
ATOM   484  C CE1 . HIS A 1 68  ? -2.637  -8.423  -2.862  1.00 59.83  ? 150 HIS A CE1 1 
ATOM   485  N NE2 . HIS A 1 68  ? -3.558  -7.554  -2.451  1.00 58.13  ? 150 HIS A NE2 1 
ATOM   486  N N   . ILE A 1 69  ? -4.133  -6.900  -8.026  1.00 39.40  ? 151 ILE A N   1 
ATOM   487  C CA  . ILE A 1 69  ? -3.173  -5.998  -8.621  1.00 44.73  ? 151 ILE A CA  1 
ATOM   488  C C   . ILE A 1 69  ? -3.900  -4.824  -9.262  1.00 48.05  ? 151 ILE A C   1 
ATOM   489  O O   . ILE A 1 69  ? -3.434  -3.694  -9.179  1.00 50.07  ? 151 ILE A O   1 
ATOM   490  C CB  . ILE A 1 69  ? -2.183  -6.705  -9.578  1.00 45.62  ? 151 ILE A CB  1 
ATOM   491  C CG1 . ILE A 1 69  ? -1.056  -5.750  -9.981  1.00 42.14  ? 151 ILE A CG1 1 
ATOM   492  C CG2 . ILE A 1 69  ? -2.891  -7.322  -10.789 1.00 49.31  ? 151 ILE A CG2 1 
ATOM   493  C CD1 . ILE A 1 69  ? 0.060   -6.349  -10.823 1.00 37.29  ? 151 ILE A CD1 1 
ATOM   494  N N   . LEU A 1 70  ? -5.053  -5.091  -9.882  1.00 54.54  ? 152 LEU A N   1 
ATOM   495  C CA  . LEU A 1 70  ? -5.738  -4.089  -10.689 1.00 53.21  ? 152 LEU A CA  1 
ATOM   496  C C   . LEU A 1 70  ? -6.319  -2.965  -9.831  1.00 51.32  ? 152 LEU A C   1 
ATOM   497  O O   . LEU A 1 70  ? -6.146  -1.781  -10.160 1.00 44.57  ? 152 LEU A O   1 
ATOM   498  C CB  . LEU A 1 70  ? -6.852  -4.777  -11.469 1.00 64.39  ? 152 LEU A CB  1 
ATOM   499  C CG  . LEU A 1 70  ? -6.636  -4.878  -12.973 1.00 67.96  ? 152 LEU A CG  1 
ATOM   500  C CD1 . LEU A 1 70  ? -7.707  -5.782  -13.577 1.00 67.59  ? 152 LEU A CD1 1 
ATOM   501  C CD2 . LEU A 1 70  ? -6.693  -3.492  -13.596 1.00 64.98  ? 152 LEU A CD2 1 
ATOM   502  N N   . PHE A 1 71  ? -7.051  -3.344  -8.771  1.00 47.83  ? 153 PHE A N   1 
ATOM   503  C CA  . PHE A 1 71  ? -7.607  -2.355  -7.854  1.00 56.24  ? 153 PHE A CA  1 
ATOM   504  C C   . PHE A 1 71  ? -6.488  -1.555  -7.189  1.00 60.60  ? 153 PHE A C   1 
ATOM   505  O O   . PHE A 1 71  ? -6.513  -0.310  -7.217  1.00 51.43  ? 153 PHE A O   1 
ATOM   506  C CB  . PHE A 1 71  ? -8.487  -2.978  -6.772  1.00 65.81  ? 153 PHE A CB  1 
ATOM   507  C CG  . PHE A 1 71  ? -9.722  -3.691  -7.275  1.00 81.94  ? 153 PHE A CG  1 
ATOM   508  C CD1 . PHE A 1 71  ? -10.202 -4.825  -6.625  1.00 90.28  ? 153 PHE A CD1 1 
ATOM   509  C CD2 . PHE A 1 71  ? -10.415 -3.237  -8.392  1.00 86.16  ? 153 PHE A CD2 1 
ATOM   510  C CE1 . PHE A 1 71  ? -11.327 -5.500  -7.089  1.00 87.56  ? 153 PHE A CE1 1 
ATOM   511  C CE2 . PHE A 1 71  ? -11.543 -3.907  -8.853  1.00 89.42  ? 153 PHE A CE2 1 
ATOM   512  C CZ  . PHE A 1 71  ? -11.994 -5.040  -8.203  1.00 84.77  ? 153 PHE A CZ  1 
ATOM   513  N N   . ASN A 1 72  ? -5.471  -2.232  -6.581  1.00 45.74  ? 154 ASN A N   1 
ATOM   514  C CA  . ASN A 1 72  ? -4.396  -1.566  -5.902  1.00 45.99  ? 154 ASN A CA  1 
ATOM   515  C C   . ASN A 1 72  ? -3.653  -0.618  -6.798  1.00 45.23  ? 154 ASN A C   1 
ATOM   516  O O   . ASN A 1 72  ? -3.121  0.426   -6.436  1.00 47.51  ? 154 ASN A O   1 
ATOM   517  C CB  . ASN A 1 72  ? -3.525  -2.429  -5.053  1.00 50.88  ? 154 ASN A CB  1 
ATOM   518  C CG  . ASN A 1 72  ? -4.072  -3.137  -3.871  1.00 54.64  ? 154 ASN A CG  1 
ATOM   519  O OD1 . ASN A 1 72  ? -5.231  -3.186  -3.555  1.00 54.68  ? 154 ASN A OD1 1 
ATOM   520  N ND2 . ASN A 1 72  ? -3.168  -3.733  -3.058  1.00 70.29  ? 154 ASN A ND2 1 
ATOM   521  N N   . LEU A 1 73  ? -3.554  -0.969  -8.185  1.00 50.19  ? 155 LEU A N   1 
ATOM   522  C CA  . LEU A 1 73  ? -2.747  -0.122  -9.051  1.00 48.61  ? 155 LEU A CA  1 
ATOM   523  C C   . LEU A 1 73  ? -3.556  1.061   -9.575  1.00 50.26  ? 155 LEU A C   1 
ATOM   524  O O   . LEU A 1 73  ? -2.995  2.102   -9.896  1.00 50.62  ? 155 LEU A O   1 
ATOM   525  C CB  . LEU A 1 73  ? -2.206  -0.925  -10.233 1.00 51.14  ? 155 LEU A CB  1 
ATOM   526  C CG  . LEU A 1 73  ? -0.967  -1.783  -9.990  1.00 58.96  ? 155 LEU A CG  1 
ATOM   527  C CD1 . LEU A 1 73  ? -0.178  -1.904  -11.286 1.00 56.36  ? 155 LEU A CD1 1 
ATOM   528  C CD2 . LEU A 1 73  ? -0.081  -1.269  -8.838  1.00 49.15  ? 155 LEU A CD2 1 
ATOM   529  N N   . LEU A 1 74  ? -4.870  0.890   -9.678  1.00 50.45  ? 156 LEU A N   1 
ATOM   530  C CA  . LEU A 1 74  ? -5.720  1.966   -10.131 1.00 50.52  ? 156 LEU A CA  1 
ATOM   531  C C   . LEU A 1 74  ? -5.671  3.058   -9.071  1.00 52.07  ? 156 LEU A C   1 
ATOM   532  O O   . LEU A 1 74  ? -5.319  4.203   -9.366  1.00 49.14  ? 156 LEU A O   1 
ATOM   533  C CB  . LEU A 1 74  ? -7.120  1.367   -10.215 1.00 65.64  ? 156 LEU A CB  1 
ATOM   534  C CG  . LEU A 1 74  ? -7.913  1.569   -11.502 1.00 70.76  ? 156 LEU A CG  1 
ATOM   535  C CD1 . LEU A 1 74  ? -7.051  1.389   -12.749 1.00 62.44  ? 156 LEU A CD1 1 
ATOM   536  C CD2 . LEU A 1 74  ? -9.077  0.590   -11.510 1.00 70.62  ? 156 LEU A CD2 1 
ATOM   537  N N   . TRP A 1 75  ? -5.987  2.679   -7.824  1.00 46.88  ? 157 TRP A N   1 
ATOM   538  C CA  . TRP A 1 75  ? -5.824  3.582   -6.686  1.00 50.47  ? 157 TRP A CA  1 
ATOM   539  C C   . TRP A 1 75  ? -4.428  4.199   -6.609  1.00 53.27  ? 157 TRP A C   1 
ATOM   540  O O   . TRP A 1 75  ? -4.299  5.410   -6.408  1.00 58.01  ? 157 TRP A O   1 
ATOM   541  C CB  . TRP A 1 75  ? -6.150  2.884   -5.372  1.00 52.66  ? 157 TRP A CB  1 
ATOM   542  C CG  . TRP A 1 75  ? -7.625  2.814   -5.129  1.00 59.17  ? 157 TRP A CG  1 
ATOM   543  C CD1 . TRP A 1 75  ? -8.388  1.690   -5.045  1.00 59.93  ? 157 TRP A CD1 1 
ATOM   544  C CD2 . TRP A 1 75  ? -8.516  3.921   -4.922  1.00 58.38  ? 157 TRP A CD2 1 
ATOM   545  N NE1 . TRP A 1 75  ? -9.687  2.017   -4.775  1.00 63.98  ? 157 TRP A NE1 1 
ATOM   546  C CE2 . TRP A 1 75  ? -9.802  3.379   -4.708  1.00 62.49  ? 157 TRP A CE2 1 
ATOM   547  C CE3 . TRP A 1 75  ? -8.346  5.309   -4.866  1.00 60.67  ? 157 TRP A CE3 1 
ATOM   548  C CZ2 . TRP A 1 75  ? -10.921 4.174   -4.453  1.00 62.43  ? 157 TRP A CZ2 1 
ATOM   549  C CZ3 . TRP A 1 75  ? -9.447  6.097   -4.609  1.00 66.03  ? 157 TRP A CZ3 1 
ATOM   550  C CH2 . TRP A 1 75  ? -10.715 5.536   -4.407  1.00 67.43  ? 157 TRP A CH2 1 
ATOM   551  N N   . TRP A 1 76  ? -3.389  3.360   -6.735  1.00 49.55  ? 158 TRP A N   1 
ATOM   552  C CA  . TRP A 1 76  ? -2.025  3.847   -6.633  1.00 50.32  ? 158 TRP A CA  1 
ATOM   553  C C   . TRP A 1 76  ? -1.816  4.935   -7.681  1.00 49.67  ? 158 TRP A C   1 
ATOM   554  O O   . TRP A 1 76  ? -1.293  5.996   -7.374  1.00 44.66  ? 158 TRP A O   1 
ATOM   555  C CB  . TRP A 1 76  ? -0.996  2.708   -6.784  1.00 52.74  ? 158 TRP A CB  1 
ATOM   556  C CG  . TRP A 1 76  ? 0.389   3.201   -7.098  1.00 51.72  ? 158 TRP A CG  1 
ATOM   557  C CD1 . TRP A 1 76  ? 0.958   3.347   -8.334  1.00 55.27  ? 158 TRP A CD1 1 
ATOM   558  C CD2 . TRP A 1 76  ? 1.372   3.671   -6.157  1.00 48.27  ? 158 TRP A CD2 1 
ATOM   559  N NE1 . TRP A 1 76  ? 2.231   3.851   -8.232  1.00 54.05  ? 158 TRP A NE1 1 
ATOM   560  C CE2 . TRP A 1 76  ? 2.514   4.049   -6.902  1.00 52.68  ? 158 TRP A CE2 1 
ATOM   561  C CE3 . TRP A 1 76  ? 1.415   3.768   -4.762  1.00 49.06  ? 158 TRP A CE3 1 
ATOM   562  C CZ2 . TRP A 1 76  ? 3.671   4.541   -6.293  1.00 47.86  ? 158 TRP A CZ2 1 
ATOM   563  C CZ3 . TRP A 1 76  ? 2.562   4.246   -4.162  1.00 49.53  ? 158 TRP A CZ3 1 
ATOM   564  C CH2 . TRP A 1 76  ? 3.672   4.618   -4.921  1.00 44.49  ? 158 TRP A CH2 1 
ATOM   565  N N   . TRP A 1 77  ? -2.241  4.644   -8.916  1.00 54.12  ? 159 TRP A N   1 
ATOM   566  C CA  . TRP A 1 77  ? -2.038  5.498   -10.075 1.00 60.26  ? 159 TRP A CA  1 
ATOM   567  C C   . TRP A 1 77  ? -2.602  6.897   -9.822  1.00 61.68  ? 159 TRP A C   1 
ATOM   568  O O   . TRP A 1 77  ? -1.945  7.906   -10.100 1.00 55.66  ? 159 TRP A O   1 
ATOM   569  C CB  . TRP A 1 77  ? -2.696  4.823   -11.280 1.00 61.35  ? 159 TRP A CB  1 
ATOM   570  C CG  . TRP A 1 77  ? -2.556  5.526   -12.592 1.00 67.13  ? 159 TRP A CG  1 
ATOM   571  C CD1 . TRP A 1 77  ? -1.532  6.322   -13.023 1.00 68.23  ? 159 TRP A CD1 1 
ATOM   572  C CD2 . TRP A 1 77  ? -3.490  5.446   -13.681 1.00 75.59  ? 159 TRP A CD2 1 
ATOM   573  N NE1 . TRP A 1 77  ? -1.770  6.759   -14.298 1.00 63.57  ? 159 TRP A NE1 1 
ATOM   574  C CE2 . TRP A 1 77  ? -2.971  6.242   -14.724 1.00 79.13  ? 159 TRP A CE2 1 
ATOM   575  C CE3 . TRP A 1 77  ? -4.701  4.767   -13.878 1.00 78.73  ? 159 TRP A CE3 1 
ATOM   576  C CZ2 . TRP A 1 77  ? -3.636  6.369   -15.946 1.00 87.47  ? 159 TRP A CZ2 1 
ATOM   577  C CZ3 . TRP A 1 77  ? -5.356  4.894   -15.083 1.00 81.72  ? 159 TRP A CZ3 1 
ATOM   578  C CH2 . TRP A 1 77  ? -4.826  5.690   -16.102 1.00 90.34  ? 159 TRP A CH2 1 
ATOM   579  N N   . TYR A 1 78  ? -3.823  6.918   -9.276  1.00 55.48  ? 160 TYR A N   1 
ATOM   580  C CA  . TYR A 1 78  ? -4.560  8.135   -9.039  1.00 58.16  ? 160 TYR A CA  1 
ATOM   581  C C   . TYR A 1 78  ? -4.020  8.859   -7.803  1.00 63.44  ? 160 TYR A C   1 
ATOM   582  O O   . TYR A 1 78  ? -3.608  10.012  -7.902  1.00 65.01  ? 160 TYR A O   1 
ATOM   583  C CB  . TYR A 1 78  ? -6.063  7.850   -8.948  1.00 60.92  ? 160 TYR A CB  1 
ATOM   584  C CG  . TYR A 1 78  ? -6.849  9.097   -8.629  1.00 68.33  ? 160 TYR A CG  1 
ATOM   585  C CD1 . TYR A 1 78  ? -7.007  10.100  -9.580  1.00 68.68  ? 160 TYR A CD1 1 
ATOM   586  C CD2 . TYR A 1 78  ? -7.367  9.312   -7.361  1.00 63.62  ? 160 TYR A CD2 1 
ATOM   587  C CE1 . TYR A 1 78  ? -7.677  11.277  -9.289  1.00 68.62  ? 160 TYR A CE1 1 
ATOM   588  C CE2 . TYR A 1 78  ? -8.044  10.481  -7.058  1.00 70.88  ? 160 TYR A CE2 1 
ATOM   589  C CZ  . TYR A 1 78  ? -8.194  11.469  -8.019  1.00 74.02  ? 160 TYR A CZ  1 
ATOM   590  O OH  . TYR A 1 78  ? -8.869  12.620  -7.721  1.00 85.57  ? 160 TYR A OH  1 
ATOM   591  N N   . LEU A 1 79  ? -4.057  8.207   -6.633  1.00 58.96  ? 161 LEU A N   1 
ATOM   592  C CA  . LEU A 1 79  ? -3.670  8.877   -5.392  1.00 57.96  ? 161 LEU A CA  1 
ATOM   593  C C   . LEU A 1 79  ? -2.162  9.136   -5.365  1.00 57.10  ? 161 LEU A C   1 
ATOM   594  O O   . LEU A 1 79  ? -1.720  10.258  -5.110  1.00 59.57  ? 161 LEU A O   1 
ATOM   595  C CB  . LEU A 1 79  ? -4.091  8.016   -4.193  1.00 54.36  ? 161 LEU A CB  1 
ATOM   596  C CG  . LEU A 1 79  ? -5.594  7.873   -3.927  1.00 57.04  ? 161 LEU A CG  1 
ATOM   597  C CD1 . LEU A 1 79  ? -5.841  6.957   -2.736  1.00 58.54  ? 161 LEU A CD1 1 
ATOM   598  C CD2 . LEU A 1 79  ? -6.256  9.218   -3.670  1.00 51.72  ? 161 LEU A CD2 1 
ATOM   599  N N   . GLY A 1 80  ? -1.379  8.069   -5.591  1.00 55.96  ? 162 GLY A N   1 
ATOM   600  C CA  . GLY A 1 80  ? 0.063   8.137   -5.741  1.00 47.17  ? 162 GLY A CA  1 
ATOM   601  C C   . GLY A 1 80  ? 0.465   9.254   -6.690  1.00 52.42  ? 162 GLY A C   1 
ATOM   602  O O   . GLY A 1 80  ? 1.329   10.064  -6.354  1.00 56.46  ? 162 GLY A O   1 
ATOM   603  N N   . GLY A 1 81  ? -0.186  9.295   -7.860  1.00 59.62  ? 163 GLY A N   1 
ATOM   604  C CA  . GLY A 1 81  ? 0.098   10.272  -8.903  1.00 54.88  ? 163 GLY A CA  1 
ATOM   605  C C   . GLY A 1 81  ? -0.293  11.696  -8.492  1.00 59.28  ? 163 GLY A C   1 
ATOM   606  O O   . GLY A 1 81  ? 0.384   12.657  -8.859  1.00 66.38  ? 163 GLY A O   1 
ATOM   607  N N   . ALA A 1 82  ? -1.395  11.840  -7.745  1.00 60.95  ? 164 ALA A N   1 
ATOM   608  C CA  . ALA A 1 82  ? -1.771  13.119  -7.149  1.00 65.88  ? 164 ALA A CA  1 
ATOM   609  C C   . ALA A 1 82  ? -0.609  13.605  -6.288  1.00 74.03  ? 164 ALA A C   1 
ATOM   610  O O   . ALA A 1 82  ? -0.016  14.649  -6.577  1.00 68.50  ? 164 ALA A O   1 
ATOM   611  C CB  . ALA A 1 82  ? -3.033  12.997  -6.319  1.00 52.97  ? 164 ALA A CB  1 
ATOM   612  N N   . VAL A 1 83  ? -0.273  12.798  -5.263  1.00 72.00  ? 165 VAL A N   1 
ATOM   613  C CA  . VAL A 1 83  ? 0.788   13.114  -4.313  1.00 66.17  ? 165 VAL A CA  1 
ATOM   614  C C   . VAL A 1 83  ? 2.070   13.495  -5.058  1.00 68.79  ? 165 VAL A C   1 
ATOM   615  O O   . VAL A 1 83  ? 2.677   14.515  -4.755  1.00 72.48  ? 165 VAL A O   1 
ATOM   616  C CB  . VAL A 1 83  ? 1.007   11.985  -3.284  1.00 63.86  ? 165 VAL A CB  1 
ATOM   617  C CG1 . VAL A 1 83  ? 2.188   12.254  -2.352  1.00 57.61  ? 165 VAL A CG1 1 
ATOM   618  C CG2 . VAL A 1 83  ? -0.253  11.710  -2.473  1.00 55.24  ? 165 VAL A CG2 1 
ATOM   619  N N   . GLU A 1 84  ? 2.472   12.702  -6.059  1.00 66.20  ? 166 GLU A N   1 
ATOM   620  C CA  . GLU A 1 84  ? 3.742   12.951  -6.722  1.00 62.29  ? 166 GLU A CA  1 
ATOM   621  C C   . GLU A 1 84  ? 3.727   14.280  -7.470  1.00 66.07  ? 166 GLU A C   1 
ATOM   622  O O   . GLU A 1 84  ? 4.714   15.002  -7.419  1.00 73.16  ? 166 GLU A O   1 
ATOM   623  C CB  . GLU A 1 84  ? 4.119   11.817  -7.666  1.00 58.90  ? 166 GLU A CB  1 
ATOM   624  C CG  . GLU A 1 84  ? 5.341   12.125  -8.507  1.00 62.09  ? 166 GLU A CG  1 
ATOM   625  C CD  . GLU A 1 84  ? 6.054   10.868  -8.959  1.00 74.92  ? 166 GLU A CD  1 
ATOM   626  O OE1 . GLU A 1 84  ? 5.358   9.833   -9.179  1.00 74.77  ? 166 GLU A OE1 1 
ATOM   627  O OE2 . GLU A 1 84  ? 7.300   10.907  -9.069  1.00 76.46  ? 166 GLU A OE2 1 
ATOM   628  N N   . LYS A 1 85  ? 2.628   14.607  -8.162  1.00 68.43  ? 167 LYS A N   1 
ATOM   629  C CA  . LYS A 1 85  ? 2.625   15.838  -8.939  1.00 74.20  ? 167 LYS A CA  1 
ATOM   630  C C   . LYS A 1 85  ? 2.493   17.078  -8.054  1.00 73.48  ? 167 LYS A C   1 
ATOM   631  O O   . LYS A 1 85  ? 3.300   17.993  -8.182  1.00 64.43  ? 167 LYS A O   1 
ATOM   632  C CB  . LYS A 1 85  ? 1.710   15.777  -10.164 1.00 94.03  ? 167 LYS A CB  1 
ATOM   633  C CG  . LYS A 1 85  ? 2.405   16.195  -11.459 1.00 113.37 ? 167 LYS A CG  1 
ATOM   634  C CD  . LYS A 1 85  ? 3.863   15.716  -11.596 1.00 119.61 ? 167 LYS A CD  1 
ATOM   635  C CE  . LYS A 1 85  ? 4.018   14.346  -12.219 1.00 120.22 ? 167 LYS A CE  1 
ATOM   636  N NZ  . LYS A 1 85  ? 3.602   14.393  -13.639 1.00 149.48 ? 167 LYS A NZ  1 
ATOM   637  N N   . ARG A 1 86  ? 1.526   17.081  -7.123  1.00 74.53  ? 168 ARG A N   1 
ATOM   638  C CA  . ARG A 1 86  ? 1.297   18.222  -6.246  1.00 73.59  ? 168 ARG A CA  1 
ATOM   639  C C   . ARG A 1 86  ? 2.415   18.383  -5.197  1.00 79.12  ? 168 ARG A C   1 
ATOM   640  O O   . ARG A 1 86  ? 2.876   19.508  -4.996  1.00 84.99  ? 168 ARG A O   1 
ATOM   641  C CB  . ARG A 1 86  ? -0.151  18.276  -5.718  1.00 82.98  ? 168 ARG A CB  1 
ATOM   642  C CG  . ARG A 1 86  ? -1.258  18.450  -6.762  1.00 91.35  ? 168 ARG A CG  1 
ATOM   643  C CD  . ARG A 1 86  ? -2.675  18.434  -6.179  1.00 117.07 ? 168 ARG A CD  1 
ATOM   644  N NE  . ARG A 1 86  ? -3.878  18.357  -7.031  1.00 135.68 ? 168 ARG A NE  1 
ATOM   645  C CZ  . ARG A 1 86  ? -4.629  17.267  -7.255  1.00 132.81 ? 168 ARG A CZ  1 
ATOM   646  N NH1 . ARG A 1 86  ? -4.302  16.100  -6.722  1.00 134.48 ? 168 ARG A NH1 1 
ATOM   647  N NH2 . ARG A 1 86  ? -5.696  17.341  -8.034  1.00 111.69 ? 168 ARG A NH2 1 
ATOM   648  N N   . LEU A 1 87  ? 2.875   17.289  -4.537  1.00 74.70  ? 169 LEU A N   1 
ATOM   649  C CA  . LEU A 1 87  ? 3.832   17.368  -3.424  1.00 57.16  ? 169 LEU A CA  1 
ATOM   650  C C   . LEU A 1 87  ? 5.252   16.902  -3.787  1.00 60.10  ? 169 LEU A C   1 
ATOM   651  O O   . LEU A 1 87  ? 6.180   17.163  -3.024  1.00 66.10  ? 169 LEU A O   1 
ATOM   652  C CB  . LEU A 1 87  ? 3.349   16.605  -2.182  1.00 55.14  ? 169 LEU A CB  1 
ATOM   653  C CG  . LEU A 1 87  ? 1.906   16.812  -1.722  1.00 57.82  ? 169 LEU A CG  1 
ATOM   654  C CD1 . LEU A 1 87  ? 1.637   16.104  -0.390  1.00 56.18  ? 169 LEU A CD1 1 
ATOM   655  C CD2 . LEU A 1 87  ? 1.618   18.292  -1.587  1.00 60.54  ? 169 LEU A CD2 1 
ATOM   656  N N   . GLY A 1 88  ? 5.445   16.183  -4.907  1.00 60.11  ? 170 GLY A N   1 
ATOM   657  C CA  . GLY A 1 88  ? 6.787   15.799  -5.348  1.00 44.81  ? 170 GLY A CA  1 
ATOM   658  C C   . GLY A 1 88  ? 7.120   14.317  -5.131  1.00 48.84  ? 170 GLY A C   1 
ATOM   659  O O   . GLY A 1 88  ? 6.543   13.632  -4.275  1.00 50.67  ? 170 GLY A O   1 
ATOM   660  N N   . SER A 1 89  ? 8.106   13.840  -5.899  1.00 45.03  ? 171 SER A N   1 
ATOM   661  C CA  . SER A 1 89  ? 8.528   12.453  -5.858  1.00 51.60  ? 171 SER A CA  1 
ATOM   662  C C   . SER A 1 89  ? 9.002   12.022  -4.471  1.00 54.65  ? 171 SER A C   1 
ATOM   663  O O   . SER A 1 89  ? 8.721   10.892  -4.050  1.00 63.84  ? 171 SER A O   1 
ATOM   664  C CB  . SER A 1 89  ? 9.566   12.205  -6.899  1.00 56.42  ? 171 SER A CB  1 
ATOM   665  O OG  . SER A 1 89  ? 8.978   12.284  -8.184  1.00 63.11  ? 171 SER A OG  1 
ATOM   666  N N   . GLY A 1 90  ? 9.723   12.916  -3.773  1.00 54.14  ? 172 GLY A N   1 
ATOM   667  C CA  . GLY A 1 90  ? 10.281  12.624  -2.466  1.00 43.29  ? 172 GLY A CA  1 
ATOM   668  C C   . GLY A 1 90  ? 9.216   12.204  -1.455  1.00 47.76  ? 172 GLY A C   1 
ATOM   669  O O   . GLY A 1 90  ? 9.431   11.263  -0.689  1.00 55.66  ? 172 GLY A O   1 
ATOM   670  N N   . LYS A 1 91  ? 8.060   12.885  -1.459  1.00 51.18  ? 173 LYS A N   1 
ATOM   671  C CA  . LYS A 1 91  ? 7.018   12.630  -0.464  1.00 49.16  ? 173 LYS A CA  1 
ATOM   672  C C   . LYS A 1 91  ? 6.411   11.241  -0.681  1.00 52.50  ? 173 LYS A C   1 
ATOM   673  O O   . LYS A 1 91  ? 6.073   10.523  0.269   1.00 52.46  ? 173 LYS A O   1 
ATOM   674  C CB  . LYS A 1 91  ? 5.910   13.678  -0.591  1.00 50.58  ? 173 LYS A CB  1 
ATOM   675  C CG  . LYS A 1 91  ? 4.891   13.711  0.539   1.00 51.14  ? 173 LYS A CG  1 
ATOM   676  C CD  . LYS A 1 91  ? 5.209   14.796  1.530   1.00 56.09  ? 173 LYS A CD  1 
ATOM   677  C CE  . LYS A 1 91  ? 4.760   14.463  2.931   1.00 61.88  ? 173 LYS A CE  1 
ATOM   678  N NZ  . LYS A 1 91  ? 5.055   15.608  3.813   1.00 73.96  ? 173 LYS A NZ  1 
ATOM   679  N N   . LEU A 1 92  ? 6.280   10.865  -1.957  1.00 44.47  ? 174 LEU A N   1 
ATOM   680  C CA  . LEU A 1 92  ? 5.617   9.628   -2.310  1.00 46.68  ? 174 LEU A CA  1 
ATOM   681  C C   . LEU A 1 92  ? 6.518   8.478   -1.882  1.00 44.75  ? 174 LEU A C   1 
ATOM   682  O O   . LEU A 1 92  ? 6.047   7.505   -1.286  1.00 46.45  ? 174 LEU A O   1 
ATOM   683  C CB  . LEU A 1 92  ? 5.346   9.624   -3.825  1.00 51.59  ? 174 LEU A CB  1 
ATOM   684  C CG  . LEU A 1 92  ? 4.602   8.407   -4.381  1.00 52.69  ? 174 LEU A CG  1 
ATOM   685  C CD1 . LEU A 1 92  ? 3.386   8.037   -3.530  1.00 50.26  ? 174 LEU A CD1 1 
ATOM   686  C CD2 . LEU A 1 92  ? 4.208   8.627   -5.831  1.00 51.14  ? 174 LEU A CD2 1 
ATOM   687  N N   . ILE A 1 93  ? 7.821   8.634   -2.139  1.00 43.31  ? 175 ILE A N   1 
ATOM   688  C CA  . ILE A 1 93  ? 8.793   7.643   -1.698  1.00 43.52  ? 175 ILE A CA  1 
ATOM   689  C C   . ILE A 1 93  ? 8.675   7.430   -0.188  1.00 46.62  ? 175 ILE A C   1 
ATOM   690  O O   . ILE A 1 93  ? 8.559   6.293   0.295   1.00 48.59  ? 175 ILE A O   1 
ATOM   691  C CB  . ILE A 1 93  ? 10.203  8.060   -2.135  1.00 46.83  ? 175 ILE A CB  1 
ATOM   692  C CG1 . ILE A 1 93  ? 10.349  7.928   -3.653  1.00 43.07  ? 175 ILE A CG1 1 
ATOM   693  C CG2 . ILE A 1 93  ? 11.268  7.262   -1.388  1.00 46.63  ? 175 ILE A CG2 1 
ATOM   694  C CD1 . ILE A 1 93  ? 11.620  8.575   -4.170  1.00 43.36  ? 175 ILE A CD1 1 
ATOM   695  N N   . VAL A 1 94  ? 8.621   8.537   0.558   1.00 44.47  ? 176 VAL A N   1 
ATOM   696  C CA  . VAL A 1 94  ? 8.614   8.429   2.006   1.00 47.32  ? 176 VAL A CA  1 
ATOM   697  C C   . VAL A 1 94  ? 7.289   7.857   2.506   1.00 47.95  ? 176 VAL A C   1 
ATOM   698  O O   . VAL A 1 94  ? 7.307   6.947   3.335   1.00 48.04  ? 176 VAL A O   1 
ATOM   699  C CB  . VAL A 1 94  ? 9.063   9.735   2.692   1.00 53.60  ? 176 VAL A CB  1 
ATOM   700  C CG1 . VAL A 1 94  ? 9.052   9.619   4.210   1.00 58.20  ? 176 VAL A CG1 1 
ATOM   701  C CG2 . VAL A 1 94  ? 10.464  10.097  2.228   1.00 49.47  ? 176 VAL A CG2 1 
ATOM   702  N N   . ILE A 1 95  ? 6.146   8.324   1.970   1.00 51.52  ? 177 ILE A N   1 
ATOM   703  C CA  . ILE A 1 95  ? 4.859   7.710   2.297   1.00 49.66  ? 177 ILE A CA  1 
ATOM   704  C C   . ILE A 1 95  ? 4.913   6.192   2.063   1.00 47.51  ? 177 ILE A C   1 
ATOM   705  O O   . ILE A 1 95  ? 4.508   5.405   2.923   1.00 43.89  ? 177 ILE A O   1 
ATOM   706  C CB  . ILE A 1 95  ? 3.706   8.408   1.539   1.00 59.75  ? 177 ILE A CB  1 
ATOM   707  C CG1 . ILE A 1 95  ? 3.509   9.854   2.008   1.00 60.68  ? 177 ILE A CG1 1 
ATOM   708  C CG2 . ILE A 1 95  ? 2.402   7.632   1.639   1.00 58.42  ? 177 ILE A CG2 1 
ATOM   709  C CD1 . ILE A 1 95  ? 2.429   10.617  1.257   1.00 59.00  ? 177 ILE A CD1 1 
ATOM   710  N N   . THR A 1 96  ? 5.484   5.780   0.920   1.00 43.05  ? 178 THR A N   1 
ATOM   711  C CA  . THR A 1 96  ? 5.529   4.385   0.504   1.00 43.57  ? 178 THR A CA  1 
ATOM   712  C C   . THR A 1 96  ? 6.357   3.508   1.449   1.00 46.97  ? 178 THR A C   1 
ATOM   713  O O   . THR A 1 96  ? 5.857   2.476   1.907   1.00 46.78  ? 178 THR A O   1 
ATOM   714  C CB  . THR A 1 96  ? 6.039   4.265   -0.936  1.00 46.69  ? 178 THR A CB  1 
ATOM   715  O OG1 . THR A 1 96  ? 5.180   5.059   -1.754  1.00 43.02  ? 178 THR A OG1 1 
ATOM   716  C CG2 . THR A 1 96  ? 6.087   2.834   -1.427  1.00 38.70  ? 178 THR A CG2 1 
ATOM   717  N N   . LEU A 1 97  ? 7.632   3.880   1.680   1.00 42.31  ? 179 LEU A N   1 
ATOM   718  C CA  . LEU A 1 97  ? 8.542   3.173   2.579   1.00 42.36  ? 179 LEU A CA  1 
ATOM   719  C C   . LEU A 1 97  ? 7.967   3.036   3.992   1.00 44.99  ? 179 LEU A C   1 
ATOM   720  O O   . LEU A 1 97  ? 8.053   1.953   4.604   1.00 43.46  ? 179 LEU A O   1 
ATOM   721  C CB  . LEU A 1 97  ? 9.885   3.917   2.629   1.00 47.91  ? 179 LEU A CB  1 
ATOM   722  C CG  . LEU A 1 97  ? 10.673  3.947   1.315   1.00 52.22  ? 179 LEU A CG  1 
ATOM   723  C CD1 . LEU A 1 97  ? 12.027  4.618   1.479   1.00 50.04  ? 179 LEU A CD1 1 
ATOM   724  C CD2 . LEU A 1 97  ? 10.821  2.552   0.713   1.00 44.20  ? 179 LEU A CD2 1 
ATOM   725  N N   . ILE A 1 98  ? 7.384   4.133   4.510   1.00 40.58  ? 180 ILE A N   1 
ATOM   726  C CA  . ILE A 1 98  ? 6.822   4.115   5.850   1.00 44.27  ? 180 ILE A CA  1 
ATOM   727  C C   . ILE A 1 98  ? 5.629   3.168   5.909   1.00 40.78  ? 180 ILE A C   1 
ATOM   728  O O   . ILE A 1 98  ? 5.578   2.303   6.790   1.00 41.13  ? 180 ILE A O   1 
ATOM   729  C CB  . ILE A 1 98  ? 6.476   5.527   6.370   1.00 56.83  ? 180 ILE A CB  1 
ATOM   730  C CG1 . ILE A 1 98  ? 7.736   6.362   6.632   1.00 59.68  ? 180 ILE A CG1 1 
ATOM   731  C CG2 . ILE A 1 98  ? 5.591   5.447   7.609   1.00 46.42  ? 180 ILE A CG2 1 
ATOM   732  C CD1 . ILE A 1 98  ? 7.463   7.840   6.868   1.00 57.66  ? 180 ILE A CD1 1 
ATOM   733  N N   . SER A 1 99  ? 4.663   3.341   4.994   1.00 38.96  ? 181 SER A N   1 
ATOM   734  C CA  . SER A 1 99  ? 3.454   2.524   5.060   1.00 41.93  ? 181 SER A CA  1 
ATOM   735  C C   . SER A 1 99  ? 3.780   1.045   4.868   1.00 40.28  ? 181 SER A C   1 
ATOM   736  O O   . SER A 1 99  ? 3.289   0.224   5.631   1.00 44.02  ? 181 SER A O   1 
ATOM   737  C CB  . SER A 1 99  ? 2.386   2.974   4.105   1.00 42.78  ? 181 SER A CB  1 
ATOM   738  O OG  . SER A 1 99  ? 2.954   3.232   2.830   1.00 50.12  ? 181 SER A OG  1 
ATOM   739  N N   . ALA A 1 100 ? 4.649   0.752   3.886   1.00 36.27  ? 182 ALA A N   1 
ATOM   740  C CA  . ALA A 1 100 ? 5.067   -0.590  3.504   1.00 39.59  ? 182 ALA A CA  1 
ATOM   741  C C   . ALA A 1 100 ? 5.669   -1.303  4.702   1.00 39.04  ? 182 ALA A C   1 
ATOM   742  O O   . ALA A 1 100 ? 5.304   -2.434  5.027   1.00 46.88  ? 182 ALA A O   1 
ATOM   743  C CB  . ALA A 1 100 ? 6.048   -0.542  2.336   1.00 33.55  ? 182 ALA A CB  1 
ATOM   744  N N   . LEU A 1 101 ? 6.613   -0.614  5.339   1.00 40.94  ? 183 LEU A N   1 
ATOM   745  C CA  . LEU A 1 101 ? 7.323   -1.157  6.475   1.00 41.46  ? 183 LEU A CA  1 
ATOM   746  C C   . LEU A 1 101 ? 6.397   -1.304  7.689   1.00 40.07  ? 183 LEU A C   1 
ATOM   747  O O   . LEU A 1 101 ? 6.411   -2.334  8.381   1.00 37.87  ? 183 LEU A O   1 
ATOM   748  C CB  . LEU A 1 101 ? 8.458   -0.178  6.757   1.00 49.84  ? 183 LEU A CB  1 
ATOM   749  C CG  . LEU A 1 101 ? 9.281   -0.511  7.997   1.00 54.33  ? 183 LEU A CG  1 
ATOM   750  C CD1 . LEU A 1 101 ? 10.001  -1.847  7.836   1.00 48.94  ? 183 LEU A CD1 1 
ATOM   751  C CD2 . LEU A 1 101 ? 10.279  0.599   8.255   1.00 58.66  ? 183 LEU A CD2 1 
ATOM   752  N N   . LEU A 1 102 ? 5.584   -0.268  7.956   1.00 39.51  ? 184 LEU A N   1 
ATOM   753  C CA  . LEU A 1 102 ? 4.696   -0.333  9.108   1.00 47.87  ? 184 LEU A CA  1 
ATOM   754  C C   . LEU A 1 102 ? 3.527   -1.305  8.938   1.00 48.17  ? 184 LEU A C   1 
ATOM   755  O O   . LEU A 1 102 ? 3.211   -2.053  9.865   1.00 46.06  ? 184 LEU A O   1 
ATOM   756  C CB  . LEU A 1 102 ? 4.215   1.061   9.480   1.00 51.67  ? 184 LEU A CB  1 
ATOM   757  C CG  . LEU A 1 102 ? 4.636   1.491   10.882  1.00 58.09  ? 184 LEU A CG  1 
ATOM   758  C CD1 . LEU A 1 102 ? 4.428   2.984   11.060  1.00 54.90  ? 184 LEU A CD1 1 
ATOM   759  C CD2 . LEU A 1 102 ? 3.859   0.718   11.940  1.00 53.21  ? 184 LEU A CD2 1 
ATOM   760  N N   . SER A 1 103 ? 2.896   -1.300  7.752   1.00 45.22  ? 185 SER A N   1 
ATOM   761  C CA  . SER A 1 103 ? 1.785   -2.200  7.477   1.00 42.59  ? 185 SER A CA  1 
ATOM   762  C C   . SER A 1 103 ? 2.280   -3.636  7.579   1.00 42.18  ? 185 SER A C   1 
ATOM   763  O O   . SER A 1 103 ? 1.634   -4.475  8.207   1.00 43.85  ? 185 SER A O   1 
ATOM   764  C CB  . SER A 1 103 ? 1.148   -1.894  6.148   1.00 40.79  ? 185 SER A CB  1 
ATOM   765  O OG  . SER A 1 103 ? 2.076   -2.050  5.091   1.00 51.61  ? 185 SER A OG  1 
ATOM   766  N N   . GLY A 1 104 ? 3.471   -3.863  7.007   1.00 39.15  ? 186 GLY A N   1 
ATOM   767  C CA  . GLY A 1 104 ? 4.128   -5.155  7.025   1.00 37.62  ? 186 GLY A CA  1 
ATOM   768  C C   . GLY A 1 104 ? 4.349   -5.639  8.449   1.00 46.46  ? 186 GLY A C   1 
ATOM   769  O O   . GLY A 1 104 ? 4.049   -6.796  8.765   1.00 47.84  ? 186 GLY A O   1 
ATOM   770  N N   . TYR A 1 105 ? 4.883   -4.738  9.300   1.00 48.42  ? 187 TYR A N   1 
ATOM   771  C CA  . TYR A 1 105 ? 5.137   -5.085  10.686  1.00 42.47  ? 187 TYR A CA  1 
ATOM   772  C C   . TYR A 1 105 ? 3.850   -5.476  11.428  1.00 44.54  ? 187 TYR A C   1 
ATOM   773  O O   . TYR A 1 105 ? 3.809   -6.502  12.116  1.00 40.85  ? 187 TYR A O   1 
ATOM   774  C CB  . TYR A 1 105 ? 5.880   -3.965  11.413  1.00 48.11  ? 187 TYR A CB  1 
ATOM   775  C CG  . TYR A 1 105 ? 5.771   -4.132  12.904  1.00 47.77  ? 187 TYR A CG  1 
ATOM   776  C CD1 . TYR A 1 105 ? 6.346   -5.227  13.538  1.00 55.06  ? 187 TYR A CD1 1 
ATOM   777  C CD2 . TYR A 1 105 ? 5.026   -3.251  13.665  1.00 50.20  ? 187 TYR A CD2 1 
ATOM   778  C CE1 . TYR A 1 105 ? 6.206   -5.437  14.902  1.00 57.61  ? 187 TYR A CE1 1 
ATOM   779  C CE2 . TYR A 1 105 ? 4.887   -3.437  15.031  1.00 59.56  ? 187 TYR A CE2 1 
ATOM   780  C CZ  . TYR A 1 105 ? 5.468   -4.535  15.641  1.00 60.11  ? 187 TYR A CZ  1 
ATOM   781  O OH  . TYR A 1 105 ? 5.333   -4.726  16.977  1.00 88.55  ? 187 TYR A OH  1 
ATOM   782  N N   . VAL A 1 106 ? 2.797   -4.651  11.336  1.00 39.85  ? 188 VAL A N   1 
ATOM   783  C CA  . VAL A 1 106 ? 1.578   -4.997  12.052  1.00 46.50  ? 188 VAL A CA  1 
ATOM   784  C C   . VAL A 1 106 ? 0.997   -6.297  11.475  1.00 52.33  ? 188 VAL A C   1 
ATOM   785  O O   . VAL A 1 106 ? 0.638   -7.204  12.233  1.00 46.73  ? 188 VAL A O   1 
ATOM   786  C CB  . VAL A 1 106 ? 0.525   -3.872  12.031  1.00 53.83  ? 188 VAL A CB  1 
ATOM   787  C CG1 . VAL A 1 106 ? -0.677  -4.315  12.844  1.00 43.37  ? 188 VAL A CG1 1 
ATOM   788  C CG2 . VAL A 1 106 ? 1.069   -2.520  12.520  1.00 45.47  ? 188 VAL A CG2 1 
ATOM   789  N N   . GLN A 1 107 ? 0.928   -6.394  10.130  1.00 45.34  ? 189 GLN A N   1 
ATOM   790  C CA  . GLN A 1 107 ? 0.435   -7.602  9.503   1.00 42.70  ? 189 GLN A CA  1 
ATOM   791  C C   . GLN A 1 107 ? 1.072   -8.853  10.109  1.00 49.63  ? 189 GLN A C   1 
ATOM   792  O O   . GLN A 1 107 ? 0.334   -9.742  10.534  1.00 48.06  ? 189 GLN A O   1 
ATOM   793  C CB  . GLN A 1 107 ? 0.576   -7.612  7.984   1.00 41.68  ? 189 GLN A CB  1 
ATOM   794  C CG  . GLN A 1 107 ? -0.070  -8.859  7.400   1.00 46.72  ? 189 GLN A CG  1 
ATOM   795  C CD  . GLN A 1 107 ? -1.530  -8.993  7.796   1.00 52.93  ? 189 GLN A CD  1 
ATOM   796  O OE1 . GLN A 1 107 ? -2.265  -8.001  7.829   1.00 45.33  ? 189 GLN A OE1 1 
ATOM   797  N NE2 . GLN A 1 107 ? -1.975  -10.219 8.065   1.00 48.49  ? 189 GLN A NE2 1 
ATOM   798  N N   . GLN A 1 108 ? 2.417   -8.947  10.109  1.00 46.25  ? 190 GLN A N   1 
ATOM   799  C CA  . GLN A 1 108 ? 3.055   -10.194 10.514  1.00 49.85  ? 190 GLN A CA  1 
ATOM   800  C C   . GLN A 1 108 ? 2.857   -10.452 12.004  1.00 57.22  ? 190 GLN A C   1 
ATOM   801  O O   . GLN A 1 108 ? 2.879   -11.609 12.433  1.00 56.50  ? 190 GLN A O   1 
ATOM   802  C CB  . GLN A 1 108 ? 4.523   -10.326 10.096  1.00 45.63  ? 190 GLN A CB  1 
ATOM   803  C CG  . GLN A 1 108 ? 5.463   -9.294  10.695  1.00 55.44  ? 190 GLN A CG  1 
ATOM   804  C CD  . GLN A 1 108 ? 5.943   -9.623  12.089  1.00 59.35  ? 190 GLN A CD  1 
ATOM   805  O OE1 . GLN A 1 108 ? 6.242   -10.770 12.423  1.00 56.57  ? 190 GLN A OE1 1 
ATOM   806  N NE2 . GLN A 1 108 ? 5.993   -8.600  12.931  1.00 57.28  ? 190 GLN A NE2 1 
ATOM   807  N N   . LYS A 1 109 ? 2.683   -9.370  12.781  1.00 60.21  ? 191 LYS A N   1 
ATOM   808  C CA  . LYS A 1 109 ? 2.461   -9.536  14.209  1.00 67.38  ? 191 LYS A CA  1 
ATOM   809  C C   . LYS A 1 109 ? 1.148   -10.287 14.430  1.00 65.86  ? 191 LYS A C   1 
ATOM   810  O O   . LYS A 1 109 ? 1.123   -11.329 15.077  1.00 61.87  ? 191 LYS A O   1 
ATOM   811  C CB  . LYS A 1 109 ? 2.551   -8.223  14.996  1.00 67.43  ? 191 LYS A CB  1 
ATOM   812  C CG  . LYS A 1 109 ? 2.809   -8.400  16.489  1.00 72.02  ? 191 LYS A CG  1 
ATOM   813  C CD  . LYS A 1 109 ? 4.082   -9.185  16.830  1.00 79.70  ? 191 LYS A CD  1 
ATOM   814  C CE  . LYS A 1 109 ? 3.852   -10.623 17.270  1.00 83.86  ? 191 LYS A CE  1 
ATOM   815  N NZ  . LYS A 1 109 ? 4.920   -11.542 16.798  1.00 90.88  ? 191 LYS A NZ  1 
ATOM   816  N N   . PHE A 1 110 ? 0.065   -9.789  13.842  1.00 66.51  ? 192 PHE A N   1 
ATOM   817  C CA  . PHE A 1 110 ? -1.206  -10.492 13.945  1.00 71.32  ? 192 PHE A CA  1 
ATOM   818  C C   . PHE A 1 110 ? -1.162  -11.888 13.319  1.00 70.82  ? 192 PHE A C   1 
ATOM   819  O O   . PHE A 1 110 ? -1.565  -12.846 13.977  1.00 73.60  ? 192 PHE A O   1 
ATOM   820  C CB  . PHE A 1 110 ? -2.338  -9.635  13.390  1.00 71.35  ? 192 PHE A CB  1 
ATOM   821  C CG  . PHE A 1 110 ? -2.594  -8.389  14.202  1.00 86.02  ? 192 PHE A CG  1 
ATOM   822  C CD1 . PHE A 1 110 ? -3.207  -7.281  13.629  1.00 87.29  ? 192 PHE A CD1 1 
ATOM   823  C CD2 . PHE A 1 110 ? -2.228  -8.327  15.541  1.00 83.75  ? 192 PHE A CD2 1 
ATOM   824  C CE1 . PHE A 1 110 ? -3.459  -6.140  14.379  1.00 91.33  ? 192 PHE A CE1 1 
ATOM   825  C CE2 . PHE A 1 110 ? -2.465  -7.180  16.285  1.00 96.55  ? 192 PHE A CE2 1 
ATOM   826  C CZ  . PHE A 1 110 ? -3.080  -6.089  15.702  1.00 96.07  ? 192 PHE A CZ  1 
ATOM   827  N N   . SER A 1 111 ? -0.642  -12.012 12.080  1.00 65.49  ? 193 SER A N   1 
ATOM   828  C CA  . SER A 1 111 ? -1.056  -13.101 11.205  1.00 59.73  ? 193 SER A CA  1 
ATOM   829  C C   . SER A 1 111 ? 0.078   -13.996 10.720  1.00 56.22  ? 193 SER A C   1 
ATOM   830  O O   . SER A 1 111 ? -0.191  -15.095 10.253  1.00 68.68  ? 193 SER A O   1 
ATOM   831  C CB  . SER A 1 111 ? -1.821  -12.585 10.030  1.00 59.42  ? 193 SER A CB  1 
ATOM   832  O OG  . SER A 1 111 ? -2.971  -11.888 10.466  1.00 63.96  ? 193 SER A OG  1 
ATOM   833  N N   . GLY A 1 112 ? 1.317   -13.517 10.751  1.00 53.29  ? 194 GLY A N   1 
ATOM   834  C CA  . GLY A 1 112 ? 2.422   -14.305 10.224  1.00 43.34  ? 194 GLY A CA  1 
ATOM   835  C C   . GLY A 1 112 ? 3.025   -13.635 9.000   1.00 45.10  ? 194 GLY A C   1 
ATOM   836  O O   . GLY A 1 112 ? 2.463   -12.679 8.463   1.00 49.38  ? 194 GLY A O   1 
ATOM   837  N N   . PRO A 1 113 ? 4.162   -14.129 8.474   1.00 44.34  ? 195 PRO A N   1 
ATOM   838  C CA  . PRO A 1 113 ? 4.842   -13.397 7.408   1.00 42.14  ? 195 PRO A CA  1 
ATOM   839  C C   . PRO A 1 113 ? 4.218   -13.550 6.018   1.00 48.26  ? 195 PRO A C   1 
ATOM   840  O O   . PRO A 1 113 ? 4.720   -12.962 5.051   1.00 45.02  ? 195 PRO A O   1 
ATOM   841  C CB  . PRO A 1 113 ? 6.254   -13.977 7.500   1.00 45.65  ? 195 PRO A CB  1 
ATOM   842  C CG  . PRO A 1 113 ? 6.069   -15.410 8.011   1.00 39.88  ? 195 PRO A CG  1 
ATOM   843  C CD  . PRO A 1 113 ? 4.800   -15.410 8.828   1.00 41.53  ? 195 PRO A CD  1 
ATOM   844  N N   . TRP A 1 114 ? 3.099   -14.297 5.910   1.00 50.62  ? 196 TRP A N   1 
ATOM   845  C CA  . TRP A 1 114 ? 2.607   -14.716 4.591   1.00 52.15  ? 196 TRP A CA  1 
ATOM   846  C C   . TRP A 1 114 ? 1.500   -13.814 4.062   1.00 48.04  ? 196 TRP A C   1 
ATOM   847  O O   . TRP A 1 114 ? 0.328   -14.134 4.211   1.00 46.97  ? 196 TRP A O   1 
ATOM   848  C CB  . TRP A 1 114 ? 2.153   -16.183 4.581   1.00 52.20  ? 196 TRP A CB  1 
ATOM   849  C CG  . TRP A 1 114 ? 3.250   -17.093 5.021   1.00 55.71  ? 196 TRP A CG  1 
ATOM   850  C CD1 . TRP A 1 114 ? 3.346   -17.771 6.203   1.00 55.26  ? 196 TRP A CD1 1 
ATOM   851  C CD2 . TRP A 1 114 ? 4.462   -17.368 4.295   1.00 55.25  ? 196 TRP A CD2 1 
ATOM   852  N NE1 . TRP A 1 114 ? 4.520   -18.479 6.246   1.00 50.15  ? 196 TRP A NE1 1 
ATOM   853  C CE2 . TRP A 1 114 ? 5.221   -18.251 5.090   1.00 49.58  ? 196 TRP A CE2 1 
ATOM   854  C CE3 . TRP A 1 114 ? 4.967   -16.961 3.052   1.00 60.73  ? 196 TRP A CE3 1 
ATOM   855  C CZ2 . TRP A 1 114 ? 6.463   -18.726 4.684   1.00 54.25  ? 196 TRP A CZ2 1 
ATOM   856  C CZ3 . TRP A 1 114 ? 6.195   -17.437 2.647   1.00 65.03  ? 196 TRP A CZ3 1 
ATOM   857  C CH2 . TRP A 1 114 ? 6.934   -18.305 3.459   1.00 62.96  ? 196 TRP A CH2 1 
ATOM   858  N N   . PHE A 1 115 ? 1.893   -12.743 3.364   1.00 44.02  ? 197 PHE A N   1 
ATOM   859  C CA  . PHE A 1 115 ? 0.960   -11.712 2.949   1.00 39.35  ? 197 PHE A CA  1 
ATOM   860  C C   . PHE A 1 115 ? 1.687   -10.858 1.930   1.00 39.48  ? 197 PHE A C   1 
ATOM   861  O O   . PHE A 1 115 ? 2.904   -10.917 1.853   1.00 43.08  ? 197 PHE A O   1 
ATOM   862  C CB  . PHE A 1 115 ? 0.570   -10.823 4.132   1.00 40.96  ? 197 PHE A CB  1 
ATOM   863  C CG  . PHE A 1 115 ? 1.701   -9.988  4.693   1.00 42.81  ? 197 PHE A CG  1 
ATOM   864  C CD1 . PHE A 1 115 ? 1.983   -8.716  4.183   1.00 42.36  ? 197 PHE A CD1 1 
ATOM   865  C CD2 . PHE A 1 115 ? 2.477   -10.475 5.746   1.00 42.78  ? 197 PHE A CD2 1 
ATOM   866  C CE1 . PHE A 1 115 ? 3.023   -7.970  4.723   1.00 44.51  ? 197 PHE A CE1 1 
ATOM   867  C CE2 . PHE A 1 115 ? 3.524   -9.731  6.281   1.00 40.43  ? 197 PHE A CE2 1 
ATOM   868  C CZ  . PHE A 1 115 ? 3.798   -8.481  5.759   1.00 38.41  ? 197 PHE A CZ  1 
ATOM   869  N N   . GLY A 1 116 ? 0.937   -10.077 1.154   1.00 37.41  ? 198 GLY A N   1 
ATOM   870  C CA  . GLY A 1 116 ? 1.554   -9.271  0.124   1.00 32.80  ? 198 GLY A CA  1 
ATOM   871  C C   . GLY A 1 116 ? 0.494   -8.389  -0.498  1.00 36.88  ? 198 GLY A C   1 
ATOM   872  O O   . GLY A 1 116 ? -0.683  -8.686  -0.394  1.00 41.26  ? 198 GLY A O   1 
ATOM   873  N N   . GLY A 1 117 ? 0.929   -7.312  -1.138  1.00 40.15  ? 199 GLY A N   1 
ATOM   874  C CA  . GLY A 1 117 ? 0.001   -6.388  -1.743  1.00 39.49  ? 199 GLY A CA  1 
ATOM   875  C C   . GLY A 1 117 ? 0.414   -4.959  -1.425  1.00 42.86  ? 199 GLY A C   1 
ATOM   876  O O   . GLY A 1 117 ? 0.937   -4.688  -0.340  1.00 46.26  ? 199 GLY A O   1 
ATOM   877  N N   . LEU A 1 118 ? 0.116   -4.073  -2.381  1.00 40.21  ? 200 LEU A N   1 
ATOM   878  C CA  . LEU A 1 118 ? 0.378   -2.649  -2.285  1.00 44.72  ? 200 LEU A CA  1 
ATOM   879  C C   . LEU A 1 118 ? -0.761  -1.911  -1.566  1.00 47.85  ? 200 LEU A C   1 
ATOM   880  O O   . LEU A 1 118 ? -0.789  -0.686  -1.556  1.00 45.89  ? 200 LEU A O   1 
ATOM   881  C CB  . LEU A 1 118 ? 0.553   -2.132  -3.714  1.00 43.82  ? 200 LEU A CB  1 
ATOM   882  C CG  . LEU A 1 118 ? 1.056   -0.704  -3.796  1.00 47.45  ? 200 LEU A CG  1 
ATOM   883  C CD1 . LEU A 1 118 ? 2.373   -0.582  -3.043  1.00 47.89  ? 200 LEU A CD1 1 
ATOM   884  C CD2 . LEU A 1 118 ? 1.200   -0.277  -5.254  1.00 58.42  ? 200 LEU A CD2 1 
ATOM   885  N N   . SER A 1 119 ? -1.607  -2.587  -0.852  1.00 42.99  ? 201 SER A N   1 
ATOM   886  C CA  . SER A 1 119 ? -2.756  -1.926  -0.319  1.00 50.99  ? 201 SER A CA  1 
ATOM   887  C C   . SER A 1 119 ? -2.578  -1.349  1.085   1.00 57.64  ? 201 SER A C   1 
ATOM   888  O O   . SER A 1 119 ? -3.229  -0.347  1.365   1.00 55.50  ? 201 SER A O   1 
ATOM   889  C CB  . SER A 1 119 ? -3.988  -2.837  -0.344  1.00 41.95  ? 201 SER A CB  1 
ATOM   890  O OG  . SER A 1 119 ? -3.875  -3.765  0.684   1.00 52.89  ? 201 SER A OG  1 
ATOM   891  N N   . GLY A 1 120 ? -1.779  -1.953  1.906   1.00 50.41  ? 202 GLY A N   1 
ATOM   892  C CA  . GLY A 1 120 ? -1.287  -1.194  3.055   1.00 44.11  ? 202 GLY A CA  1 
ATOM   893  C C   . GLY A 1 120 ? -0.927  0.236   2.635   1.00 44.16  ? 202 GLY A C   1 
ATOM   894  O O   . GLY A 1 120 ? -1.411  1.218   3.211   1.00 46.07  ? 202 GLY A O   1 
ATOM   895  N N   . VAL A 1 121 ? -0.175  0.351   1.532   1.00 40.71  ? 203 VAL A N   1 
ATOM   896  C CA  . VAL A 1 121 ? 0.278   1.640   1.015   1.00 42.07  ? 203 VAL A CA  1 
ATOM   897  C C   . VAL A 1 121 ? -0.875  2.458   0.419   1.00 53.31  ? 203 VAL A C   1 
ATOM   898  O O   . VAL A 1 121 ? -0.855  3.692   0.446   1.00 52.58  ? 203 VAL A O   1 
ATOM   899  C CB  . VAL A 1 121 ? 1.419   1.470   -0.011  1.00 39.40  ? 203 VAL A CB  1 
ATOM   900  C CG1 . VAL A 1 121 ? 1.802   2.765   -0.712  1.00 36.40  ? 203 VAL A CG1 1 
ATOM   901  C CG2 . VAL A 1 121 ? 2.659   0.834   0.598   1.00 38.14  ? 203 VAL A CG2 1 
ATOM   902  N N   . VAL A 1 122 ? -1.851  1.782   -0.203  1.00 56.27  ? 204 VAL A N   1 
ATOM   903  C CA  . VAL A 1 122 ? -2.928  2.487   -0.873  1.00 44.96  ? 204 VAL A CA  1 
ATOM   904  C C   . VAL A 1 122 ? -3.826  3.137   0.179   1.00 46.78  ? 204 VAL A C   1 
ATOM   905  O O   . VAL A 1 122 ? -4.206  4.294   0.015   1.00 50.23  ? 204 VAL A O   1 
ATOM   906  C CB  . VAL A 1 122 ? -3.700  1.555   -1.821  1.00 45.30  ? 204 VAL A CB  1 
ATOM   907  C CG1 . VAL A 1 122 ? -5.153  1.997   -1.954  1.00 40.26  ? 204 VAL A CG1 1 
ATOM   908  C CG2 . VAL A 1 122 ? -3.004  1.453   -3.186  1.00 40.98  ? 204 VAL A CG2 1 
ATOM   909  N N   . TYR A 1 123 ? -4.084  2.418   1.283   1.00 45.59  ? 205 TYR A N   1 
ATOM   910  C CA  . TYR A 1 123 ? -4.781  2.939   2.455   1.00 53.39  ? 205 TYR A CA  1 
ATOM   911  C C   . TYR A 1 123 ? -4.088  4.158   3.078   1.00 61.22  ? 205 TYR A C   1 
ATOM   912  O O   . TYR A 1 123 ? -4.766  5.086   3.533   1.00 60.44  ? 205 TYR A O   1 
ATOM   913  C CB  . TYR A 1 123 ? -4.974  1.843   3.502   1.00 59.69  ? 205 TYR A CB  1 
ATOM   914  C CG  . TYR A 1 123 ? -6.115  0.918   3.160   1.00 72.09  ? 205 TYR A CG  1 
ATOM   915  C CD1 . TYR A 1 123 ? -6.062  -0.439  3.456   1.00 71.36  ? 205 TYR A CD1 1 
ATOM   916  C CD2 . TYR A 1 123 ? -7.231  1.400   2.491   1.00 72.27  ? 205 TYR A CD2 1 
ATOM   917  C CE1 . TYR A 1 123 ? -7.106  -1.286  3.118   1.00 65.03  ? 205 TYR A CE1 1 
ATOM   918  C CE2 . TYR A 1 123 ? -8.292  0.572   2.161   1.00 70.78  ? 205 TYR A CE2 1 
ATOM   919  C CZ  . TYR A 1 123 ? -8.230  -0.773  2.481   1.00 72.22  ? 205 TYR A CZ  1 
ATOM   920  O OH  . TYR A 1 123 ? -9.279  -1.581  2.139   1.00 64.39  ? 205 TYR A OH  1 
ATOM   921  N N   . ALA A 1 124 ? -2.746  4.129   3.128   1.00 55.10  ? 206 ALA A N   1 
ATOM   922  C CA  . ALA A 1 124 ? -1.971  5.262   3.587   1.00 49.95  ? 206 ALA A CA  1 
ATOM   923  C C   . ALA A 1 124 ? -2.296  6.458   2.701   1.00 52.70  ? 206 ALA A C   1 
ATOM   924  O O   . ALA A 1 124 ? -2.573  7.543   3.208   1.00 59.58  ? 206 ALA A O   1 
ATOM   925  C CB  . ALA A 1 124 ? -0.497  4.938   3.579   1.00 48.06  ? 206 ALA A CB  1 
ATOM   926  N N   . LEU A 1 125 ? -2.310  6.235   1.385   1.00 51.18  ? 207 LEU A N   1 
ATOM   927  C CA  . LEU A 1 125 ? -2.573  7.300   0.427   1.00 55.52  ? 207 LEU A CA  1 
ATOM   928  C C   . LEU A 1 125 ? -4.013  7.817   0.524   1.00 56.97  ? 207 LEU A C   1 
ATOM   929  O O   . LEU A 1 125 ? -4.249  9.009   0.347   1.00 53.87  ? 207 LEU A O   1 
ATOM   930  C CB  . LEU A 1 125 ? -2.234  6.804   -0.978  1.00 49.86  ? 207 LEU A CB  1 
ATOM   931  C CG  . LEU A 1 125 ? -0.733  6.723   -1.255  1.00 49.78  ? 207 LEU A CG  1 
ATOM   932  C CD1 . LEU A 1 125 ? -0.447  5.992   -2.560  1.00 45.20  ? 207 LEU A CD1 1 
ATOM   933  C CD2 . LEU A 1 125 ? -0.130  8.120   -1.297  1.00 53.42  ? 207 LEU A CD2 1 
ATOM   934  N N   . MET A 1 126 ? -4.971  6.939   0.836   1.00 50.25  ? 208 MET A N   1 
ATOM   935  C CA  . MET A 1 126 ? -6.337  7.390   1.038   1.00 56.68  ? 208 MET A CA  1 
ATOM   936  C C   . MET A 1 126 ? -6.409  8.322   2.254   1.00 64.62  ? 208 MET A C   1 
ATOM   937  O O   . MET A 1 126 ? -6.857  9.472   2.127   1.00 58.05  ? 208 MET A O   1 
ATOM   938  C CB  . MET A 1 126 ? -7.310  6.219   1.214   1.00 53.82  ? 208 MET A CB  1 
ATOM   939  C CG  . MET A 1 126 ? -7.620  5.512   -0.091  1.00 53.68  ? 208 MET A CG  1 
ATOM   940  S SD  . MET A 1 126 ? -8.585  3.996   0.172   1.00 59.25  ? 208 MET A SD  1 
ATOM   941  C CE  . MET A 1 126 ? -8.749  3.434   -1.528  1.00 59.00  ? 208 MET A CE  1 
ATOM   942  N N   . GLY A 1 127 ? -5.978  7.817   3.426   1.00 56.02  ? 209 GLY A N   1 
ATOM   943  C CA  . GLY A 1 127 ? -6.003  8.593   4.655   1.00 53.82  ? 209 GLY A CA  1 
ATOM   944  C C   . GLY A 1 127 ? -5.223  9.903   4.498   1.00 61.22  ? 209 GLY A C   1 
ATOM   945  O O   . GLY A 1 127 ? -5.644  10.970  4.943   1.00 60.71  ? 209 GLY A O   1 
ATOM   946  N N   . TYR A 1 128 ? -4.090  9.820   3.805   1.00 60.53  ? 210 TYR A N   1 
ATOM   947  C CA  . TYR A 1 128 ? -3.210  10.962  3.681   1.00 57.22  ? 210 TYR A CA  1 
ATOM   948  C C   . TYR A 1 128 ? -3.879  12.061  2.862   1.00 55.03  ? 210 TYR A C   1 
ATOM   949  O O   . TYR A 1 128 ? -3.998  13.174  3.346   1.00 59.95  ? 210 TYR A O   1 
ATOM   950  C CB  . TYR A 1 128 ? -1.837  10.561  3.134   1.00 51.67  ? 210 TYR A CB  1 
ATOM   951  C CG  . TYR A 1 128 ? -0.920  11.749  3.063   1.00 51.49  ? 210 TYR A CG  1 
ATOM   952  C CD1 . TYR A 1 128 ? -0.150  12.128  4.152   1.00 51.25  ? 210 TYR A CD1 1 
ATOM   953  C CD2 . TYR A 1 128 ? -0.884  12.550  1.929   1.00 53.44  ? 210 TYR A CD2 1 
ATOM   954  C CE1 . TYR A 1 128 ? 0.651   13.262  4.096   1.00 54.21  ? 210 TYR A CE1 1 
ATOM   955  C CE2 . TYR A 1 128 ? -0.078  13.678  1.851   1.00 54.74  ? 210 TYR A CE2 1 
ATOM   956  C CZ  . TYR A 1 128 ? 0.696   14.038  2.946   1.00 56.38  ? 210 TYR A CZ  1 
ATOM   957  O OH  . TYR A 1 128 ? 1.482   15.159  2.873   1.00 60.85  ? 210 TYR A OH  1 
ATOM   958  N N   . VAL A 1 129 ? -4.282  11.752  1.621   1.00 58.03  ? 211 VAL A N   1 
ATOM   959  C CA  . VAL A 1 129 ? -4.871  12.715  0.689   1.00 60.18  ? 211 VAL A CA  1 
ATOM   960  C C   . VAL A 1 129 ? -6.130  13.374  1.275   1.00 61.46  ? 211 VAL A C   1 
ATOM   961  O O   . VAL A 1 129 ? -6.324  14.588  1.188   1.00 64.42  ? 211 VAL A O   1 
ATOM   962  C CB  . VAL A 1 129 ? -5.120  12.061  -0.686  1.00 52.72  ? 211 VAL A CB  1 
ATOM   963  C CG1 . VAL A 1 129 ? -5.890  12.953  -1.653  1.00 48.66  ? 211 VAL A CG1 1 
ATOM   964  C CG2 . VAL A 1 129 ? -3.800  11.642  -1.310  1.00 52.15  ? 211 VAL A CG2 1 
ATOM   965  N N   . TRP A 1 130 ? -6.986  12.565  1.884   1.00 57.06  ? 212 TRP A N   1 
ATOM   966  C CA  . TRP A 1 130 ? -8.199  13.070  2.483   1.00 60.16  ? 212 TRP A CA  1 
ATOM   967  C C   . TRP A 1 130 ? -7.887  14.009  3.645   1.00 64.07  ? 212 TRP A C   1 
ATOM   968  O O   . TRP A 1 130 ? -8.355  15.143  3.639   1.00 68.98  ? 212 TRP A O   1 
ATOM   969  C CB  . TRP A 1 130 ? -9.070  11.908  2.941   1.00 56.93  ? 212 TRP A CB  1 
ATOM   970  C CG  . TRP A 1 130 ? -10.251 12.382  3.719   1.00 67.58  ? 212 TRP A CG  1 
ATOM   971  C CD1 . TRP A 1 130 ? -11.364 13.008  3.224   1.00 58.61  ? 212 TRP A CD1 1 
ATOM   972  C CD2 . TRP A 1 130 ? -10.424 12.292  5.148   1.00 69.10  ? 212 TRP A CD2 1 
ATOM   973  N NE1 . TRP A 1 130 ? -12.229 13.292  4.249   1.00 59.39  ? 212 TRP A NE1 1 
ATOM   974  C CE2 . TRP A 1 130 ? -11.683 12.870  5.440   1.00 70.09  ? 212 TRP A CE2 1 
ATOM   975  C CE3 . TRP A 1 130 ? -9.648  11.791  6.202   1.00 68.16  ? 212 TRP A CE3 1 
ATOM   976  C CZ2 . TRP A 1 130 ? -12.176 12.948  6.745   1.00 63.49  ? 212 TRP A CZ2 1 
ATOM   977  C CZ3 . TRP A 1 130 ? -10.133 11.880  7.492   1.00 68.20  ? 212 TRP A CZ3 1 
ATOM   978  C CH2 . TRP A 1 130 ? -11.385 12.442  7.755   1.00 63.35  ? 212 TRP A CH2 1 
ATOM   979  N N   . LEU A 1 131 ? -7.136  13.514  4.643   1.00 62.32  ? 213 LEU A N   1 
ATOM   980  C CA  . LEU A 1 131 ? -7.008  14.193  5.925   1.00 60.16  ? 213 LEU A CA  1 
ATOM   981  C C   . LEU A 1 131 ? -6.233  15.490  5.749   1.00 69.27  ? 213 LEU A C   1 
ATOM   982  O O   . LEU A 1 131 ? -6.332  16.416  6.555   1.00 71.15  ? 213 LEU A O   1 
ATOM   983  C CB  . LEU A 1 131 ? -6.272  13.325  6.944   1.00 57.61  ? 213 LEU A CB  1 
ATOM   984  C CG  . LEU A 1 131 ? -6.079  14.052  8.278   1.00 66.81  ? 213 LEU A CG  1 
ATOM   985  C CD1 . LEU A 1 131 ? -7.433  14.396  8.878   1.00 67.08  ? 213 LEU A CD1 1 
ATOM   986  C CD2 . LEU A 1 131 ? -5.232  13.272  9.275   1.00 63.14  ? 213 LEU A CD2 1 
ATOM   987  N N   . ARG A 1 132 ? -5.427  15.499  4.696   1.00 64.76  ? 214 ARG A N   1 
ATOM   988  C CA  . ARG A 1 132 ? -4.556  16.606  4.409   1.00 62.53  ? 214 ARG A CA  1 
ATOM   989  C C   . ARG A 1 132 ? -5.349  17.623  3.610   1.00 68.39  ? 214 ARG A C   1 
ATOM   990  O O   . ARG A 1 132 ? -4.998  18.789  3.595   1.00 77.85  ? 214 ARG A O   1 
ATOM   991  C CB  . ARG A 1 132 ? -3.395  16.068  3.580   1.00 58.33  ? 214 ARG A CB  1 
ATOM   992  C CG  . ARG A 1 132 ? -2.048  16.588  4.032   1.00 67.58  ? 214 ARG A CG  1 
ATOM   993  C CD  . ARG A 1 132 ? -1.637  17.745  3.158   1.00 66.37  ? 214 ARG A CD  1 
ATOM   994  N NE  . ARG A 1 132 ? -0.420  18.286  3.735   1.00 68.09  ? 214 ARG A NE  1 
ATOM   995  C CZ  . ARG A 1 132 ? 0.619   18.725  3.041   1.00 74.67  ? 214 ARG A CZ  1 
ATOM   996  N NH1 . ARG A 1 132 ? 1.678   19.180  3.677   1.00 90.60  ? 214 ARG A NH1 1 
ATOM   997  N NH2 . ARG A 1 132 ? 0.617   18.685  1.721   1.00 85.71  ? 214 ARG A NH2 1 
ATOM   998  N N   . GLY A 1 133 ? -6.384  17.153  2.908   1.00 70.15  ? 215 GLY A N   1 
ATOM   999  C CA  . GLY A 1 133 ? -7.218  18.044  2.126   1.00 67.76  ? 215 GLY A CA  1 
ATOM   1000 C C   . GLY A 1 133 ? -8.248  18.730  3.011   1.00 66.26  ? 215 GLY A C   1 
ATOM   1001 O O   . GLY A 1 133 ? -8.854  19.717  2.623   1.00 76.21  ? 215 GLY A O   1 
ATOM   1002 N N   . GLU A 1 134 ? -8.451  18.155  4.192   1.00 72.11  ? 216 GLU A N   1 
ATOM   1003 C CA  . GLU A 1 134 ? -9.445  18.615  5.141   1.00 74.35  ? 216 GLU A CA  1 
ATOM   1004 C C   . GLU A 1 134 ? -8.776  19.651  6.034   1.00 79.23  ? 216 GLU A C   1 
ATOM   1005 O O   . GLU A 1 134 ? -9.353  20.690  6.342   1.00 81.74  ? 216 GLU A O   1 
ATOM   1006 C CB  . GLU A 1 134 ? -9.923  17.455  6.026   1.00 70.77  ? 216 GLU A CB  1 
ATOM   1007 C CG  . GLU A 1 134 ? -10.944 16.544  5.371   1.00 84.33  ? 216 GLU A CG  1 
ATOM   1008 C CD  . GLU A 1 134 ? -12.149 17.255  4.772   1.00 93.96  ? 216 GLU A CD  1 
ATOM   1009 O OE1 . GLU A 1 134 ? -12.136 17.505  3.536   1.00 84.30  ? 216 GLU A OE1 1 
ATOM   1010 O OE2 . GLU A 1 134 ? -13.097 17.559  5.539   1.00 102.98 ? 216 GLU A OE2 1 
ATOM   1011 N N   . ARG A 1 135 ? -7.544  19.328  6.440   1.00 80.50  ? 217 ARG A N   1 
ATOM   1012 C CA  . ARG A 1 135 ? -6.815  20.092  7.430   1.00 81.05  ? 217 ARG A CA  1 
ATOM   1013 C C   . ARG A 1 135 ? -5.790  21.014  6.775   1.00 83.55  ? 217 ARG A C   1 
ATOM   1014 O O   . ARG A 1 135 ? -4.955  21.570  7.481   1.00 109.54 ? 217 ARG A O   1 
ATOM   1015 C CB  . ARG A 1 135 ? -6.079  19.142  8.377   1.00 77.09  ? 217 ARG A CB  1 
ATOM   1016 C CG  . ARG A 1 135 ? -6.856  18.748  9.619   1.00 76.91  ? 217 ARG A CG  1 
ATOM   1017 C CD  . ARG A 1 135 ? -5.789  18.292  10.577  1.00 88.78  ? 217 ARG A CD  1 
ATOM   1018 N NE  . ARG A 1 135 ? -6.376  17.896  11.842  1.00 109.26 ? 217 ARG A NE  1 
ATOM   1019 C CZ  . ARG A 1 135 ? -5.692  17.780  12.975  1.00 134.72 ? 217 ARG A CZ  1 
ATOM   1020 N NH1 . ARG A 1 135 ? -6.310  17.403  14.083  1.00 145.01 ? 217 ARG A NH1 1 
ATOM   1021 N NH2 . ARG A 1 135 ? -4.398  18.047  12.994  1.00 149.20 ? 217 ARG A NH2 1 
ATOM   1022 N N   . ASP A 1 136 ? -5.835  21.189  5.444   1.00 87.41  ? 218 ASP A N   1 
ATOM   1023 C CA  . ASP A 1 136 ? -4.726  21.872  4.784   1.00 88.68  ? 218 ASP A CA  1 
ATOM   1024 C C   . ASP A 1 136 ? -5.069  22.265  3.345   1.00 95.32  ? 218 ASP A C   1 
ATOM   1025 O O   . ASP A 1 136 ? -4.216  22.188  2.459   1.00 86.51  ? 218 ASP A O   1 
ATOM   1026 C CB  . ASP A 1 136 ? -3.483  20.978  4.822   1.00 91.32  ? 218 ASP A CB  1 
ATOM   1027 C CG  . ASP A 1 136 ? -2.150  21.699  4.776   1.00 99.49  ? 218 ASP A CG  1 
ATOM   1028 O OD1 . ASP A 1 136 ? -1.984  22.606  3.922   1.00 90.39  ? 218 ASP A OD1 1 
ATOM   1029 O OD2 . ASP A 1 136 ? -1.270  21.319  5.577   1.00 104.04 ? 218 ASP A OD2 1 
ATOM   1030 N N   . PRO A 1 137 ? -6.278  22.801  3.059   1.00 108.94 ? 219 PRO A N   1 
ATOM   1031 C CA  . PRO A 1 137 ? -6.831  22.763  1.702   1.00 110.18 ? 219 PRO A CA  1 
ATOM   1032 C C   . PRO A 1 137 ? -5.933  23.335  0.608   1.00 110.91 ? 219 PRO A C   1 
ATOM   1033 O O   . PRO A 1 137 ? -5.902  22.801  -0.497  1.00 102.20 ? 219 PRO A O   1 
ATOM   1034 C CB  . PRO A 1 137 ? -8.129  23.576  1.811   1.00 104.86 ? 219 PRO A CB  1 
ATOM   1035 C CG  . PRO A 1 137 ? -7.922  24.425  3.039   1.00 113.60 ? 219 PRO A CG  1 
ATOM   1036 C CD  . PRO A 1 137 ? -7.131  23.555  3.990   1.00 109.34 ? 219 PRO A CD  1 
ATOM   1037 N N   . GLN A 1 138 ? -5.204  24.409  0.932   1.00 128.52 ? 220 GLN A N   1 
ATOM   1038 C CA  . GLN A 1 138 ? -4.511  25.218  -0.067  1.00 151.27 ? 220 GLN A CA  1 
ATOM   1039 C C   . GLN A 1 138 ? -3.260  24.505  -0.590  1.00 153.69 ? 220 GLN A C   1 
ATOM   1040 O O   . GLN A 1 138 ? -2.736  24.839  -1.652  1.00 157.09 ? 220 GLN A O   1 
ATOM   1041 C CB  . GLN A 1 138 ? -4.274  26.649  0.441   1.00 159.78 ? 220 GLN A CB  1 
ATOM   1042 C CG  . GLN A 1 138 ? -2.816  27.020  0.712   1.00 162.23 ? 220 GLN A CG  1 
ATOM   1043 C CD  . GLN A 1 138 ? -2.452  27.249  2.163   1.00 163.30 ? 220 GLN A CD  1 
ATOM   1044 O OE1 . GLN A 1 138 ? -1.650  28.123  2.485   1.00 144.88 ? 220 GLN A OE1 1 
ATOM   1045 N NE2 . GLN A 1 138 ? -3.029  26.458  3.054   1.00 163.19 ? 220 GLN A NE2 1 
ATOM   1046 N N   . SER A 1 139 ? -2.810  23.479  0.136   1.00 145.09 ? 221 SER A N   1 
ATOM   1047 C CA  . SER A 1 139 ? -1.626  22.723  -0.240  1.00 123.24 ? 221 SER A CA  1 
ATOM   1048 C C   . SER A 1 139 ? -1.893  21.746  -1.389  1.00 109.99 ? 221 SER A C   1 
ATOM   1049 O O   . SER A 1 139 ? -0.939  21.293  -2.008  1.00 99.80  ? 221 SER A O   1 
ATOM   1050 C CB  . SER A 1 139 ? -1.115  21.926  0.965   1.00 132.72 ? 221 SER A CB  1 
ATOM   1051 O OG  . SER A 1 139 ? -1.747  20.641  1.080   1.00 137.17 ? 221 SER A OG  1 
ATOM   1052 N N   . GLY A 1 140 ? -3.142  21.562  -1.835  1.00 108.51 ? 222 GLY A N   1 
ATOM   1053 C CA  . GLY A 1 140 ? -3.531  21.463  -3.238  1.00 99.08  ? 222 GLY A CA  1 
ATOM   1054 C C   . GLY A 1 140 ? -4.052  20.029  -3.311  1.00 99.27  ? 222 GLY A C   1 
ATOM   1055 O O   . GLY A 1 140 ? -4.451  19.500  -4.341  1.00 102.36 ? 222 GLY A O   1 
ATOM   1056 N N   . ILE A 1 141 ? -4.097  19.425  -2.120  1.00 88.58  ? 223 ILE A N   1 
ATOM   1057 C CA  . ILE A 1 141 ? -4.353  18.005  -2.006  1.00 85.26  ? 223 ILE A CA  1 
ATOM   1058 C C   . ILE A 1 141 ? -5.708  17.777  -1.335  1.00 86.67  ? 223 ILE A C   1 
ATOM   1059 O O   . ILE A 1 141 ? -5.931  18.166  -0.182  1.00 91.34  ? 223 ILE A O   1 
ATOM   1060 C CB  . ILE A 1 141 ? -3.147  17.328  -1.319  1.00 71.69  ? 223 ILE A CB  1 
ATOM   1061 C CG1 . ILE A 1 141 ? -2.751  16.047  -2.045  1.00 69.89  ? 223 ILE A CG1 1 
ATOM   1062 C CG2 . ILE A 1 141 ? -3.344  17.117  0.173   1.00 92.32  ? 223 ILE A CG2 1 
ATOM   1063 C CD1 . ILE A 1 141 ? -2.576  16.281  -3.523  1.00 75.54  ? 223 ILE A CD1 1 
ATOM   1064 N N   . TYR A 1 142 ? -6.623  17.151  -2.086  1.00 80.18  ? 224 TYR A N   1 
ATOM   1065 C CA  . TYR A 1 142 ? -7.892  16.746  -1.490  1.00 81.96  ? 224 TYR A CA  1 
ATOM   1066 C C   . TYR A 1 142 ? -8.430  15.473  -2.140  1.00 68.39  ? 224 TYR A C   1 
ATOM   1067 O O   . TYR A 1 142 ? -8.188  15.178  -3.310  1.00 60.40  ? 224 TYR A O   1 
ATOM   1068 C CB  . TYR A 1 142 ? -8.915  17.890  -1.498  1.00 87.85  ? 224 TYR A CB  1 
ATOM   1069 C CG  . TYR A 1 142 ? -9.453  18.222  -2.865  1.00 92.62  ? 224 TYR A CG  1 
ATOM   1070 C CD1 . TYR A 1 142 ? -10.602 17.612  -3.349  1.00 95.61  ? 224 TYR A CD1 1 
ATOM   1071 C CD2 . TYR A 1 142 ? -8.791  19.120  -3.689  1.00 101.37 ? 224 TYR A CD2 1 
ATOM   1072 C CE1 . TYR A 1 142 ? -11.086 17.899  -4.616  1.00 105.87 ? 224 TYR A CE1 1 
ATOM   1073 C CE2 . TYR A 1 142 ? -9.260  19.418  -4.958  1.00 113.41 ? 224 TYR A CE2 1 
ATOM   1074 C CZ  . TYR A 1 142 ? -10.414 18.808  -5.419  1.00 117.23 ? 224 TYR A CZ  1 
ATOM   1075 O OH  . TYR A 1 142 ? -10.877 19.099  -6.669  1.00 124.70 ? 224 TYR A OH  1 
ATOM   1076 N N   . LEU A 1 143 ? -9.164  14.702  -1.347  1.00 62.05  ? 225 LEU A N   1 
ATOM   1077 C CA  . LEU A 1 143 ? -9.935  13.625  -1.926  1.00 61.01  ? 225 LEU A CA  1 
ATOM   1078 C C   . LEU A 1 143 ? -11.336 14.187  -2.140  1.00 62.68  ? 225 LEU A C   1 
ATOM   1079 O O   . LEU A 1 143 ? -12.040 14.445  -1.169  1.00 67.15  ? 225 LEU A O   1 
ATOM   1080 C CB  . LEU A 1 143 ? -9.935  12.461  -0.927  1.00 58.37  ? 225 LEU A CB  1 
ATOM   1081 C CG  . LEU A 1 143 ? -10.415 11.118  -1.470  1.00 56.81  ? 225 LEU A CG  1 
ATOM   1082 C CD1 . LEU A 1 143 ? -9.730  10.807  -2.794  1.00 53.62  ? 225 LEU A CD1 1 
ATOM   1083 C CD2 . LEU A 1 143 ? -10.170 10.008  -0.461  1.00 56.42  ? 225 LEU A CD2 1 
ATOM   1084 N N   . GLN A 1 144 ? -11.701 14.429  -3.404  1.00 71.36  ? 226 GLN A N   1 
ATOM   1085 C CA  . GLN A 1 144 ? -13.038 14.845  -3.818  1.00 78.38  ? 226 GLN A CA  1 
ATOM   1086 C C   . GLN A 1 144 ? -14.112 14.025  -3.080  1.00 76.34  ? 226 GLN A C   1 
ATOM   1087 O O   . GLN A 1 144 ? -14.038 12.788  -3.038  1.00 73.27  ? 226 GLN A O   1 
ATOM   1088 C CB  . GLN A 1 144 ? -13.082 14.729  -5.348  1.00 82.45  ? 226 GLN A CB  1 
ATOM   1089 C CG  . GLN A 1 144 ? -14.407 15.063  -6.023  1.00 89.64  ? 226 GLN A CG  1 
ATOM   1090 C CD  . GLN A 1 144 ? -14.411 14.573  -7.452  1.00 109.16 ? 226 GLN A CD  1 
ATOM   1091 O OE1 . GLN A 1 144 ? -13.577 13.763  -7.858  1.00 117.69 ? 226 GLN A OE1 1 
ATOM   1092 N NE2 . GLN A 1 144 ? -15.354 15.068  -8.240  1.00 113.06 ? 226 GLN A NE2 1 
ATOM   1093 N N   . ARG A 1 145 ? -15.096 14.738  -2.490  1.00 73.95  ? 227 ARG A N   1 
ATOM   1094 C CA  . ARG A 1 145 ? -16.236 14.211  -1.739  1.00 76.75  ? 227 ARG A CA  1 
ATOM   1095 C C   . ARG A 1 145 ? -16.630 12.826  -2.255  1.00 78.26  ? 227 ARG A C   1 
ATOM   1096 O O   . ARG A 1 145 ? -16.627 11.848  -1.507  1.00 75.95  ? 227 ARG A O   1 
ATOM   1097 C CB  . ARG A 1 145 ? -17.462 15.107  -1.970  1.00 80.79  ? 227 ARG A CB  1 
ATOM   1098 C CG  . ARG A 1 145 ? -17.978 15.905  -0.780  1.00 69.53  ? 227 ARG A CG  1 
ATOM   1099 C CD  . ARG A 1 145 ? -19.223 16.633  -1.282  1.00 73.01  ? 227 ARG A CD  1 
ATOM   1100 N NE  . ARG A 1 145 ? -19.939 17.470  -0.317  1.00 79.30  ? 227 ARG A NE  1 
ATOM   1101 C CZ  . ARG A 1 145 ? -21.025 18.203  -0.580  1.00 80.41  ? 227 ARG A CZ  1 
ATOM   1102 N NH1 . ARG A 1 145 ? -21.536 18.224  -1.800  1.00 72.47  ? 227 ARG A NH1 1 
ATOM   1103 N NH2 . ARG A 1 145 ? -21.606 18.906  0.380   1.00 88.70  ? 227 ARG A NH2 1 
ATOM   1104 N N   . GLY A 1 146 ? -16.967 12.771  -3.551  1.00 68.36  ? 228 GLY A N   1 
ATOM   1105 C CA  . GLY A 1 146 ? -17.387 11.561  -4.238  1.00 64.32  ? 228 GLY A CA  1 
ATOM   1106 C C   . GLY A 1 146 ? -16.414 10.394  -4.079  1.00 67.92  ? 228 GLY A C   1 
ATOM   1107 O O   . GLY A 1 146 ? -16.851 9.278   -3.803  1.00 70.10  ? 228 GLY A O   1 
ATOM   1108 N N   . LEU A 1 147 ? -15.105 10.637  -4.267  1.00 71.45  ? 229 LEU A N   1 
ATOM   1109 C CA  . LEU A 1 147 ? -14.137 9.548   -4.212  1.00 66.36  ? 229 LEU A CA  1 
ATOM   1110 C C   . LEU A 1 147 ? -13.926 9.082   -2.771  1.00 67.86  ? 229 LEU A C   1 
ATOM   1111 O O   . LEU A 1 147 ? -13.671 7.899   -2.544  1.00 60.24  ? 229 LEU A O   1 
ATOM   1112 C CB  . LEU A 1 147 ? -12.827 9.935   -4.902  1.00 70.73  ? 229 LEU A CB  1 
ATOM   1113 C CG  . LEU A 1 147 ? -12.802 9.687   -6.409  1.00 82.30  ? 229 LEU A CG  1 
ATOM   1114 C CD1 . LEU A 1 147 ? -11.575 10.325  -7.037  1.00 86.63  ? 229 LEU A CD1 1 
ATOM   1115 C CD2 . LEU A 1 147 ? -12.835 8.201   -6.721  1.00 79.80  ? 229 LEU A CD2 1 
ATOM   1116 N N   . ILE A 1 148 ? -14.063 10.007  -1.808  1.00 58.79  ? 230 ILE A N   1 
ATOM   1117 C CA  . ILE A 1 148 ? -13.989 9.677   -0.392  1.00 61.95  ? 230 ILE A CA  1 
ATOM   1118 C C   . ILE A 1 148 ? -14.992 8.578   -0.043  1.00 66.89  ? 230 ILE A C   1 
ATOM   1119 O O   . ILE A 1 148 ? -14.719 7.707   0.792   1.00 67.70  ? 230 ILE A O   1 
ATOM   1120 C CB  . ILE A 1 148 ? -14.226 10.913  0.446   1.00 59.06  ? 230 ILE A CB  1 
ATOM   1121 N N   . ILE A 1 149 ? -16.171 8.651   -0.675  1.00 64.67  ? 231 ILE A N   1 
ATOM   1122 C CA  . ILE A 1 149 ? -17.212 7.664   -0.459  1.00 65.98  ? 231 ILE A CA  1 
ATOM   1123 C C   . ILE A 1 149 ? -16.709 6.307   -0.950  1.00 61.06  ? 231 ILE A C   1 
ATOM   1124 O O   . ILE A 1 149 ? -16.746 5.327   -0.208  1.00 63.37  ? 231 ILE A O   1 
ATOM   1125 C CB  . ILE A 1 149 ? -18.542 8.121   -1.101  1.00 67.57  ? 231 ILE A CB  1 
ATOM   1126 C CG1 . ILE A 1 149 ? -19.229 9.237   -0.293  1.00 68.41  ? 231 ILE A CG1 1 
ATOM   1127 C CG2 . ILE A 1 149 ? -19.455 6.935   -1.393  1.00 57.46  ? 231 ILE A CG2 1 
ATOM   1128 C CD1 . ILE A 1 149 ? -19.813 8.841   1.066   1.00 59.93  ? 231 ILE A CD1 1 
ATOM   1129 N N   . PHE A 1 150 ? -16.174 6.260   -2.174  1.00 57.88  ? 232 PHE A N   1 
ATOM   1130 C CA  . PHE A 1 150 ? -15.658 5.003   -2.700  1.00 59.70  ? 232 PHE A CA  1 
ATOM   1131 C C   . PHE A 1 150 ? -14.429 4.503   -1.925  1.00 60.83  ? 232 PHE A C   1 
ATOM   1132 O O   . PHE A 1 150 ? -14.284 3.294   -1.712  1.00 54.52  ? 232 PHE A O   1 
ATOM   1133 C CB  . PHE A 1 150 ? -15.515 5.076   -4.220  1.00 61.62  ? 232 PHE A CB  1 
ATOM   1134 C CG  . PHE A 1 150 ? -16.828 5.343   -4.907  1.00 74.13  ? 232 PHE A CG  1 
ATOM   1135 C CD1 . PHE A 1 150 ? -17.171 6.621   -5.326  1.00 78.76  ? 232 PHE A CD1 1 
ATOM   1136 C CD2 . PHE A 1 150 ? -17.746 4.322   -5.108  1.00 74.94  ? 232 PHE A CD2 1 
ATOM   1137 C CE1 . PHE A 1 150 ? -18.383 6.861   -5.960  1.00 70.89  ? 232 PHE A CE1 1 
ATOM   1138 C CE2 . PHE A 1 150 ? -18.962 4.567   -5.730  1.00 71.45  ? 232 PHE A CE2 1 
ATOM   1139 C CZ  . PHE A 1 150 ? -19.275 5.837   -6.159  1.00 69.73  ? 232 PHE A CZ  1 
ATOM   1140 N N   . ALA A 1 151 ? -13.565 5.415   -1.455  1.00 53.72  ? 233 ALA A N   1 
ATOM   1141 C CA  . ALA A 1 151 ? -12.531 5.038   -0.488  1.00 56.13  ? 233 ALA A CA  1 
ATOM   1142 C C   . ALA A 1 151 ? -13.132 4.429   0.781   1.00 59.12  ? 233 ALA A C   1 
ATOM   1143 O O   . ALA A 1 151 ? -12.691 3.361   1.211   1.00 56.84  ? 233 ALA A O   1 
ATOM   1144 C CB  . ALA A 1 151 ? -11.624 6.193   -0.152  1.00 55.80  ? 233 ALA A CB  1 
ATOM   1145 N N   . LEU A 1 152 ? -14.123 5.115   1.381   1.00 60.15  ? 234 LEU A N   1 
ATOM   1146 C CA  . LEU A 1 152 ? -14.786 4.678   2.604   1.00 57.50  ? 234 LEU A CA  1 
ATOM   1147 C C   . LEU A 1 152 ? -15.366 3.273   2.437   1.00 60.39  ? 234 LEU A C   1 
ATOM   1148 O O   . LEU A 1 152 ? -15.281 2.440   3.338   1.00 67.96  ? 234 LEU A O   1 
ATOM   1149 C CB  . LEU A 1 152 ? -15.897 5.687   2.893   1.00 66.71  ? 234 LEU A CB  1 
ATOM   1150 C CG  . LEU A 1 152 ? -16.124 6.047   4.354   1.00 68.79  ? 234 LEU A CG  1 
ATOM   1151 C CD1 . LEU A 1 152 ? -17.524 6.609   4.526   1.00 66.53  ? 234 LEU A CD1 1 
ATOM   1152 C CD2 . LEU A 1 152 ? -15.931 4.818   5.237   1.00 63.27  ? 234 LEU A CD2 1 
ATOM   1153 N N   . ILE A 1 153 ? -15.950 3.003   1.265   1.00 63.35  ? 235 ILE A N   1 
ATOM   1154 C CA  . ILE A 1 153 ? -16.533 1.696   0.989   1.00 61.13  ? 235 ILE A CA  1 
ATOM   1155 C C   . ILE A 1 153 ? -15.419 0.658   0.893   1.00 56.32  ? 235 ILE A C   1 
ATOM   1156 O O   . ILE A 1 153 ? -15.622 -0.518  1.204   1.00 55.92  ? 235 ILE A O   1 
ATOM   1157 C CB  . ILE A 1 153 ? -17.413 1.739   -0.281  1.00 56.78  ? 235 ILE A CB  1 
ATOM   1158 C CG1 . ILE A 1 153 ? -18.642 2.635   -0.096  1.00 63.11  ? 235 ILE A CG1 1 
ATOM   1159 C CG2 . ILE A 1 153 ? -17.819 0.343   -0.693  1.00 50.23  ? 235 ILE A CG2 1 
ATOM   1160 C CD1 . ILE A 1 153 ? -19.322 3.047   -1.393  1.00 62.64  ? 235 ILE A CD1 1 
ATOM   1161 N N   . TRP A 1 154 ? -14.252 1.109   0.420   1.00 62.25  ? 236 TRP A N   1 
ATOM   1162 C CA  . TRP A 1 154 ? -13.102 0.244   0.215   1.00 62.33  ? 236 TRP A CA  1 
ATOM   1163 C C   . TRP A 1 154 ? -12.608 -0.214  1.581   1.00 55.09  ? 236 TRP A C   1 
ATOM   1164 O O   . TRP A 1 154 ? -12.470 -1.415  1.844   1.00 43.90  ? 236 TRP A O   1 
ATOM   1165 C CB  . TRP A 1 154 ? -12.015 1.006   -0.544  1.00 70.64  ? 236 TRP A CB  1 
ATOM   1166 C CG  . TRP A 1 154 ? -11.143 0.107   -1.360  1.00 87.01  ? 236 TRP A CG  1 
ATOM   1167 C CD1 . TRP A 1 154 ? -9.855  -0.256  -1.098  1.00 80.23  ? 236 TRP A CD1 1 
ATOM   1168 C CD2 . TRP A 1 154 ? -11.519 -0.575  -2.568  1.00 90.03  ? 236 TRP A CD2 1 
ATOM   1169 N NE1 . TRP A 1 154 ? -9.404  -1.111  -2.065  1.00 81.75  ? 236 TRP A NE1 1 
ATOM   1170 C CE2 . TRP A 1 154 ? -10.397 -1.322  -2.982  1.00 84.40  ? 236 TRP A CE2 1 
ATOM   1171 C CE3 . TRP A 1 154 ? -12.690 -0.628  -3.338  1.00 92.47  ? 236 TRP A CE3 1 
ATOM   1172 C CZ2 . TRP A 1 154 ? -10.407 -2.096  -4.142  1.00 90.45  ? 236 TRP A CZ2 1 
ATOM   1173 C CZ3 . TRP A 1 154 ? -12.707 -1.409  -4.473  1.00 91.42  ? 236 TRP A CZ3 1 
ATOM   1174 C CH2 . TRP A 1 154 ? -11.577 -2.128  -4.869  1.00 90.93  ? 236 TRP A CH2 1 
ATOM   1175 N N   . ILE A 1 155 ? -12.442 0.773   2.468   1.00 47.55  ? 237 ILE A N   1 
ATOM   1176 C CA  . ILE A 1 155 ? -12.119 0.494   3.856   1.00 54.97  ? 237 ILE A CA  1 
ATOM   1177 C C   . ILE A 1 155 ? -13.104 -0.523  4.423   1.00 60.69  ? 237 ILE A C   1 
ATOM   1178 O O   . ILE A 1 155 ? -12.671 -1.534  4.959   1.00 67.32  ? 237 ILE A O   1 
ATOM   1179 C CB  . ILE A 1 155 ? -12.042 1.781   4.690   1.00 54.97  ? 237 ILE A CB  1 
ATOM   1180 C CG1 . ILE A 1 155 ? -10.847 2.633   4.234   1.00 59.70  ? 237 ILE A CG1 1 
ATOM   1181 C CG2 . ILE A 1 155 ? -11.974 1.429   6.167   1.00 55.15  ? 237 ILE A CG2 1 
ATOM   1182 C CD1 . ILE A 1 155 ? -10.940 4.130   4.510   1.00 55.09  ? 237 ILE A CD1 1 
ATOM   1183 N N   . VAL A 1 156 ? -14.411 -0.287  4.237   1.00 60.04  ? 238 VAL A N   1 
ATOM   1184 C CA  . VAL A 1 156 ? -15.465 -1.129  4.789   1.00 51.17  ? 238 VAL A CA  1 
ATOM   1185 C C   . VAL A 1 156 ? -15.392 -2.560  4.255   1.00 53.41  ? 238 VAL A C   1 
ATOM   1186 O O   . VAL A 1 156 ? -15.565 -3.522  5.013   1.00 56.38  ? 238 VAL A O   1 
ATOM   1187 C CB  . VAL A 1 156 ? -16.861 -0.494  4.613   1.00 54.38  ? 238 VAL A CB  1 
ATOM   1188 C CG1 . VAL A 1 156 ? -17.996 -1.477  4.898   1.00 40.56  ? 238 VAL A CG1 1 
ATOM   1189 C CG2 . VAL A 1 156 ? -17.004 0.779   5.458   1.00 48.48  ? 238 VAL A CG2 1 
ATOM   1190 N N   . ALA A 1 157 ? -15.149 -2.712  2.953   1.00 57.15  ? 239 ALA A N   1 
ATOM   1191 C CA  . ALA A 1 157 ? -15.126 -4.039  2.344   1.00 62.65  ? 239 ALA A CA  1 
ATOM   1192 C C   . ALA A 1 157 ? -14.016 -4.910  2.950   1.00 70.22  ? 239 ALA A C   1 
ATOM   1193 O O   . ALA A 1 157 ? -14.169 -6.139  3.134   1.00 65.01  ? 239 ALA A O   1 
ATOM   1194 C CB  . ALA A 1 157 ? -14.977 -3.898  0.848   1.00 52.48  ? 239 ALA A CB  1 
ATOM   1195 N N   . GLY A 1 158 ? -12.890 -4.229  3.233   1.00 60.48  ? 240 GLY A N   1 
ATOM   1196 C CA  . GLY A 1 158 ? -11.717 -4.831  3.833   1.00 65.69  ? 240 GLY A CA  1 
ATOM   1197 C C   . GLY A 1 158 ? -12.062 -5.420  5.192   1.00 62.52  ? 240 GLY A C   1 
ATOM   1198 O O   . GLY A 1 158 ? -11.991 -6.642  5.362   1.00 66.23  ? 240 GLY A O   1 
ATOM   1199 N N   . TRP A 1 159 ? -12.472 -4.516  6.102   1.00 53.20  ? 241 TRP A N   1 
ATOM   1200 C CA  . TRP A 1 159 ? -12.947 -4.787  7.451   1.00 56.82  ? 241 TRP A CA  1 
ATOM   1201 C C   . TRP A 1 159 ? -13.850 -6.019  7.515   1.00 64.60  ? 241 TRP A C   1 
ATOM   1202 O O   . TRP A 1 159 ? -13.647 -6.875  8.371   1.00 74.82  ? 241 TRP A O   1 
ATOM   1203 C CB  . TRP A 1 159 ? -13.670 -3.559  8.005   1.00 65.87  ? 241 TRP A CB  1 
ATOM   1204 C CG  . TRP A 1 159 ? -13.897 -3.643  9.480   1.00 78.86  ? 241 TRP A CG  1 
ATOM   1205 C CD1 . TRP A 1 159 ? -14.600 -4.595  10.166  1.00 83.69  ? 241 TRP A CD1 1 
ATOM   1206 C CD2 . TRP A 1 159 ? -13.373 -2.740  10.466  1.00 83.26  ? 241 TRP A CD2 1 
ATOM   1207 N NE1 . TRP A 1 159 ? -14.552 -4.348  11.511  1.00 94.07  ? 241 TRP A NE1 1 
ATOM   1208 C CE2 . TRP A 1 159 ? -13.799 -3.220  11.729  1.00 90.78  ? 241 TRP A CE2 1 
ATOM   1209 C CE3 . TRP A 1 159 ? -12.564 -1.600  10.402  1.00 77.19  ? 241 TRP A CE3 1 
ATOM   1210 C CZ2 . TRP A 1 159 ? -13.450 -2.583  12.922  1.00 86.39  ? 241 TRP A CZ2 1 
ATOM   1211 C CZ3 . TRP A 1 159 ? -12.225 -0.972  11.582  1.00 88.45  ? 241 TRP A CZ3 1 
ATOM   1212 C CH2 . TRP A 1 159 ? -12.662 -1.456  12.822  1.00 85.47  ? 241 TRP A CH2 1 
ATOM   1213 N N   . PHE A 1 160 ? -14.865 -6.093  6.635   1.00 65.60  ? 242 PHE A N   1 
ATOM   1214 C CA  . PHE A 1 160 ? -15.933 -7.073  6.782   1.00 62.64  ? 242 PHE A CA  1 
ATOM   1215 C C   . PHE A 1 160 ? -15.719 -8.281  5.884   1.00 63.26  ? 242 PHE A C   1 
ATOM   1216 O O   . PHE A 1 160 ? -16.575 -9.166  5.854   1.00 72.12  ? 242 PHE A O   1 
ATOM   1217 C CB  . PHE A 1 160 ? -17.304 -6.429  6.576   1.00 50.93  ? 242 PHE A CB  1 
ATOM   1218 C CG  . PHE A 1 160 ? -17.705 -5.533  7.711   1.00 44.08  ? 242 PHE A CG  1 
ATOM   1219 C CD1 . PHE A 1 160 ? -17.615 -4.155  7.592   1.00 46.62  ? 242 PHE A CD1 1 
ATOM   1220 C CD2 . PHE A 1 160 ? -18.109 -6.067  8.924   1.00 47.31  ? 242 PHE A CD2 1 
ATOM   1221 C CE1 . PHE A 1 160 ? -17.979 -3.324  8.649   1.00 50.19  ? 242 PHE A CE1 1 
ATOM   1222 C CE2 . PHE A 1 160 ? -18.470 -5.241  9.983   1.00 44.16  ? 242 PHE A CE2 1 
ATOM   1223 C CZ  . PHE A 1 160 ? -18.412 -3.869  9.846   1.00 48.02  ? 242 PHE A CZ  1 
ATOM   1224 N N   . ASP A 1 161 ? -14.578 -8.299  5.181   1.00 66.90  ? 243 ASP A N   1 
ATOM   1225 C CA  . ASP A 1 161 ? -14.083 -9.471  4.467   1.00 72.78  ? 243 ASP A CA  1 
ATOM   1226 C C   . ASP A 1 161 ? -15.044 -9.758  3.324   1.00 71.19  ? 243 ASP A C   1 
ATOM   1227 O O   . ASP A 1 161 ? -15.443 -10.904 3.100   1.00 68.32  ? 243 ASP A O   1 
ATOM   1228 C CB  . ASP A 1 161 ? -13.827 -10.672 5.393   1.00 75.18  ? 243 ASP A CB  1 
ATOM   1229 C CG  . ASP A 1 161 ? -13.420 -11.977 4.713   1.00 93.80  ? 243 ASP A CG  1 
ATOM   1230 O OD1 . ASP A 1 161 ? -13.722 -13.047 5.292   1.00 97.41  ? 243 ASP A OD1 1 
ATOM   1231 O OD2 . ASP A 1 161 ? -12.775 -11.932 3.628   1.00 94.62  ? 243 ASP A OD2 1 
ATOM   1232 N N   . LEU A 1 162 ? -15.398 -8.691  2.602   1.00 63.37  ? 244 LEU A N   1 
ATOM   1233 C CA  . LEU A 1 162 ? -16.365 -8.867  1.533   1.00 75.57  ? 244 LEU A CA  1 
ATOM   1234 C C   . LEU A 1 162 ? -15.673 -9.521  0.338   1.00 87.89  ? 244 LEU A C   1 
ATOM   1235 O O   . LEU A 1 162 ? -15.960 -10.672 0.000   1.00 91.00  ? 244 LEU A O   1 
ATOM   1236 C CB  . LEU A 1 162 ? -16.977 -7.503  1.198   1.00 69.54  ? 244 LEU A CB  1 
ATOM   1237 C CG  . LEU A 1 162 ? -17.724 -6.846  2.364   1.00 71.78  ? 244 LEU A CG  1 
ATOM   1238 C CD1 . LEU A 1 162 ? -18.464 -5.591  1.929   1.00 64.71  ? 244 LEU A CD1 1 
ATOM   1239 C CD2 . LEU A 1 162 ? -18.664 -7.816  3.086   1.00 52.03  ? 244 LEU A CD2 1 
ATOM   1240 N N   . PHE A 1 163 ? -14.702 -8.770  -0.196  1.00 87.37  ? 245 PHE A N   1 
ATOM   1241 C CA  . PHE A 1 163 ? -13.853 -8.976  -1.364  1.00 75.31  ? 245 PHE A CA  1 
ATOM   1242 C C   . PHE A 1 163 ? -13.796 -10.374 -1.977  1.00 70.12  ? 245 PHE A C   1 
ATOM   1243 O O   . PHE A 1 163 ? -13.563 -10.456 -3.176  1.00 82.27  ? 245 PHE A O   1 
ATOM   1244 C CB  . PHE A 1 163 ? -12.461 -8.416  -1.085  1.00 74.81  ? 245 PHE A CB  1 
ATOM   1245 C CG  . PHE A 1 163 ? -12.343 -6.974  -1.482  1.00 65.63  ? 245 PHE A CG  1 
ATOM   1246 C CD1 . PHE A 1 163 ? -12.787 -6.575  -2.726  1.00 72.22  ? 245 PHE A CD1 1 
ATOM   1247 C CD2 . PHE A 1 163 ? -11.808 -6.029  -0.628  1.00 65.59  ? 245 PHE A CD2 1 
ATOM   1248 C CE1 . PHE A 1 163 ? -12.698 -5.251  -3.110  1.00 78.24  ? 245 PHE A CE1 1 
ATOM   1249 C CE2 . PHE A 1 163 ? -11.697 -4.705  -1.022  1.00 77.22  ? 245 PHE A CE2 1 
ATOM   1250 C CZ  . PHE A 1 163 ? -12.150 -4.321  -2.262  1.00 76.14  ? 245 PHE A CZ  1 
ATOM   1251 N N   . GLY A 1 164 ? -13.947 -11.446 -1.184  1.00 64.58  ? 246 GLY A N   1 
ATOM   1252 C CA  . GLY A 1 164 ? -13.764 -12.802 -1.679  1.00 55.37  ? 246 GLY A CA  1 
ATOM   1253 C C   . GLY A 1 164 ? -12.318 -13.256 -1.542  1.00 64.49  ? 246 GLY A C   1 
ATOM   1254 O O   . GLY A 1 164 ? -11.964 -14.373 -1.903  1.00 71.01  ? 246 GLY A O   1 
ATOM   1255 N N   . MET A 1 165 ? -11.485 -12.349 -1.022  1.00 75.59  ? 247 MET A N   1 
ATOM   1256 C CA  . MET A 1 165 ? -10.070 -12.578 -0.789  1.00 70.02  ? 247 MET A CA  1 
ATOM   1257 C C   . MET A 1 165 ? -9.888  -12.817 0.704   1.00 66.81  ? 247 MET A C   1 
ATOM   1258 O O   . MET A 1 165 ? -10.700 -12.379 1.510   1.00 77.52  ? 247 MET A O   1 
ATOM   1259 C CB  . MET A 1 165 ? -9.266  -11.327 -1.164  1.00 81.32  ? 247 MET A CB  1 
ATOM   1260 C CG  . MET A 1 165 ? -9.468  -10.816 -2.591  1.00 90.31  ? 247 MET A CG  1 
ATOM   1261 S SD  . MET A 1 165 ? -8.648  -9.212  -2.878  1.00 113.25 ? 247 MET A SD  1 
ATOM   1262 C CE  . MET A 1 165 ? -9.518  -8.648  -4.342  1.00 89.22  ? 247 MET A CE  1 
ATOM   1263 N N   . SER A 1 166 ? -8.812  -13.493 1.091   1.00 69.36  ? 248 SER A N   1 
ATOM   1264 C CA  . SER A 1 166 ? -8.418  -13.374 2.484   1.00 73.72  ? 248 SER A CA  1 
ATOM   1265 C C   . SER A 1 166 ? -7.603  -12.093 2.689   1.00 77.73  ? 248 SER A C   1 
ATOM   1266 O O   . SER A 1 166 ? -6.678  -11.801 1.936   1.00 87.42  ? 248 SER A O   1 
ATOM   1267 C CB  . SER A 1 166 ? -7.732  -14.603 2.945   1.00 73.66  ? 248 SER A CB  1 
ATOM   1268 O OG  . SER A 1 166 ? -8.672  -15.662 2.917   1.00 94.64  ? 248 SER A OG  1 
ATOM   1269 N N   . MET A 1 167 ? -7.994  -11.297 3.688   1.00 74.47  ? 249 MET A N   1 
ATOM   1270 C CA  . MET A 1 167 ? -7.533  -9.923  3.788   1.00 66.59  ? 249 MET A CA  1 
ATOM   1271 C C   . MET A 1 167 ? -6.406  -9.830  4.808   1.00 63.23  ? 249 MET A C   1 
ATOM   1272 O O   . MET A 1 167 ? -6.468  -10.431 5.878   1.00 66.50  ? 249 MET A O   1 
ATOM   1273 C CB  . MET A 1 167 ? -8.665  -8.977  4.208   1.00 70.46  ? 249 MET A CB  1 
ATOM   1274 C CG  . MET A 1 167 ? -9.617  -8.571  3.080   1.00 72.54  ? 249 MET A CG  1 
ATOM   1275 S SD  . MET A 1 167 ? -8.852  -8.352  1.438   1.00 78.65  ? 249 MET A SD  1 
ATOM   1276 C CE  . MET A 1 167 ? -8.768  -6.564  1.334   1.00 77.82  ? 249 MET A CE  1 
ATOM   1277 N N   . ALA A 1 168 ? -5.359  -9.088  4.444   1.00 61.01  ? 250 ALA A N   1 
ATOM   1278 C CA  . ALA A 1 168 ? -4.323  -8.734  5.397   1.00 61.11  ? 250 ALA A CA  1 
ATOM   1279 C C   . ALA A 1 168 ? -4.887  -7.631  6.290   1.00 59.31  ? 250 ALA A C   1 
ATOM   1280 O O   . ALA A 1 168 ? -4.870  -6.453  5.917   1.00 54.09  ? 250 ALA A O   1 
ATOM   1281 C CB  . ALA A 1 168 ? -3.071  -8.302  4.672   1.00 59.98  ? 250 ALA A CB  1 
ATOM   1282 N N   . ASN A 1 169 ? -5.415  -8.045  7.454   1.00 54.31  ? 251 ASN A N   1 
ATOM   1283 C CA  . ASN A 1 169 ? -6.117  -7.151  8.364   1.00 60.47  ? 251 ASN A CA  1 
ATOM   1284 C C   . ASN A 1 169 ? -5.204  -6.086  8.993   1.00 62.25  ? 251 ASN A C   1 
ATOM   1285 O O   . ASN A 1 169 ? -5.535  -4.898  8.947   1.00 53.43  ? 251 ASN A O   1 
ATOM   1286 C CB  . ASN A 1 169 ? -7.008  -7.934  9.329   1.00 65.09  ? 251 ASN A CB  1 
ATOM   1287 C CG  . ASN A 1 169 ? -8.278  -8.438  8.662   1.00 71.40  ? 251 ASN A CG  1 
ATOM   1288 O OD1 . ASN A 1 169 ? -8.936  -7.721  7.889   1.00 58.18  ? 251 ASN A OD1 1 
ATOM   1289 N ND2 . ASN A 1 169 ? -8.623  -9.684  8.946   1.00 62.64  ? 251 ASN A ND2 1 
ATOM   1290 N N   . GLY A 1 170 ? -4.070  -6.511  9.580   1.00 58.15  ? 252 GLY A N   1 
ATOM   1291 C CA  . GLY A 1 170 ? -3.101  -5.602  10.167  1.00 52.71  ? 252 GLY A CA  1 
ATOM   1292 C C   . GLY A 1 170 ? -2.575  -4.605  9.135   1.00 58.14  ? 252 GLY A C   1 
ATOM   1293 O O   . GLY A 1 170 ? -2.551  -3.391  9.352   1.00 54.21  ? 252 GLY A O   1 
ATOM   1294 N N   . ALA A 1 171 ? -2.171  -5.124  7.981   1.00 61.26  ? 253 ALA A N   1 
ATOM   1295 C CA  . ALA A 1 171 ? -1.567  -4.248  6.993   1.00 65.19  ? 253 ALA A CA  1 
ATOM   1296 C C   . ALA A 1 171 ? -2.495  -3.081  6.632   1.00 54.84  ? 253 ALA A C   1 
ATOM   1297 O O   . ALA A 1 171 ? -2.034  -1.986  6.324   1.00 58.07  ? 253 ALA A O   1 
ATOM   1298 C CB  . ALA A 1 171 ? -1.146  -5.058  5.788   1.00 59.57  ? 253 ALA A CB  1 
ATOM   1299 N N   . HIS A 1 172 ? -3.806  -3.326  6.638   1.00 56.24  ? 254 HIS A N   1 
ATOM   1300 C CA  . HIS A 1 172 ? -4.776  -2.377  6.101   1.00 64.09  ? 254 HIS A CA  1 
ATOM   1301 C C   . HIS A 1 172 ? -5.008  -1.197  7.038   1.00 55.96  ? 254 HIS A C   1 
ATOM   1302 O O   . HIS A 1 172 ? -5.033  -0.055  6.574   1.00 53.18  ? 254 HIS A O   1 
ATOM   1303 C CB  . HIS A 1 172 ? -6.092  -3.084  5.765   1.00 65.68  ? 254 HIS A CB  1 
ATOM   1304 C CG  . HIS A 1 172 ? -5.991  -3.855  4.497   1.00 78.69  ? 254 HIS A CG  1 
ATOM   1305 N ND1 . HIS A 1 172 ? -6.908  -4.822  4.158   1.00 80.83  ? 254 HIS A ND1 1 
ATOM   1306 C CD2 . HIS A 1 172 ? -5.074  -3.821  3.501   1.00 76.18  ? 254 HIS A CD2 1 
ATOM   1307 C CE1 . HIS A 1 172 ? -6.566  -5.354  3.006   1.00 80.67  ? 254 HIS A CE1 1 
ATOM   1308 N NE2 . HIS A 1 172 ? -5.449  -4.751  2.581   1.00 77.51  ? 254 HIS A NE2 1 
ATOM   1309 N N   . ILE A 1 173 ? -5.202  -1.499  8.336   1.00 53.39  ? 255 ILE A N   1 
ATOM   1310 C CA  . ILE A 1 173 ? -5.348  -0.469  9.357   1.00 62.82  ? 255 ILE A CA  1 
ATOM   1311 C C   . ILE A 1 173 ? -4.039  0.284   9.557   1.00 63.43  ? 255 ILE A C   1 
ATOM   1312 O O   . ILE A 1 173 ? -4.038  1.510   9.444   1.00 65.23  ? 255 ILE A O   1 
ATOM   1313 C CB  . ILE A 1 173 ? -5.904  -0.988  10.696  1.00 65.77  ? 255 ILE A CB  1 
ATOM   1314 C CG1 . ILE A 1 173 ? -4.990  -2.039  11.321  1.00 69.77  ? 255 ILE A CG1 1 
ATOM   1315 C CG2 . ILE A 1 173 ? -7.340  -1.476  10.554  1.00 70.57  ? 255 ILE A CG2 1 
ATOM   1316 C CD1 . ILE A 1 173 ? -5.683  -2.949  12.319  1.00 79.22  ? 255 ILE A CD1 1 
ATOM   1317 N N   . ALA A 1 174 ? -2.942  -0.452  9.822   1.00 60.53  ? 256 ALA A N   1 
ATOM   1318 C CA  . ALA A 1 174 ? -1.637  0.179   9.995   1.00 50.00  ? 256 ALA A CA  1 
ATOM   1319 C C   . ALA A 1 174 ? -1.400  1.136   8.837   1.00 47.92  ? 256 ALA A C   1 
ATOM   1320 O O   . ALA A 1 174 ? -1.000  2.275   9.045   1.00 51.22  ? 256 ALA A O   1 
ATOM   1321 C CB  . ALA A 1 174 ? -0.534  -0.836  10.151  1.00 44.84  ? 256 ALA A CB  1 
ATOM   1322 N N   . GLY A 1 175 ? -1.791  0.708   7.632   1.00 49.83  ? 257 GLY A N   1 
ATOM   1323 C CA  . GLY A 1 175 ? -1.556  1.527   6.455   1.00 46.88  ? 257 GLY A CA  1 
ATOM   1324 C C   . GLY A 1 175 ? -2.322  2.840   6.575   1.00 53.86  ? 257 GLY A C   1 
ATOM   1325 O O   . GLY A 1 175 ? -1.786  3.919   6.323   1.00 52.32  ? 257 GLY A O   1 
ATOM   1326 N N   . LEU A 1 176 ? -3.578  2.732   7.017   1.00 52.63  ? 258 LEU A N   1 
ATOM   1327 C CA  . LEU A 1 176 ? -4.442  3.899   7.103   1.00 56.81  ? 258 LEU A CA  1 
ATOM   1328 C C   . LEU A 1 176 ? -3.963  4.843   8.208   1.00 56.37  ? 258 LEU A C   1 
ATOM   1329 O O   . LEU A 1 176 ? -3.881  6.055   7.979   1.00 55.90  ? 258 LEU A O   1 
ATOM   1330 C CB  . LEU A 1 176 ? -5.878  3.431   7.359   1.00 61.42  ? 258 LEU A CB  1 
ATOM   1331 C CG  . LEU A 1 176 ? -6.946  4.520   7.352   1.00 55.05  ? 258 LEU A CG  1 
ATOM   1332 C CD1 . LEU A 1 176 ? -6.952  5.252   6.020   1.00 52.68  ? 258 LEU A CD1 1 
ATOM   1333 C CD2 . LEU A 1 176 ? -8.299  3.915   7.649   1.00 52.73  ? 258 LEU A CD2 1 
ATOM   1334 N N   . ALA A 1 177 ? -3.662  4.282   9.393   1.00 50.72  ? 259 ALA A N   1 
ATOM   1335 C CA  . ALA A 1 177 ? -3.144  5.070   10.505  1.00 53.98  ? 259 ALA A CA  1 
ATOM   1336 C C   . ALA A 1 177 ? -1.953  5.898   10.041  1.00 61.47  ? 259 ALA A C   1 
ATOM   1337 O O   . ALA A 1 177 ? -1.979  7.122   10.180  1.00 66.98  ? 259 ALA A O   1 
ATOM   1338 C CB  . ALA A 1 177 ? -2.777  4.204   11.676  1.00 47.50  ? 259 ALA A CB  1 
ATOM   1339 N N   . VAL A 1 178 ? -0.955  5.216   9.442   1.00 59.89  ? 260 VAL A N   1 
ATOM   1340 C CA  . VAL A 1 178 ? 0.278   5.838   8.973   1.00 52.78  ? 260 VAL A CA  1 
ATOM   1341 C C   . VAL A 1 178 ? -0.048  7.041   8.090   1.00 49.52  ? 260 VAL A C   1 
ATOM   1342 O O   . VAL A 1 178 ? 0.525   8.113   8.239   1.00 55.02  ? 260 VAL A O   1 
ATOM   1343 C CB  . VAL A 1 178 ? 1.160   4.823   8.224   1.00 51.41  ? 260 VAL A CB  1 
ATOM   1344 C CG1 . VAL A 1 178 ? 1.991   5.467   7.135   1.00 54.31  ? 260 VAL A CG1 1 
ATOM   1345 C CG2 . VAL A 1 178 ? 2.064   4.076   9.168   1.00 56.26  ? 260 VAL A CG2 1 
ATOM   1346 N N   . GLY A 1 179 ? -0.976  6.857   7.162   1.00 49.40  ? 261 GLY A N   1 
ATOM   1347 C CA  . GLY A 1 179 ? -1.313  7.926   6.248   1.00 55.74  ? 261 GLY A CA  1 
ATOM   1348 C C   . GLY A 1 179 ? -1.969  9.090   6.984   1.00 56.87  ? 261 GLY A C   1 
ATOM   1349 O O   . GLY A 1 179 ? -1.725  10.248  6.644   1.00 54.12  ? 261 GLY A O   1 
ATOM   1350 N N   . LEU A 1 180 ? -2.788  8.774   7.997   1.00 58.23  ? 262 LEU A N   1 
ATOM   1351 C CA  . LEU A 1 180 ? -3.428  9.830   8.780   1.00 64.02  ? 262 LEU A CA  1 
ATOM   1352 C C   . LEU A 1 180 ? -2.390  10.541  9.641   1.00 62.71  ? 262 LEU A C   1 
ATOM   1353 O O   . LEU A 1 180 ? -2.297  11.772  9.583   1.00 65.42  ? 262 LEU A O   1 
ATOM   1354 C CB  . LEU A 1 180 ? -4.590  9.284   9.620   1.00 58.68  ? 262 LEU A CB  1 
ATOM   1355 C CG  . LEU A 1 180 ? -5.726  8.670   8.802   1.00 56.30  ? 262 LEU A CG  1 
ATOM   1356 C CD1 . LEU A 1 180 ? -6.654  7.874   9.693   1.00 49.14  ? 262 LEU A CD1 1 
ATOM   1357 C CD2 . LEU A 1 180 ? -6.476  9.716   7.981   1.00 54.98  ? 262 LEU A CD2 1 
ATOM   1358 N N   . ALA A 1 181 ? -1.594  9.750   10.386  1.00 53.26  ? 263 ALA A N   1 
ATOM   1359 C CA  . ALA A 1 181 ? -0.485  10.276  11.164  1.00 54.57  ? 263 ALA A CA  1 
ATOM   1360 C C   . ALA A 1 181 ? 0.362   11.223  10.313  1.00 60.02  ? 263 ALA A C   1 
ATOM   1361 O O   . ALA A 1 181 ? 0.764   12.283  10.771  1.00 72.42  ? 263 ALA A O   1 
ATOM   1362 C CB  . ALA A 1 181 ? 0.337   9.156   11.721  1.00 47.51  ? 263 ALA A CB  1 
ATOM   1363 N N   . MET A 1 182 ? 0.586   10.876  9.049   1.00 59.89  ? 264 MET A N   1 
ATOM   1364 C CA  . MET A 1 182 ? 1.498   11.664  8.240   1.00 59.02  ? 264 MET A CA  1 
ATOM   1365 C C   . MET A 1 182 ? 0.836   12.938  7.725   1.00 61.98  ? 264 MET A C   1 
ATOM   1366 O O   . MET A 1 182 ? 1.539   13.925  7.515   1.00 56.06  ? 264 MET A O   1 
ATOM   1367 C CB  . MET A 1 182 ? 2.041   10.857  7.058   1.00 60.05  ? 264 MET A CB  1 
ATOM   1368 C CG  . MET A 1 182 ? 3.080   9.814   7.493   1.00 65.36  ? 264 MET A CG  1 
ATOM   1369 S SD  . MET A 1 182 ? 3.936   9.005   6.100   1.00 65.21  ? 264 MET A SD  1 
ATOM   1370 C CE  . MET A 1 182 ? 4.726   10.409  5.309   1.00 50.95  ? 264 MET A CE  1 
ATOM   1371 N N   . ALA A 1 183 ? -0.483  12.884  7.457   1.00 58.89  ? 265 ALA A N   1 
ATOM   1372 C CA  . ALA A 1 183 ? -1.206  14.057  6.986   1.00 55.26  ? 265 ALA A CA  1 
ATOM   1373 C C   . ALA A 1 183 ? -1.328  15.009  8.170   1.00 60.39  ? 265 ALA A C   1 
ATOM   1374 O O   . ALA A 1 183 ? -1.131  16.220  8.030   1.00 54.01  ? 265 ALA A O   1 
ATOM   1375 C CB  . ALA A 1 183 ? -2.573  13.699  6.435   1.00 56.79  ? 265 ALA A CB  1 
ATOM   1376 N N   . PHE A 1 184 ? -1.636  14.426  9.335   1.00 56.69  ? 266 PHE A N   1 
ATOM   1377 C CA  . PHE A 1 184 ? -1.663  15.196  10.559  1.00 68.10  ? 266 PHE A CA  1 
ATOM   1378 C C   . PHE A 1 184 ? -0.395  16.045  10.625  1.00 78.31  ? 266 PHE A C   1 
ATOM   1379 O O   . PHE A 1 184 ? -0.449  17.269  10.491  1.00 80.76  ? 266 PHE A O   1 
ATOM   1380 C CB  . PHE A 1 184 ? -1.800  14.264  11.758  1.00 67.79  ? 266 PHE A CB  1 
ATOM   1381 C CG  . PHE A 1 184 ? -2.127  14.958  13.053  1.00 80.36  ? 266 PHE A CG  1 
ATOM   1382 C CD1 . PHE A 1 184 ? -3.433  14.990  13.528  1.00 86.34  ? 266 PHE A CD1 1 
ATOM   1383 C CD2 . PHE A 1 184 ? -1.132  15.569  13.804  1.00 87.25  ? 266 PHE A CD2 1 
ATOM   1384 C CE1 . PHE A 1 184 ? -3.735  15.610  14.732  1.00 92.36  ? 266 PHE A CE1 1 
ATOM   1385 C CE2 . PHE A 1 184 ? -1.435  16.191  15.007  1.00 85.92  ? 266 PHE A CE2 1 
ATOM   1386 C CZ  . PHE A 1 184 ? -2.737  16.217  15.464  1.00 91.45  ? 266 PHE A CZ  1 
ATOM   1387 N N   . VAL A 1 185 ? 0.745   15.358  10.768  1.00 75.45  ? 267 VAL A N   1 
ATOM   1388 C CA  . VAL A 1 185 ? 2.060   15.950  10.953  1.00 64.92  ? 267 VAL A CA  1 
ATOM   1389 C C   . VAL A 1 185 ? 2.335   16.986  9.868   1.00 62.84  ? 267 VAL A C   1 
ATOM   1390 O O   . VAL A 1 185 ? 3.013   17.979  10.098  1.00 67.83  ? 267 VAL A O   1 
ATOM   1391 C CB  . VAL A 1 185 ? 3.129   14.841  10.949  1.00 60.51  ? 267 VAL A CB  1 
ATOM   1392 C CG1 . VAL A 1 185 ? 4.511   15.377  10.626  1.00 57.12  ? 267 VAL A CG1 1 
ATOM   1393 C CG2 . VAL A 1 185 ? 3.135   14.062  12.258  1.00 57.41  ? 267 VAL A CG2 1 
ATOM   1394 N N   . ASP A 1 186 ? 1.800   16.748  8.677   1.00 66.78  ? 268 ASP A N   1 
ATOM   1395 C CA  . ASP A 1 186 ? 2.161   17.555  7.533   1.00 68.11  ? 268 ASP A CA  1 
ATOM   1396 C C   . ASP A 1 186 ? 1.304   18.804  7.454   1.00 73.11  ? 268 ASP A C   1 
ATOM   1397 O O   . ASP A 1 186 ? 1.713   19.791  6.851   1.00 67.26  ? 268 ASP A O   1 
ATOM   1398 C CB  . ASP A 1 186 ? 1.908   16.792  6.245   1.00 77.77  ? 268 ASP A CB  1 
ATOM   1399 C CG  . ASP A 1 186 ? 3.077   15.908  5.877   1.00 81.18  ? 268 ASP A CG  1 
ATOM   1400 O OD1 . ASP A 1 186 ? 4.197   16.197  6.323   1.00 87.38  ? 268 ASP A OD1 1 
ATOM   1401 O OD2 . ASP A 1 186 ? 2.853   14.938  5.153   1.00 96.27  ? 268 ASP A OD2 1 
ATOM   1402 N N   . SER A 1 187 ? 0.079   18.711  7.971   1.00 83.68  ? 269 SER A N   1 
ATOM   1403 C CA  . SER A 1 187 ? -0.830  19.835  7.850   1.00 88.44  ? 269 SER A CA  1 
ATOM   1404 C C   . SER A 1 187 ? -0.385  20.921  8.827   1.00 98.35  ? 269 SER A C   1 
ATOM   1405 O O   . SER A 1 187 ? -0.152  22.054  8.409   1.00 104.61 ? 269 SER A O   1 
ATOM   1406 C CB  . SER A 1 187 ? -2.301  19.444  7.967   1.00 80.63  ? 269 SER A CB  1 
ATOM   1407 O OG  . SER A 1 187 ? -2.601  18.799  9.200   1.00 85.35  ? 269 SER A OG  1 
ATOM   1408 N N   . LEU A 1 188 ? -0.136  20.525  10.086  1.00 98.42  ? 270 LEU A N   1 
ATOM   1409 C CA  . LEU A 1 188 ? 0.017   21.452  11.204  1.00 103.78 ? 270 LEU A CA  1 
ATOM   1410 C C   . LEU A 1 188 ? 1.005   22.592  10.918  1.00 113.06 ? 270 LEU A C   1 
ATOM   1411 O O   . LEU A 1 188 ? 0.826   23.692  11.444  1.00 119.91 ? 270 LEU A O   1 
ATOM   1412 C CB  . LEU A 1 188 ? 0.307   20.698  12.513  1.00 84.42  ? 270 LEU A CB  1 
ATOM   1413 C CG  . LEU A 1 188 ? 1.647   19.973  12.647  1.00 82.82  ? 270 LEU A CG  1 
ATOM   1414 C CD1 . LEU A 1 188 ? 2.763   20.927  13.051  1.00 80.32  ? 270 LEU A CD1 1 
ATOM   1415 C CD2 . LEU A 1 188 ? 1.543   18.855  13.678  1.00 73.26  ? 270 LEU A CD2 1 
ATOM   1416 N N   . ASN A 1 189 ? 2.015   22.341  10.070  1.00 111.89 ? 271 ASN A N   1 
ATOM   1417 C CA  . ASN A 1 189 ? 3.064   23.300  9.738   1.00 120.13 ? 271 ASN A CA  1 
ATOM   1418 C C   . ASN A 1 189 ? 2.635   24.742  10.050  1.00 121.32 ? 271 ASN A C   1 
ATOM   1419 O O   . ASN A 1 189 ? 1.919   25.334  9.216   1.00 112.89 ? 271 ASN A O   1 
ATOM   1420 C CB  . ASN A 1 189 ? 3.571   23.138  8.301   1.00 126.37 ? 271 ASN A CB  1 
ATOM   1421 C CG  . ASN A 1 189 ? 4.681   22.113  8.182   1.00 136.20 ? 271 ASN A CG  1 
ATOM   1422 O OD1 . ASN A 1 189 ? 4.947   21.362  9.120   1.00 136.40 ? 271 ASN A OD1 1 
ATOM   1423 N ND2 . ASN A 1 189 ? 5.333   22.073  7.031   1.00 131.18 ? 271 ASN A ND2 1 
HETATM 1424 C C   . ACE B 2 1   ? -2.900  -17.666 3.474   1.00 87.41  ? 499 ACE B C   1 
HETATM 1425 O O   . ACE B 2 1   ? -2.849  -16.968 4.488   1.00 92.32  ? 499 ACE B O   1 
HETATM 1426 C CH3 . ACE B 2 1   ? -3.373  -19.116 3.560   1.00 92.55  ? 499 ACE B CH3 1 
ATOM   1427 N N   . VAL B 2 2   ? -2.581  -17.227 2.248   1.00 70.01  ? 500 VAL B N   1 
ATOM   1428 C CA  . VAL B 2 2   ? -2.029  -15.907 1.996   1.00 67.58  ? 500 VAL B CA  1 
ATOM   1429 C C   . VAL B 2 2   ? -3.092  -14.839 2.210   1.00 66.05  ? 500 VAL B C   1 
ATOM   1430 O O   . VAL B 2 2   ? -4.234  -14.975 1.772   1.00 83.85  ? 500 VAL B O   1 
ATOM   1431 C CB  . VAL B 2 2   ? -1.460  -15.767 0.579   1.00 67.18  ? 500 VAL B CB  1 
ATOM   1432 C CG1 . VAL B 2 2   ? -0.863  -14.384 0.378   1.00 78.65  ? 500 VAL B CG1 1 
ATOM   1433 C CG2 . VAL B 2 2   ? -0.424  -16.829 0.288   1.00 75.77  ? 500 VAL B CG2 1 
ATOM   1434 N N   . ARG B 2 3   ? -2.662  -13.743 2.828   1.00 57.67  ? 501 ARG B N   1 
ATOM   1435 C CA  . ARG B 2 3   ? -3.549  -12.623 3.060   1.00 55.76  ? 501 ARG B CA  1 
ATOM   1436 C C   . ARG B 2 3   ? -3.123  -11.502 2.136   1.00 51.96  ? 501 ARG B C   1 
ATOM   1437 O O   . ARG B 2 3   ? -1.938  -11.345 1.855   1.00 59.86  ? 501 ARG B O   1 
ATOM   1438 C CB  . ARG B 2 3   ? -3.573  -12.264 4.545   1.00 62.39  ? 501 ARG B CB  1 
ATOM   1439 C CG  . ARG B 2 3   ? -4.337  -13.285 5.375   1.00 62.02  ? 501 ARG B CG  1 
ATOM   1440 C CD  . ARG B 2 3   ? -3.598  -13.687 6.625   1.00 70.37  ? 501 ARG B CD  1 
ATOM   1441 N NE  . ARG B 2 3   ? -4.423  -14.257 7.681   1.00 73.48  ? 501 ARG B NE  1 
ATOM   1442 C CZ  . ARG B 2 3   ? -5.719  -14.008 7.897   1.00 89.11  ? 501 ARG B CZ  1 
ATOM   1443 N NH1 . ARG B 2 3   ? -6.403  -13.160 7.136   1.00 78.38  ? 501 ARG B NH1 1 
ATOM   1444 N NH2 . ARG B 2 3   ? -6.329  -14.623 8.896   1.00 91.59  ? 501 ARG B NH2 1 
ATOM   1445 N N   . MET B 2 4   ? -4.096  -10.828 1.616   1.00 54.05  ? 502 MET B N   1 
ATOM   1446 C CA  . MET B 2 4   ? -3.935  -9.898  0.499   1.00 56.89  ? 502 MET B CA  1 
ATOM   1447 C C   . MET B 2 4   ? -3.932  -8.525  1.015   1.00 52.92  ? 502 MET B C   1 
ATOM   1448 O O   . MET B 2 4   ? -4.693  -8.362  1.990   1.00 55.14  ? 502 MET B O   1 
ATOM   1449 C CB  . MET B 2 4   ? -4.841  -10.205 -0.702  1.00 55.06  ? 502 MET B CB  1 
ATOM   1450 C CG  . MET B 2 4   ? -4.522  -11.478 -1.456  1.00 79.94  ? 502 MET B CG  1 
ATOM   1451 S SD  . MET B 2 4   ? -5.957  -12.408 -2.059  1.00 91.42  ? 502 MET B SD  1 
ATOM   1452 C CE  . MET B 2 4   ? -5.935  -13.848 -0.970  1.00 86.52  ? 502 MET B CE  1 
HETATM 1453 N N   . B2A B 2 5   ? -3.062  -7.556  0.717   1.00 61.13  ? 503 B2A B N   1 
HETATM 1454 C CA  . B2A B 2 5   ? -3.269  -6.357  1.483   1.00 61.74  ? 503 B2A B CA  1 
HETATM 1455 C CB  . B2A B 2 5   ? -1.933  -6.137  2.096   1.00 49.78  ? 503 B2A B CB  1 
HETATM 1456 B B   . B2A B 2 5   ? -3.565  -5.272  0.373   1.00 63.71  ? 503 B2A B B   1 
HETATM 1457 O O1  . B2A B 2 5   ? -2.738  -5.455  -0.800  1.00 74.00  ? 503 B2A B O1  1 
HETATM 1458 O O2  . B2A B 2 5   ? -4.824  -5.951  0.293   1.00 74.54  ? 503 B2A B O2  1 
HETATM 1459 O O   . HOH C 3 .   ? -0.906  -14.912 6.198   1.00 64.66  ? 301 HOH A O   1 
HETATM 1460 O O   . HOH C 3 .   ? -6.110  14.748  -5.599  1.00 83.56  ? 302 HOH A O   1 
HETATM 1461 O O   . HOH C 3 .   ? -11.523 -14.251 4.689   1.00 77.75  ? 303 HOH A O   1 
HETATM 1462 O O   . HOH C 3 .   ? -4.811  -10.410 9.373   1.00 39.78  ? 304 HOH A O   1 
HETATM 1463 O O   . HOH C 3 .   ? -9.156  -11.985 -5.696  1.00 51.29  ? 305 HOH A O   1 
HETATM 1464 O O   . HOH C 3 .   ? 5.343   -11.096 3.264   1.00 39.60  ? 306 HOH A O   1 
HETATM 1465 O O   . HOH C 3 .   ? -9.628  13.607  -5.358  1.00 90.47  ? 307 HOH A O   1 
HETATM 1466 O O   . HOH C 3 .   ? -8.776  -5.932  5.908   1.00 52.34  ? 308 HOH A O   1 
HETATM 1467 O O   . HOH C 3 .   ? 6.088   -21.628 -7.161  1.00 69.15  ? 309 HOH A O   1 
HETATM 1468 O O   . HOH C 3 .   ? 1.138   -3.912  3.319   1.00 51.82  ? 310 HOH A O   1 
HETATM 1469 O O   . HOH C 3 .   ? 0.992   -2.365  1.145   1.00 46.07  ? 311 HOH A O   1 
HETATM 1470 O O   . HOH C 3 .   ? -12.265 -10.022 1.638   1.00 44.73  ? 312 HOH A O   1 
HETATM 1471 O O   . HOH C 3 .   ? 1.881   -6.180  2.124   1.00 40.70  ? 313 HOH A O   1 
HETATM 1472 O O   . HOH C 3 .   ? -17.958 14.605  -5.750  1.00 61.78  ? 314 HOH A O   1 
HETATM 1473 O O   . HOH C 3 .   ? 1.272   -16.138 7.604   1.00 57.76  ? 315 HOH A O   1 
HETATM 1474 O O   . HOH C 3 .   ? -6.282  -14.571 -10.531 1.00 46.60  ? 316 HOH A O   1 
HETATM 1475 O O   . HOH C 3 .   ? 9.412   -1.405  -2.275  1.00 63.53  ? 317 HOH A O   1 
HETATM 1476 O O   . HOH C 3 .   ? -16.531 -11.652 -9.862  0.33 81.39  ? 318 HOH A O   1 
HETATM 1477 O O   . HOH D 3 .   ? -7.112  -5.442  -2.003  1.00 75.55  ? 601 HOH B O   1 
# 
